data_2WVI
# 
_entry.id   2WVI 
# 
_audit_conform.dict_name       mmcif_pdbx.dic 
_audit_conform.dict_version    5.391 
_audit_conform.dict_location   http://mmcif.pdb.org/dictionaries/ascii/mmcif_pdbx.dic 
# 
loop_
_database_2.database_id 
_database_2.database_code 
_database_2.pdbx_database_accession 
_database_2.pdbx_DOI 
PDB   2WVI         pdb_00002wvi 10.2210/pdb2wvi/pdb 
PDBE  EBI-41277    ?            ?                   
WWPDB D_1290041277 ?            ?                   
# 
loop_
_pdbx_audit_revision_history.ordinal 
_pdbx_audit_revision_history.data_content_type 
_pdbx_audit_revision_history.major_revision 
_pdbx_audit_revision_history.minor_revision 
_pdbx_audit_revision_history.revision_date 
1 'Structure model' 1 0 2010-03-09 
2 'Structure model' 1 1 2011-05-08 
3 'Structure model' 1 2 2011-07-13 
4 'Structure model' 1 3 2024-05-08 
# 
_pdbx_audit_revision_details.ordinal             1 
_pdbx_audit_revision_details.revision_ordinal    1 
_pdbx_audit_revision_details.data_content_type   'Structure model' 
_pdbx_audit_revision_details.provider            repository 
_pdbx_audit_revision_details.type                'Initial release' 
_pdbx_audit_revision_details.description         ? 
_pdbx_audit_revision_details.details             ? 
# 
loop_
_pdbx_audit_revision_group.ordinal 
_pdbx_audit_revision_group.revision_ordinal 
_pdbx_audit_revision_group.data_content_type 
_pdbx_audit_revision_group.group 
1 2 'Structure model' 'Version format compliance' 
2 3 'Structure model' 'Version format compliance' 
3 4 'Structure model' 'Data collection'           
4 4 'Structure model' 'Database references'       
5 4 'Structure model' 'Derived calculations'      
6 4 'Structure model' Other                       
# 
loop_
_pdbx_audit_revision_category.ordinal 
_pdbx_audit_revision_category.revision_ordinal 
_pdbx_audit_revision_category.data_content_type 
_pdbx_audit_revision_category.category 
1 4 'Structure model' chem_comp_atom         
2 4 'Structure model' chem_comp_bond         
3 4 'Structure model' database_2             
4 4 'Structure model' pdbx_database_status   
5 4 'Structure model' pdbx_struct_conn_angle 
6 4 'Structure model' struct_conn            
7 4 'Structure model' struct_site            
# 
loop_
_pdbx_audit_revision_item.ordinal 
_pdbx_audit_revision_item.revision_ordinal 
_pdbx_audit_revision_item.data_content_type 
_pdbx_audit_revision_item.item 
1  4 'Structure model' '_database_2.pdbx_DOI'                        
2  4 'Structure model' '_database_2.pdbx_database_accession'         
3  4 'Structure model' '_pdbx_database_status.status_code_sf'        
4  4 'Structure model' '_pdbx_struct_conn_angle.ptnr1_auth_comp_id'  
5  4 'Structure model' '_pdbx_struct_conn_angle.ptnr1_auth_seq_id'   
6  4 'Structure model' '_pdbx_struct_conn_angle.ptnr1_label_asym_id' 
7  4 'Structure model' '_pdbx_struct_conn_angle.ptnr1_label_atom_id' 
8  4 'Structure model' '_pdbx_struct_conn_angle.ptnr1_label_comp_id' 
9  4 'Structure model' '_pdbx_struct_conn_angle.ptnr1_label_seq_id'  
10 4 'Structure model' '_pdbx_struct_conn_angle.ptnr1_symmetry'      
11 4 'Structure model' '_pdbx_struct_conn_angle.ptnr3_auth_comp_id'  
12 4 'Structure model' '_pdbx_struct_conn_angle.ptnr3_auth_seq_id'   
13 4 'Structure model' '_pdbx_struct_conn_angle.ptnr3_label_asym_id' 
14 4 'Structure model' '_pdbx_struct_conn_angle.ptnr3_label_atom_id' 
15 4 'Structure model' '_pdbx_struct_conn_angle.ptnr3_label_comp_id' 
16 4 'Structure model' '_pdbx_struct_conn_angle.ptnr3_label_seq_id'  
17 4 'Structure model' '_pdbx_struct_conn_angle.ptnr3_symmetry'      
18 4 'Structure model' '_pdbx_struct_conn_angle.value'               
19 4 'Structure model' '_struct_conn.pdbx_dist_value'                
20 4 'Structure model' '_struct_conn.ptnr1_auth_comp_id'             
21 4 'Structure model' '_struct_conn.ptnr1_auth_seq_id'              
22 4 'Structure model' '_struct_conn.ptnr1_label_asym_id'            
23 4 'Structure model' '_struct_conn.ptnr1_label_atom_id'            
24 4 'Structure model' '_struct_conn.ptnr1_label_comp_id'            
25 4 'Structure model' '_struct_conn.ptnr1_label_seq_id'             
26 4 'Structure model' '_struct_conn.ptnr1_symmetry'                 
27 4 'Structure model' '_struct_conn.ptnr2_auth_comp_id'             
28 4 'Structure model' '_struct_conn.ptnr2_auth_seq_id'              
29 4 'Structure model' '_struct_conn.ptnr2_label_asym_id'            
30 4 'Structure model' '_struct_conn.ptnr2_label_atom_id'            
31 4 'Structure model' '_struct_conn.ptnr2_label_comp_id'            
32 4 'Structure model' '_struct_conn.ptnr2_label_seq_id'             
33 4 'Structure model' '_struct_conn.ptnr2_symmetry'                 
34 4 'Structure model' '_struct_site.pdbx_auth_asym_id'              
35 4 'Structure model' '_struct_site.pdbx_auth_comp_id'              
36 4 'Structure model' '_struct_site.pdbx_auth_seq_id'               
# 
_pdbx_database_status.status_code                     REL 
_pdbx_database_status.entry_id                        2WVI 
_pdbx_database_status.deposit_site                    PDBE 
_pdbx_database_status.process_site                    PDBE 
_pdbx_database_status.SG_entry                        . 
_pdbx_database_status.recvd_initial_deposition_date   2009-10-16 
_pdbx_database_status.pdb_format_compatible           Y 
_pdbx_database_status.status_code_sf                  REL 
_pdbx_database_status.status_code_mr                  ? 
_pdbx_database_status.status_code_cs                  ? 
_pdbx_database_status.methods_development_category    ? 
_pdbx_database_status.status_code_nmr_data            ? 
# 
loop_
_audit_author.name 
_audit_author.pdbx_ordinal 
;D'Arcy, S.
;
1 
'Davies, O.R.'         2 
'Blundell, T.L.'       3 
'Bolanos-Garcia, V.M.' 4 
# 
_citation.id                        primary 
_citation.title                     
'Defining the Molecular Basis of Bubr1 Kinetochore Interactions and Anaphase-Promoting Complex/Cyclosome (Apc/C)-Cdc20 Inhibition' 
_citation.journal_abbrev            J.Biol.Chem. 
_citation.journal_volume            285 
_citation.page_first                14764 
_citation.page_last                 ? 
_citation.year                      2010 
_citation.journal_id_ASTM           JBCHA3 
_citation.country                   US 
_citation.journal_id_ISSN           0021-9258 
_citation.journal_id_CSD            0071 
_citation.book_publisher            ? 
_citation.pdbx_database_id_PubMed   20220147 
_citation.pdbx_database_id_DOI      10.1074/JBC.M109.082016 
# 
loop_
_citation_author.citation_id 
_citation_author.name 
_citation_author.ordinal 
_citation_author.identifier_ORCID 
primary 
;D'Arcy, S.
;
1 ? 
primary 'Davies, O.R.'         2 ? 
primary 'Blundell, T.L.'       3 ? 
primary 'Bolanos-Garcia, V.M.' 4 ? 
# 
loop_
_entity.id 
_entity.type 
_entity.src_method 
_entity.pdbx_description 
_entity.formula_weight 
_entity.pdbx_number_of_molecules 
_entity.pdbx_ec 
_entity.pdbx_mutation 
_entity.pdbx_fragment 
_entity.details 
1 polymer     man 'MITOTIC CHECKPOINT SERINE/THREONINE-PROTEIN KINASE BUB1 BETA' 19597.682 1   2.7.11.1 ? 
'N-TERMINAL TPR DOMAIN, RESIDUES 57-220' ? 
2 non-polymer syn 'PRASEODYMIUM ION'                                             140.908   2   ?        ? ? ? 
3 non-polymer syn 'ACETATE ION'                                                  59.044    1   ?        ? ? ? 
4 non-polymer syn 1,2-ETHANEDIOL                                                 62.068    2   ?        ? ? ? 
5 water       nat water                                                          18.015    117 ?        ? ? ? 
# 
_entity_name_com.entity_id   1 
_entity_name_com.name        'MAD3/BUB1-RELATED PROTEIN KINASE, HBUBR1, MITOTIC CHECKPOINT KINASE MAD3L, PROTEIN SSK1, BUBR1' 
# 
_entity_poly.entity_id                      1 
_entity_poly.type                           'polypeptide(L)' 
_entity_poly.nstd_linkage                   no 
_entity_poly.nstd_monomer                   no 
_entity_poly.pdbx_seq_one_letter_code       
;QQKRAFEYEIRFYTGNDPLDVWDRYISWTEQNYPQGGKESNMSTLLERAVEALQGEKRYYSDPRFLNLWLKLGRLCNEPL
DMYSYLHNQGIGVSLAQFYISWAEEYEARENFRKADAIFQEGIQQKAEPLERLQSQHRQFQARVSRQTLLALEKEEEEEV
FESS
;
_entity_poly.pdbx_seq_one_letter_code_can   
;QQKRAFEYEIRFYTGNDPLDVWDRYISWTEQNYPQGGKESNMSTLLERAVEALQGEKRYYSDPRFLNLWLKLGRLCNEPL
DMYSYLHNQGIGVSLAQFYISWAEEYEARENFRKADAIFQEGIQQKAEPLERLQSQHRQFQARVSRQTLLALEKEEEEEV
FESS
;
_entity_poly.pdbx_strand_id                 A 
_entity_poly.pdbx_target_identifier         ? 
# 
loop_
_pdbx_entity_nonpoly.entity_id 
_pdbx_entity_nonpoly.name 
_pdbx_entity_nonpoly.comp_id 
2 'PRASEODYMIUM ION' PR  
3 'ACETATE ION'      ACT 
4 1,2-ETHANEDIOL     EDO 
5 water              HOH 
# 
loop_
_entity_poly_seq.entity_id 
_entity_poly_seq.num 
_entity_poly_seq.mon_id 
_entity_poly_seq.hetero 
1 1   GLN n 
1 2   GLN n 
1 3   LYS n 
1 4   ARG n 
1 5   ALA n 
1 6   PHE n 
1 7   GLU n 
1 8   TYR n 
1 9   GLU n 
1 10  ILE n 
1 11  ARG n 
1 12  PHE n 
1 13  TYR n 
1 14  THR n 
1 15  GLY n 
1 16  ASN n 
1 17  ASP n 
1 18  PRO n 
1 19  LEU n 
1 20  ASP n 
1 21  VAL n 
1 22  TRP n 
1 23  ASP n 
1 24  ARG n 
1 25  TYR n 
1 26  ILE n 
1 27  SER n 
1 28  TRP n 
1 29  THR n 
1 30  GLU n 
1 31  GLN n 
1 32  ASN n 
1 33  TYR n 
1 34  PRO n 
1 35  GLN n 
1 36  GLY n 
1 37  GLY n 
1 38  LYS n 
1 39  GLU n 
1 40  SER n 
1 41  ASN n 
1 42  MET n 
1 43  SER n 
1 44  THR n 
1 45  LEU n 
1 46  LEU n 
1 47  GLU n 
1 48  ARG n 
1 49  ALA n 
1 50  VAL n 
1 51  GLU n 
1 52  ALA n 
1 53  LEU n 
1 54  GLN n 
1 55  GLY n 
1 56  GLU n 
1 57  LYS n 
1 58  ARG n 
1 59  TYR n 
1 60  TYR n 
1 61  SER n 
1 62  ASP n 
1 63  PRO n 
1 64  ARG n 
1 65  PHE n 
1 66  LEU n 
1 67  ASN n 
1 68  LEU n 
1 69  TRP n 
1 70  LEU n 
1 71  LYS n 
1 72  LEU n 
1 73  GLY n 
1 74  ARG n 
1 75  LEU n 
1 76  CYS n 
1 77  ASN n 
1 78  GLU n 
1 79  PRO n 
1 80  LEU n 
1 81  ASP n 
1 82  MET n 
1 83  TYR n 
1 84  SER n 
1 85  TYR n 
1 86  LEU n 
1 87  HIS n 
1 88  ASN n 
1 89  GLN n 
1 90  GLY n 
1 91  ILE n 
1 92  GLY n 
1 93  VAL n 
1 94  SER n 
1 95  LEU n 
1 96  ALA n 
1 97  GLN n 
1 98  PHE n 
1 99  TYR n 
1 100 ILE n 
1 101 SER n 
1 102 TRP n 
1 103 ALA n 
1 104 GLU n 
1 105 GLU n 
1 106 TYR n 
1 107 GLU n 
1 108 ALA n 
1 109 ARG n 
1 110 GLU n 
1 111 ASN n 
1 112 PHE n 
1 113 ARG n 
1 114 LYS n 
1 115 ALA n 
1 116 ASP n 
1 117 ALA n 
1 118 ILE n 
1 119 PHE n 
1 120 GLN n 
1 121 GLU n 
1 122 GLY n 
1 123 ILE n 
1 124 GLN n 
1 125 GLN n 
1 126 LYS n 
1 127 ALA n 
1 128 GLU n 
1 129 PRO n 
1 130 LEU n 
1 131 GLU n 
1 132 ARG n 
1 133 LEU n 
1 134 GLN n 
1 135 SER n 
1 136 GLN n 
1 137 HIS n 
1 138 ARG n 
1 139 GLN n 
1 140 PHE n 
1 141 GLN n 
1 142 ALA n 
1 143 ARG n 
1 144 VAL n 
1 145 SER n 
1 146 ARG n 
1 147 GLN n 
1 148 THR n 
1 149 LEU n 
1 150 LEU n 
1 151 ALA n 
1 152 LEU n 
1 153 GLU n 
1 154 LYS n 
1 155 GLU n 
1 156 GLU n 
1 157 GLU n 
1 158 GLU n 
1 159 GLU n 
1 160 VAL n 
1 161 PHE n 
1 162 GLU n 
1 163 SER n 
1 164 SER n 
# 
_entity_src_gen.entity_id                          1 
_entity_src_gen.pdbx_src_id                        1 
_entity_src_gen.pdbx_alt_source_flag               sample 
_entity_src_gen.pdbx_seq_type                      ? 
_entity_src_gen.pdbx_beg_seq_num                   ? 
_entity_src_gen.pdbx_end_seq_num                   ? 
_entity_src_gen.gene_src_common_name               HUMAN 
_entity_src_gen.gene_src_genus                     ? 
_entity_src_gen.pdbx_gene_src_gene                 ? 
_entity_src_gen.gene_src_species                   ? 
_entity_src_gen.gene_src_strain                    ? 
_entity_src_gen.gene_src_tissue                    ? 
_entity_src_gen.gene_src_tissue_fraction           ? 
_entity_src_gen.gene_src_details                   ? 
_entity_src_gen.pdbx_gene_src_fragment             ? 
_entity_src_gen.pdbx_gene_src_scientific_name      'HOMO SAPIENS' 
_entity_src_gen.pdbx_gene_src_ncbi_taxonomy_id     9606 
_entity_src_gen.pdbx_gene_src_variant              ? 
_entity_src_gen.pdbx_gene_src_cell_line            ? 
_entity_src_gen.pdbx_gene_src_atcc                 ? 
_entity_src_gen.pdbx_gene_src_organ                ? 
_entity_src_gen.pdbx_gene_src_organelle            ? 
_entity_src_gen.pdbx_gene_src_cell                 ? 
_entity_src_gen.pdbx_gene_src_cellular_location    ? 
_entity_src_gen.host_org_common_name               ? 
_entity_src_gen.pdbx_host_org_scientific_name      'ESCHERICHIA COLI' 
_entity_src_gen.pdbx_host_org_ncbi_taxonomy_id     469008 
_entity_src_gen.host_org_genus                     ? 
_entity_src_gen.pdbx_host_org_gene                 ? 
_entity_src_gen.pdbx_host_org_organ                ? 
_entity_src_gen.host_org_species                   ? 
_entity_src_gen.pdbx_host_org_tissue               ? 
_entity_src_gen.pdbx_host_org_tissue_fraction      ? 
_entity_src_gen.pdbx_host_org_strain               'BL21(DE3)' 
_entity_src_gen.pdbx_host_org_variant              ? 
_entity_src_gen.pdbx_host_org_cell_line            ? 
_entity_src_gen.pdbx_host_org_atcc                 ? 
_entity_src_gen.pdbx_host_org_culture_collection   ? 
_entity_src_gen.pdbx_host_org_cell                 ? 
_entity_src_gen.pdbx_host_org_organelle            ? 
_entity_src_gen.pdbx_host_org_cellular_location    ? 
_entity_src_gen.pdbx_host_org_vector_type          ? 
_entity_src_gen.pdbx_host_org_vector               ? 
_entity_src_gen.host_org_details                   ? 
_entity_src_gen.expression_system_id               ? 
_entity_src_gen.plasmid_name                       PHAT4 
_entity_src_gen.plasmid_details                    ? 
_entity_src_gen.pdbx_description                   ? 
# 
loop_
_chem_comp.id 
_chem_comp.type 
_chem_comp.mon_nstd_flag 
_chem_comp.name 
_chem_comp.pdbx_synonyms 
_chem_comp.formula 
_chem_comp.formula_weight 
ACT non-polymer         . 'ACETATE ION'      ?                 'C2 H3 O2 -1'    59.044  
ALA 'L-peptide linking' y ALANINE            ?                 'C3 H7 N O2'     89.093  
ARG 'L-peptide linking' y ARGININE           ?                 'C6 H15 N4 O2 1' 175.209 
ASN 'L-peptide linking' y ASPARAGINE         ?                 'C4 H8 N2 O3'    132.118 
ASP 'L-peptide linking' y 'ASPARTIC ACID'    ?                 'C4 H7 N O4'     133.103 
CYS 'L-peptide linking' y CYSTEINE           ?                 'C3 H7 N O2 S'   121.158 
EDO non-polymer         . 1,2-ETHANEDIOL     'ETHYLENE GLYCOL' 'C2 H6 O2'       62.068  
GLN 'L-peptide linking' y GLUTAMINE          ?                 'C5 H10 N2 O3'   146.144 
GLU 'L-peptide linking' y 'GLUTAMIC ACID'    ?                 'C5 H9 N O4'     147.129 
GLY 'peptide linking'   y GLYCINE            ?                 'C2 H5 N O2'     75.067  
HIS 'L-peptide linking' y HISTIDINE          ?                 'C6 H10 N3 O2 1' 156.162 
HOH non-polymer         . WATER              ?                 'H2 O'           18.015  
ILE 'L-peptide linking' y ISOLEUCINE         ?                 'C6 H13 N O2'    131.173 
LEU 'L-peptide linking' y LEUCINE            ?                 'C6 H13 N O2'    131.173 
LYS 'L-peptide linking' y LYSINE             ?                 'C6 H15 N2 O2 1' 147.195 
MET 'L-peptide linking' y METHIONINE         ?                 'C5 H11 N O2 S'  149.211 
PHE 'L-peptide linking' y PHENYLALANINE      ?                 'C9 H11 N O2'    165.189 
PR  non-polymer         . 'PRASEODYMIUM ION' ?                 'Pr 3'           140.908 
PRO 'L-peptide linking' y PROLINE            ?                 'C5 H9 N O2'     115.130 
SER 'L-peptide linking' y SERINE             ?                 'C3 H7 N O3'     105.093 
THR 'L-peptide linking' y THREONINE          ?                 'C4 H9 N O3'     119.119 
TRP 'L-peptide linking' y TRYPTOPHAN         ?                 'C11 H12 N2 O2'  204.225 
TYR 'L-peptide linking' y TYROSINE           ?                 'C9 H11 N O3'    181.189 
VAL 'L-peptide linking' y VALINE             ?                 'C5 H11 N O2'    117.146 
# 
loop_
_pdbx_poly_seq_scheme.asym_id 
_pdbx_poly_seq_scheme.entity_id 
_pdbx_poly_seq_scheme.seq_id 
_pdbx_poly_seq_scheme.mon_id 
_pdbx_poly_seq_scheme.ndb_seq_num 
_pdbx_poly_seq_scheme.pdb_seq_num 
_pdbx_poly_seq_scheme.auth_seq_num 
_pdbx_poly_seq_scheme.pdb_mon_id 
_pdbx_poly_seq_scheme.auth_mon_id 
_pdbx_poly_seq_scheme.pdb_strand_id 
_pdbx_poly_seq_scheme.pdb_ins_code 
_pdbx_poly_seq_scheme.hetero 
A 1 1   GLN 1   57  57  GLN GLN A . n 
A 1 2   GLN 2   58  58  GLN GLN A . n 
A 1 3   LYS 3   59  59  LYS LYS A . n 
A 1 4   ARG 4   60  60  ARG ARG A . n 
A 1 5   ALA 5   61  61  ALA ALA A . n 
A 1 6   PHE 6   62  62  PHE PHE A . n 
A 1 7   GLU 7   63  63  GLU GLU A . n 
A 1 8   TYR 8   64  64  TYR TYR A . n 
A 1 9   GLU 9   65  65  GLU GLU A . n 
A 1 10  ILE 10  66  66  ILE ILE A . n 
A 1 11  ARG 11  67  67  ARG ARG A . n 
A 1 12  PHE 12  68  68  PHE PHE A . n 
A 1 13  TYR 13  69  69  TYR TYR A . n 
A 1 14  THR 14  70  70  THR THR A . n 
A 1 15  GLY 15  71  71  GLY GLY A . n 
A 1 16  ASN 16  72  72  ASN ASN A . n 
A 1 17  ASP 17  73  73  ASP ASP A . n 
A 1 18  PRO 18  74  74  PRO PRO A . n 
A 1 19  LEU 19  75  75  LEU LEU A . n 
A 1 20  ASP 20  76  76  ASP ASP A . n 
A 1 21  VAL 21  77  77  VAL VAL A . n 
A 1 22  TRP 22  78  78  TRP TRP A . n 
A 1 23  ASP 23  79  79  ASP ASP A . n 
A 1 24  ARG 24  80  80  ARG ARG A . n 
A 1 25  TYR 25  81  81  TYR TYR A . n 
A 1 26  ILE 26  82  82  ILE ILE A . n 
A 1 27  SER 27  83  83  SER SER A . n 
A 1 28  TRP 28  84  84  TRP TRP A . n 
A 1 29  THR 29  85  85  THR THR A . n 
A 1 30  GLU 30  86  86  GLU GLU A . n 
A 1 31  GLN 31  87  87  GLN GLN A . n 
A 1 32  ASN 32  88  88  ASN ASN A . n 
A 1 33  TYR 33  89  89  TYR TYR A . n 
A 1 34  PRO 34  90  90  PRO PRO A . n 
A 1 35  GLN 35  91  91  GLN GLN A . n 
A 1 36  GLY 36  92  ?   ?   ?   A . n 
A 1 37  GLY 37  93  ?   ?   ?   A . n 
A 1 38  LYS 38  94  ?   ?   ?   A . n 
A 1 39  GLU 39  95  ?   ?   ?   A . n 
A 1 40  SER 40  96  96  SER SER A . n 
A 1 41  ASN 41  97  97  ASN ASN A . n 
A 1 42  MET 42  98  98  MET MET A . n 
A 1 43  SER 43  99  99  SER SER A . n 
A 1 44  THR 44  100 100 THR THR A . n 
A 1 45  LEU 45  101 101 LEU LEU A . n 
A 1 46  LEU 46  102 102 LEU LEU A . n 
A 1 47  GLU 47  103 103 GLU GLU A . n 
A 1 48  ARG 48  104 104 ARG ARG A . n 
A 1 49  ALA 49  105 105 ALA ALA A . n 
A 1 50  VAL 50  106 106 VAL VAL A . n 
A 1 51  GLU 51  107 107 GLU GLU A . n 
A 1 52  ALA 52  108 108 ALA ALA A . n 
A 1 53  LEU 53  109 109 LEU LEU A . n 
A 1 54  GLN 54  110 110 GLN GLN A . n 
A 1 55  GLY 55  111 111 GLY GLY A . n 
A 1 56  GLU 56  112 112 GLU GLU A . n 
A 1 57  LYS 57  113 113 LYS LYS A . n 
A 1 58  ARG 58  114 114 ARG ARG A . n 
A 1 59  TYR 59  115 115 TYR TYR A . n 
A 1 60  TYR 60  116 116 TYR TYR A . n 
A 1 61  SER 61  117 117 SER SER A . n 
A 1 62  ASP 62  118 118 ASP ASP A . n 
A 1 63  PRO 63  119 119 PRO PRO A . n 
A 1 64  ARG 64  120 120 ARG ARG A . n 
A 1 65  PHE 65  121 121 PHE PHE A . n 
A 1 66  LEU 66  122 122 LEU LEU A . n 
A 1 67  ASN 67  123 123 ASN ASN A . n 
A 1 68  LEU 68  124 124 LEU LEU A . n 
A 1 69  TRP 69  125 125 TRP TRP A . n 
A 1 70  LEU 70  126 126 LEU LEU A . n 
A 1 71  LYS 71  127 127 LYS LYS A . n 
A 1 72  LEU 72  128 128 LEU LEU A . n 
A 1 73  GLY 73  129 129 GLY GLY A . n 
A 1 74  ARG 74  130 130 ARG ARG A . n 
A 1 75  LEU 75  131 131 LEU LEU A . n 
A 1 76  CYS 76  132 132 CYS CYS A . n 
A 1 77  ASN 77  133 133 ASN ASN A . n 
A 1 78  GLU 78  134 134 GLU GLU A . n 
A 1 79  PRO 79  135 135 PRO PRO A . n 
A 1 80  LEU 80  136 136 LEU LEU A . n 
A 1 81  ASP 81  137 137 ASP ASP A . n 
A 1 82  MET 82  138 138 MET MET A . n 
A 1 83  TYR 83  139 139 TYR TYR A . n 
A 1 84  SER 84  140 140 SER SER A . n 
A 1 85  TYR 85  141 141 TYR TYR A . n 
A 1 86  LEU 86  142 142 LEU LEU A . n 
A 1 87  HIS 87  143 143 HIS HIS A . n 
A 1 88  ASN 88  144 144 ASN ASN A . n 
A 1 89  GLN 89  145 145 GLN GLN A . n 
A 1 90  GLY 90  146 146 GLY GLY A . n 
A 1 91  ILE 91  147 147 ILE ILE A . n 
A 1 92  GLY 92  148 148 GLY GLY A . n 
A 1 93  VAL 93  149 149 VAL VAL A . n 
A 1 94  SER 94  150 150 SER SER A . n 
A 1 95  LEU 95  151 151 LEU LEU A . n 
A 1 96  ALA 96  152 152 ALA ALA A . n 
A 1 97  GLN 97  153 153 GLN GLN A . n 
A 1 98  PHE 98  154 154 PHE PHE A . n 
A 1 99  TYR 99  155 155 TYR TYR A . n 
A 1 100 ILE 100 156 156 ILE ILE A . n 
A 1 101 SER 101 157 157 SER SER A . n 
A 1 102 TRP 102 158 158 TRP TRP A . n 
A 1 103 ALA 103 159 159 ALA ALA A . n 
A 1 104 GLU 104 160 160 GLU GLU A . n 
A 1 105 GLU 105 161 161 GLU GLU A . n 
A 1 106 TYR 106 162 162 TYR TYR A . n 
A 1 107 GLU 107 163 163 GLU GLU A . n 
A 1 108 ALA 108 164 164 ALA ALA A . n 
A 1 109 ARG 109 165 165 ARG ARG A . n 
A 1 110 GLU 110 166 166 GLU GLU A . n 
A 1 111 ASN 111 167 167 ASN ASN A . n 
A 1 112 PHE 112 168 168 PHE PHE A . n 
A 1 113 ARG 113 169 169 ARG ARG A . n 
A 1 114 LYS 114 170 170 LYS LYS A . n 
A 1 115 ALA 115 171 171 ALA ALA A . n 
A 1 116 ASP 116 172 172 ASP ASP A . n 
A 1 117 ALA 117 173 173 ALA ALA A . n 
A 1 118 ILE 118 174 174 ILE ILE A . n 
A 1 119 PHE 119 175 175 PHE PHE A . n 
A 1 120 GLN 120 176 176 GLN GLN A . n 
A 1 121 GLU 121 177 177 GLU GLU A . n 
A 1 122 GLY 122 178 178 GLY GLY A . n 
A 1 123 ILE 123 179 179 ILE ILE A . n 
A 1 124 GLN 124 180 180 GLN GLN A . n 
A 1 125 GLN 125 181 181 GLN GLN A . n 
A 1 126 LYS 126 182 182 LYS LYS A . n 
A 1 127 ALA 127 183 183 ALA ALA A . n 
A 1 128 GLU 128 184 184 GLU GLU A . n 
A 1 129 PRO 129 185 185 PRO PRO A . n 
A 1 130 LEU 130 186 186 LEU LEU A . n 
A 1 131 GLU 131 187 187 GLU GLU A . n 
A 1 132 ARG 132 188 188 ARG ARG A . n 
A 1 133 LEU 133 189 189 LEU LEU A . n 
A 1 134 GLN 134 190 190 GLN GLN A . n 
A 1 135 SER 135 191 191 SER SER A . n 
A 1 136 GLN 136 192 192 GLN GLN A . n 
A 1 137 HIS 137 193 193 HIS HIS A . n 
A 1 138 ARG 138 194 194 ARG ARG A . n 
A 1 139 GLN 139 195 195 GLN GLN A . n 
A 1 140 PHE 140 196 196 PHE PHE A . n 
A 1 141 GLN 141 197 197 GLN GLN A . n 
A 1 142 ALA 142 198 198 ALA ALA A . n 
A 1 143 ARG 143 199 199 ARG ARG A . n 
A 1 144 VAL 144 200 200 VAL VAL A . n 
A 1 145 SER 145 201 201 SER SER A . n 
A 1 146 ARG 146 202 202 ARG ARG A . n 
A 1 147 GLN 147 203 203 GLN GLN A . n 
A 1 148 THR 148 204 204 THR THR A . n 
A 1 149 LEU 149 205 205 LEU LEU A . n 
A 1 150 LEU 150 206 206 LEU LEU A . n 
A 1 151 ALA 151 207 207 ALA ALA A . n 
A 1 152 LEU 152 208 208 LEU LEU A . n 
A 1 153 GLU 153 209 209 GLU GLU A . n 
A 1 154 LYS 154 210 210 LYS LYS A . n 
A 1 155 GLU 155 211 211 GLU GLU A . n 
A 1 156 GLU 156 212 212 GLU GLU A . n 
A 1 157 GLU 157 213 213 GLU GLU A . n 
A 1 158 GLU 158 214 214 GLU GLU A . n 
A 1 159 GLU 159 215 215 GLU GLU A . n 
A 1 160 VAL 160 216 216 VAL VAL A . n 
A 1 161 PHE 161 217 217 PHE PHE A . n 
A 1 162 GLU 162 218 218 GLU GLU A . n 
A 1 163 SER 163 219 219 SER SER A . n 
A 1 164 SER 164 220 220 SER SER A . n 
# 
loop_
_pdbx_nonpoly_scheme.asym_id 
_pdbx_nonpoly_scheme.entity_id 
_pdbx_nonpoly_scheme.mon_id 
_pdbx_nonpoly_scheme.ndb_seq_num 
_pdbx_nonpoly_scheme.pdb_seq_num 
_pdbx_nonpoly_scheme.auth_seq_num 
_pdbx_nonpoly_scheme.pdb_mon_id 
_pdbx_nonpoly_scheme.auth_mon_id 
_pdbx_nonpoly_scheme.pdb_strand_id 
_pdbx_nonpoly_scheme.pdb_ins_code 
B 2 PR  1   1221 1221 PR  PR  A . 
C 2 PR  1   1222 1222 PR  PR  A . 
D 3 ACT 1   1223 1223 ACT ACT A . 
E 4 EDO 1   1224 1224 EDO EDO A . 
F 4 EDO 1   1225 1225 EDO EDO A . 
G 5 HOH 1   2001 2001 HOH HOH A . 
G 5 HOH 2   2002 2002 HOH HOH A . 
G 5 HOH 3   2003 2003 HOH HOH A . 
G 5 HOH 4   2004 2004 HOH HOH A . 
G 5 HOH 5   2005 2005 HOH HOH A . 
G 5 HOH 6   2006 2006 HOH HOH A . 
G 5 HOH 7   2007 2007 HOH HOH A . 
G 5 HOH 8   2008 2008 HOH HOH A . 
G 5 HOH 9   2009 2009 HOH HOH A . 
G 5 HOH 10  2010 2010 HOH HOH A . 
G 5 HOH 11  2011 2011 HOH HOH A . 
G 5 HOH 12  2012 2012 HOH HOH A . 
G 5 HOH 13  2013 2013 HOH HOH A . 
G 5 HOH 14  2014 2014 HOH HOH A . 
G 5 HOH 15  2015 2015 HOH HOH A . 
G 5 HOH 16  2016 2016 HOH HOH A . 
G 5 HOH 17  2017 2017 HOH HOH A . 
G 5 HOH 18  2018 2018 HOH HOH A . 
G 5 HOH 19  2019 2019 HOH HOH A . 
G 5 HOH 20  2020 2020 HOH HOH A . 
G 5 HOH 21  2021 2021 HOH HOH A . 
G 5 HOH 22  2022 2022 HOH HOH A . 
G 5 HOH 23  2023 2023 HOH HOH A . 
G 5 HOH 24  2024 2024 HOH HOH A . 
G 5 HOH 25  2025 2025 HOH HOH A . 
G 5 HOH 26  2026 2026 HOH HOH A . 
G 5 HOH 27  2027 2027 HOH HOH A . 
G 5 HOH 28  2028 2028 HOH HOH A . 
G 5 HOH 29  2029 2029 HOH HOH A . 
G 5 HOH 30  2030 2030 HOH HOH A . 
G 5 HOH 31  2031 2031 HOH HOH A . 
G 5 HOH 32  2032 2032 HOH HOH A . 
G 5 HOH 33  2033 2033 HOH HOH A . 
G 5 HOH 34  2034 2034 HOH HOH A . 
G 5 HOH 35  2035 2035 HOH HOH A . 
G 5 HOH 36  2036 2036 HOH HOH A . 
G 5 HOH 37  2037 2037 HOH HOH A . 
G 5 HOH 38  2038 2038 HOH HOH A . 
G 5 HOH 39  2039 2039 HOH HOH A . 
G 5 HOH 40  2040 2040 HOH HOH A . 
G 5 HOH 41  2041 2041 HOH HOH A . 
G 5 HOH 42  2042 2042 HOH HOH A . 
G 5 HOH 43  2043 2043 HOH HOH A . 
G 5 HOH 44  2044 2044 HOH HOH A . 
G 5 HOH 45  2045 2045 HOH HOH A . 
G 5 HOH 46  2046 2046 HOH HOH A . 
G 5 HOH 47  2047 2047 HOH HOH A . 
G 5 HOH 48  2048 2048 HOH HOH A . 
G 5 HOH 49  2049 2049 HOH HOH A . 
G 5 HOH 50  2050 2050 HOH HOH A . 
G 5 HOH 51  2051 2051 HOH HOH A . 
G 5 HOH 52  2052 2052 HOH HOH A . 
G 5 HOH 53  2053 2053 HOH HOH A . 
G 5 HOH 54  2054 2054 HOH HOH A . 
G 5 HOH 55  2055 2055 HOH HOH A . 
G 5 HOH 56  2056 2056 HOH HOH A . 
G 5 HOH 57  2057 2057 HOH HOH A . 
G 5 HOH 58  2058 2058 HOH HOH A . 
G 5 HOH 59  2059 2059 HOH HOH A . 
G 5 HOH 60  2060 2060 HOH HOH A . 
G 5 HOH 61  2061 2061 HOH HOH A . 
G 5 HOH 62  2062 2062 HOH HOH A . 
G 5 HOH 63  2063 2063 HOH HOH A . 
G 5 HOH 64  2064 2064 HOH HOH A . 
G 5 HOH 65  2065 2065 HOH HOH A . 
G 5 HOH 66  2066 2066 HOH HOH A . 
G 5 HOH 67  2067 2067 HOH HOH A . 
G 5 HOH 68  2068 2068 HOH HOH A . 
G 5 HOH 69  2069 2069 HOH HOH A . 
G 5 HOH 70  2070 2070 HOH HOH A . 
G 5 HOH 71  2071 2071 HOH HOH A . 
G 5 HOH 72  2072 2072 HOH HOH A . 
G 5 HOH 73  2073 2073 HOH HOH A . 
G 5 HOH 74  2074 2074 HOH HOH A . 
G 5 HOH 75  2075 2075 HOH HOH A . 
G 5 HOH 76  2076 2076 HOH HOH A . 
G 5 HOH 77  2077 2077 HOH HOH A . 
G 5 HOH 78  2078 2078 HOH HOH A . 
G 5 HOH 79  2079 2079 HOH HOH A . 
G 5 HOH 80  2080 2080 HOH HOH A . 
G 5 HOH 81  2081 2081 HOH HOH A . 
G 5 HOH 82  2082 2082 HOH HOH A . 
G 5 HOH 83  2083 2083 HOH HOH A . 
G 5 HOH 84  2084 2084 HOH HOH A . 
G 5 HOH 85  2085 2085 HOH HOH A . 
G 5 HOH 86  2086 2086 HOH HOH A . 
G 5 HOH 87  2087 2087 HOH HOH A . 
G 5 HOH 88  2088 2088 HOH HOH A . 
G 5 HOH 89  2089 2089 HOH HOH A . 
G 5 HOH 90  2090 2090 HOH HOH A . 
G 5 HOH 91  2091 2091 HOH HOH A . 
G 5 HOH 92  2092 2092 HOH HOH A . 
G 5 HOH 93  2093 2093 HOH HOH A . 
G 5 HOH 94  2094 2094 HOH HOH A . 
G 5 HOH 95  2095 2095 HOH HOH A . 
G 5 HOH 96  2096 2096 HOH HOH A . 
G 5 HOH 97  2097 2097 HOH HOH A . 
G 5 HOH 98  2098 2098 HOH HOH A . 
G 5 HOH 99  2099 2099 HOH HOH A . 
G 5 HOH 100 2100 2100 HOH HOH A . 
G 5 HOH 101 2101 2101 HOH HOH A . 
G 5 HOH 102 2102 2102 HOH HOH A . 
G 5 HOH 103 2103 2103 HOH HOH A . 
G 5 HOH 104 2104 2104 HOH HOH A . 
G 5 HOH 105 2105 2105 HOH HOH A . 
G 5 HOH 106 2106 2106 HOH HOH A . 
G 5 HOH 107 2107 2107 HOH HOH A . 
G 5 HOH 108 2108 2108 HOH HOH A . 
G 5 HOH 109 2109 2109 HOH HOH A . 
G 5 HOH 110 2110 2110 HOH HOH A . 
G 5 HOH 111 2111 2111 HOH HOH A . 
G 5 HOH 112 2112 2112 HOH HOH A . 
G 5 HOH 113 2113 2113 HOH HOH A . 
G 5 HOH 114 2114 2114 HOH HOH A . 
G 5 HOH 115 2115 2115 HOH HOH A . 
G 5 HOH 116 2116 2116 HOH HOH A . 
G 5 HOH 117 2117 2117 HOH HOH A . 
# 
loop_
_software.name 
_software.classification 
_software.version 
_software.citation_id 
_software.pdbx_ordinal 
REFMAC    refinement       5.2.0019 ? 1 
MOSFLM    'data reduction' .        ? 2 
SCALA     'data scaling'   .        ? 3 
autoSHARP phasing          .        ? 4 
# 
_cell.entry_id           2WVI 
_cell.length_a           62.796 
_cell.length_b           62.796 
_cell.length_c           90.450 
_cell.angle_alpha        90.00 
_cell.angle_beta         90.00 
_cell.angle_gamma        120.00 
_cell.Z_PDB              6 
_cell.pdbx_unique_axis   ? 
# 
_symmetry.entry_id                         2WVI 
_symmetry.space_group_name_H-M             'P 32 2 1' 
_symmetry.pdbx_full_space_group_name_H-M   ? 
_symmetry.cell_setting                     ? 
_symmetry.Int_Tables_number                154 
# 
_exptl.entry_id          2WVI 
_exptl.method            'X-RAY DIFFRACTION' 
_exptl.crystals_number   2 
# 
_exptl_crystal.id                    1 
_exptl_crystal.density_meas          ? 
_exptl_crystal.density_Matthews      2.47 
_exptl_crystal.density_percent_sol   49 
_exptl_crystal.description           'THIS DATA SET WAS USED IN REFINEMENTS.' 
# 
_exptl_crystal_grow.crystal_id      1 
_exptl_crystal_grow.method          ? 
_exptl_crystal_grow.temp            ? 
_exptl_crystal_grow.temp_details    ? 
_exptl_crystal_grow.pH              8 
_exptl_crystal_grow.pdbx_pH_range   ? 
_exptl_crystal_grow.pdbx_details    '22.5% (W/V) PEG 8000, 0.17 M TRIS PH 8.0, 0.01 M PRASEODYMIUM(III) ACETATE' 
# 
_diffrn.id                     1 
_diffrn.ambient_temp           100 
_diffrn.ambient_temp_details   ? 
_diffrn.crystal_id             1 
# 
_diffrn_detector.diffrn_id              1 
_diffrn_detector.detector               CCD 
_diffrn_detector.type                   'ADSC CCD' 
_diffrn_detector.pdbx_collection_date   2007-10-12 
_diffrn_detector.details                'KIRKPATRICK BAEZ BIMORPH MIRROR PAIR FOR HORIZONTAL AND VERTICAL FOCUSSING' 
# 
_diffrn_radiation.diffrn_id                        1 
_diffrn_radiation.wavelength_id                    1 
_diffrn_radiation.pdbx_monochromatic_or_laue_m_l   M 
_diffrn_radiation.monochromator                    'SI (111) DOUBLE CRYSTAL MONOCHROMATOR' 
_diffrn_radiation.pdbx_diffrn_protocol             'SINGLE WAVELENGTH' 
_diffrn_radiation.pdbx_scattering_type             x-ray 
# 
_diffrn_radiation_wavelength.id           1 
_diffrn_radiation_wavelength.wavelength   1.06 
_diffrn_radiation_wavelength.wt           1.0 
# 
_diffrn_source.diffrn_id                   1 
_diffrn_source.source                      SYNCHROTRON 
_diffrn_source.type                        'DIAMOND BEAMLINE I03' 
_diffrn_source.pdbx_synchrotron_site       Diamond 
_diffrn_source.pdbx_synchrotron_beamline   I03 
_diffrn_source.pdbx_wavelength             1.06 
_diffrn_source.pdbx_wavelength_list        ? 
# 
_reflns.pdbx_diffrn_id               1 
_reflns.pdbx_ordinal                 1 
_reflns.entry_id                     2WVI 
_reflns.observed_criterion_sigma_I   2.0 
_reflns.observed_criterion_sigma_F   ? 
_reflns.d_resolution_low             46.62 
_reflns.d_resolution_high            1.80 
_reflns.number_obs                   19685 
_reflns.number_all                   ? 
_reflns.percent_possible_obs         99.9 
_reflns.pdbx_Rmerge_I_obs            0.11 
_reflns.pdbx_Rsym_value              ? 
_reflns.pdbx_netI_over_sigmaI        21.00 
_reflns.B_iso_Wilson_estimate        22 
_reflns.pdbx_redundancy              15.6 
# 
_reflns_shell.pdbx_diffrn_id         1 
_reflns_shell.pdbx_ordinal           1 
_reflns_shell.d_res_high             1.80 
_reflns_shell.d_res_low              1.90 
_reflns_shell.percent_possible_all   100.0 
_reflns_shell.Rmerge_I_obs           0.51 
_reflns_shell.pdbx_Rsym_value        ? 
_reflns_shell.meanI_over_sigI_obs    4.00 
_reflns_shell.pdbx_redundancy        15.8 
# 
_refine.pdbx_refine_id                           'X-RAY DIFFRACTION' 
_refine.entry_id                                 2WVI 
_refine.pdbx_diffrn_id                           1 
_refine.pdbx_TLS_residual_ADP_flag               ? 
_refine.ls_number_reflns_obs                     18643 
_refine.ls_number_reflns_all                     ? 
_refine.pdbx_ls_sigma_I                          ? 
_refine.pdbx_ls_sigma_F                          . 
_refine.pdbx_data_cutoff_high_absF               ? 
_refine.pdbx_data_cutoff_low_absF                ? 
_refine.pdbx_data_cutoff_high_rms_absF           ? 
_refine.ls_d_res_low                             54.39 
_refine.ls_d_res_high                            1.80 
_refine.ls_percent_reflns_obs                    99.91 
_refine.ls_R_factor_obs                          0.22373 
_refine.ls_R_factor_all                          ? 
_refine.ls_R_factor_R_work                       0.22188 
_refine.ls_R_factor_R_free                       0.25986 
_refine.ls_R_factor_R_free_error                 ? 
_refine.ls_R_factor_R_free_error_details         ? 
_refine.ls_percent_reflns_R_free                 5.1 
_refine.ls_number_reflns_R_free                  1005 
_refine.ls_number_parameters                     ? 
_refine.ls_number_restraints                     ? 
_refine.occupancy_min                            ? 
_refine.occupancy_max                            ? 
_refine.correlation_coeff_Fo_to_Fc               0.943 
_refine.correlation_coeff_Fo_to_Fc_free          0.930 
_refine.B_iso_mean                               37.105 
_refine.aniso_B[1][1]                            2.24 
_refine.aniso_B[2][2]                            2.24 
_refine.aniso_B[3][3]                            -3.35 
_refine.aniso_B[1][2]                            1.12 
_refine.aniso_B[1][3]                            0.00 
_refine.aniso_B[2][3]                            0.00 
_refine.solvent_model_details                    MASK 
_refine.solvent_model_param_ksol                 ? 
_refine.solvent_model_param_bsol                 ? 
_refine.pdbx_solvent_vdw_probe_radii             1.40 
_refine.pdbx_solvent_ion_probe_radii             0.80 
_refine.pdbx_solvent_shrinkage_radii             0.80 
_refine.pdbx_ls_cross_valid_method               THROUGHOUT 
_refine.details                                  
;HYDROGENS HAVE BEEN ADDED IN THE RIDING POSITIONS. DENSITY WAS NOT OBSERVED FOR RESIDUES 92-95. ONE ROUND OF TLS WAS CONDUCTED DURING REFINEMENT. TWO GROUPS WERE USED; RESIDUES 57-114 AND 115-220.
;
_refine.pdbx_starting_model                      NONE 
_refine.pdbx_method_to_determine_struct          SAD 
_refine.pdbx_isotropic_thermal_model             ? 
_refine.pdbx_stereochemistry_target_values       'MAXIMUM LIKELIHOOD' 
_refine.pdbx_stereochem_target_val_spec_case     ? 
_refine.pdbx_R_Free_selection_details            RANDOM 
_refine.pdbx_overall_ESU_R                       0.139 
_refine.pdbx_overall_ESU_R_Free                  0.135 
_refine.overall_SU_ML                            0.106 
_refine.pdbx_overall_phase_error                 ? 
_refine.overall_SU_B                             3.444 
_refine.overall_SU_R_Cruickshank_DPI             ? 
_refine.pdbx_overall_SU_R_free_Cruickshank_DPI   ? 
_refine.pdbx_overall_SU_R_Blow_DPI               ? 
_refine.pdbx_overall_SU_R_free_Blow_DPI          ? 
# 
_refine_hist.pdbx_refine_id                   'X-RAY DIFFRACTION' 
_refine_hist.cycle_id                         LAST 
_refine_hist.pdbx_number_atoms_protein        1358 
_refine_hist.pdbx_number_atoms_nucleic_acid   0 
_refine_hist.pdbx_number_atoms_ligand         14 
_refine_hist.number_atoms_solvent             117 
_refine_hist.number_atoms_total               1489 
_refine_hist.d_res_high                       1.80 
_refine_hist.d_res_low                        54.39 
# 
loop_
_refine_ls_restr.type 
_refine_ls_restr.dev_ideal 
_refine_ls_restr.dev_ideal_target 
_refine_ls_restr.weight 
_refine_ls_restr.number 
_refine_ls_restr.pdbx_refine_id 
_refine_ls_restr.pdbx_restraint_function 
r_bond_refined_d             0.016  0.022  ? 1398 'X-RAY DIFFRACTION' ? 
r_bond_other_d               ?      ?      ? ?    'X-RAY DIFFRACTION' ? 
r_angle_refined_deg          1.685  1.945  ? 1880 'X-RAY DIFFRACTION' ? 
r_angle_other_deg            ?      ?      ? ?    'X-RAY DIFFRACTION' ? 
r_dihedral_angle_1_deg       11.934 5.000  ? 158  'X-RAY DIFFRACTION' ? 
r_dihedral_angle_2_deg       41.267 24.186 ? 86   'X-RAY DIFFRACTION' ? 
r_dihedral_angle_3_deg       16.693 15.000 ? 245  'X-RAY DIFFRACTION' ? 
r_dihedral_angle_4_deg       17.768 15.000 ? 13   'X-RAY DIFFRACTION' ? 
r_chiral_restr               0.135  0.200  ? 186  'X-RAY DIFFRACTION' ? 
r_gen_planes_refined         0.009  0.020  ? 1105 'X-RAY DIFFRACTION' ? 
r_gen_planes_other           ?      ?      ? ?    'X-RAY DIFFRACTION' ? 
r_nbd_refined                0.236  0.200  ? 699  'X-RAY DIFFRACTION' ? 
r_nbd_other                  ?      ?      ? ?    'X-RAY DIFFRACTION' ? 
r_nbtor_refined              0.312  0.200  ? 943  'X-RAY DIFFRACTION' ? 
r_nbtor_other                ?      ?      ? ?    'X-RAY DIFFRACTION' ? 
r_xyhbond_nbd_refined        0.170  0.200  ? 91   'X-RAY DIFFRACTION' ? 
r_xyhbond_nbd_other          ?      ?      ? ?    'X-RAY DIFFRACTION' ? 
r_metal_ion_refined          ?      ?      ? ?    'X-RAY DIFFRACTION' ? 
r_metal_ion_other            ?      ?      ? ?    'X-RAY DIFFRACTION' ? 
r_symmetry_vdw_refined       0.301  0.200  ? 70   'X-RAY DIFFRACTION' ? 
r_symmetry_vdw_other         ?      ?      ? ?    'X-RAY DIFFRACTION' ? 
r_symmetry_hbond_refined     0.148  0.200  ? 14   'X-RAY DIFFRACTION' ? 
r_symmetry_hbond_other       ?      ?      ? ?    'X-RAY DIFFRACTION' ? 
r_symmetry_metal_ion_refined ?      ?      ? ?    'X-RAY DIFFRACTION' ? 
r_symmetry_metal_ion_other   ?      ?      ? ?    'X-RAY DIFFRACTION' ? 
r_mcbond_it                  1.064  1.500  ? 827  'X-RAY DIFFRACTION' ? 
r_mcbond_other               ?      ?      ? ?    'X-RAY DIFFRACTION' ? 
r_mcangle_it                 1.679  2.000  ? 1277 'X-RAY DIFFRACTION' ? 
r_mcangle_other              ?      ?      ? ?    'X-RAY DIFFRACTION' ? 
r_scbond_it                  2.772  3.000  ? 666  'X-RAY DIFFRACTION' ? 
r_scbond_other               ?      ?      ? ?    'X-RAY DIFFRACTION' ? 
r_scangle_it                 4.257  4.500  ? 603  'X-RAY DIFFRACTION' ? 
r_scangle_other              ?      ?      ? ?    'X-RAY DIFFRACTION' ? 
r_long_range_B_refined       ?      ?      ? ?    'X-RAY DIFFRACTION' ? 
r_long_range_B_other         ?      ?      ? ?    'X-RAY DIFFRACTION' ? 
r_rigid_bond_restr           ?      ?      ? ?    'X-RAY DIFFRACTION' ? 
r_sphericity_free            ?      ?      ? ?    'X-RAY DIFFRACTION' ? 
r_sphericity_bonded          ?      ?      ? ?    'X-RAY DIFFRACTION' ? 
# 
_refine_ls_shell.pdbx_refine_id                   'X-RAY DIFFRACTION' 
_refine_ls_shell.pdbx_total_number_of_bins_used   20 
_refine_ls_shell.d_res_high                       1.800 
_refine_ls_shell.d_res_low                        1.847 
_refine_ls_shell.number_reflns_R_work             1367 
_refine_ls_shell.R_factor_R_work                  0.255 
_refine_ls_shell.percent_reflns_obs               ? 
_refine_ls_shell.R_factor_R_free                  0.346 
_refine_ls_shell.R_factor_R_free_error            ? 
_refine_ls_shell.percent_reflns_R_free            ? 
_refine_ls_shell.number_reflns_R_free             69 
_refine_ls_shell.number_reflns_all                ? 
_refine_ls_shell.R_factor_all                     ? 
# 
_struct.entry_id                  2WVI 
_struct.title                     'Crystal Structure of the N-terminal Domain of BubR1' 
_struct.pdbx_model_details        ? 
_struct.pdbx_CASP_flag            ? 
_struct.pdbx_model_type_details   ? 
# 
_struct_keywords.entry_id        2WVI 
_struct_keywords.pdbx_keywords   TRANSFERASE 
_struct_keywords.text            
;TUMOR SUPPRESSOR, MITOTIC CHECKPOINT, TPR, KINASE, APOPTOSIS, SERINE/THREONINE-PROTEIN KINASE, CELL DIVISION, CELL CYCLE, KINETOCHORE, TRANSFERASE, CYTOSKELETON
;
# 
loop_
_struct_asym.id 
_struct_asym.pdbx_blank_PDB_chainid_flag 
_struct_asym.pdbx_modified 
_struct_asym.entity_id 
_struct_asym.details 
A N N 1 ? 
B N N 2 ? 
C N N 2 ? 
D N N 3 ? 
E N N 4 ? 
F N N 4 ? 
G N N 5 ? 
# 
_struct_ref.id                         1 
_struct_ref.db_name                    UNP 
_struct_ref.db_code                    BUB1B_HUMAN 
_struct_ref.entity_id                  1 
_struct_ref.pdbx_seq_one_letter_code   ? 
_struct_ref.pdbx_align_begin           ? 
_struct_ref.pdbx_db_accession          O60566 
_struct_ref.pdbx_db_isoform            ? 
# 
_struct_ref_seq.align_id                      1 
_struct_ref_seq.ref_id                        1 
_struct_ref_seq.pdbx_PDB_id_code              2WVI 
_struct_ref_seq.pdbx_strand_id                A 
_struct_ref_seq.seq_align_beg                 1 
_struct_ref_seq.pdbx_seq_align_beg_ins_code   ? 
_struct_ref_seq.seq_align_end                 164 
_struct_ref_seq.pdbx_seq_align_end_ins_code   ? 
_struct_ref_seq.pdbx_db_accession             O60566 
_struct_ref_seq.db_align_beg                  57 
_struct_ref_seq.pdbx_db_align_beg_ins_code    ? 
_struct_ref_seq.db_align_end                  220 
_struct_ref_seq.pdbx_db_align_end_ins_code    ? 
_struct_ref_seq.pdbx_auth_seq_align_beg       57 
_struct_ref_seq.pdbx_auth_seq_align_end       220 
# 
_pdbx_struct_assembly.id                   1 
_pdbx_struct_assembly.details              author_and_software_defined_assembly 
_pdbx_struct_assembly.method_details       PISA 
_pdbx_struct_assembly.oligomeric_details   monomeric 
_pdbx_struct_assembly.oligomeric_count     1 
# 
_pdbx_struct_assembly_gen.assembly_id       1 
_pdbx_struct_assembly_gen.oper_expression   1 
_pdbx_struct_assembly_gen.asym_id_list      A,B,C,D,E,F,G 
# 
_pdbx_struct_oper_list.id                   1 
_pdbx_struct_oper_list.type                 'identity operation' 
_pdbx_struct_oper_list.name                 1_555 
_pdbx_struct_oper_list.symmetry_operation   x,y,z 
_pdbx_struct_oper_list.matrix[1][1]         1.0000000000 
_pdbx_struct_oper_list.matrix[1][2]         0.0000000000 
_pdbx_struct_oper_list.matrix[1][3]         0.0000000000 
_pdbx_struct_oper_list.vector[1]            0.0000000000 
_pdbx_struct_oper_list.matrix[2][1]         0.0000000000 
_pdbx_struct_oper_list.matrix[2][2]         1.0000000000 
_pdbx_struct_oper_list.matrix[2][3]         0.0000000000 
_pdbx_struct_oper_list.vector[2]            0.0000000000 
_pdbx_struct_oper_list.matrix[3][1]         0.0000000000 
_pdbx_struct_oper_list.matrix[3][2]         0.0000000000 
_pdbx_struct_oper_list.matrix[3][3]         1.0000000000 
_pdbx_struct_oper_list.vector[3]            0.0000000000 
# 
_struct_biol.id   1 
# 
loop_
_struct_conf.conf_type_id 
_struct_conf.id 
_struct_conf.pdbx_PDB_helix_id 
_struct_conf.beg_label_comp_id 
_struct_conf.beg_label_asym_id 
_struct_conf.beg_label_seq_id 
_struct_conf.pdbx_beg_PDB_ins_code 
_struct_conf.end_label_comp_id 
_struct_conf.end_label_asym_id 
_struct_conf.end_label_seq_id 
_struct_conf.pdbx_end_PDB_ins_code 
_struct_conf.beg_auth_comp_id 
_struct_conf.beg_auth_asym_id 
_struct_conf.beg_auth_seq_id 
_struct_conf.end_auth_comp_id 
_struct_conf.end_auth_asym_id 
_struct_conf.end_auth_seq_id 
_struct_conf.pdbx_PDB_helix_class 
_struct_conf.details 
_struct_conf.pdbx_PDB_helix_length 
HELX_P HELX_P1 1 LYS A 3   ? ILE A 10  ? LYS A 59  ILE A 66  1 ? 8  
HELX_P HELX_P2 2 PRO A 18  ? TYR A 33  ? PRO A 74  TYR A 89  1 ? 16 
HELX_P HELX_P3 3 ASN A 41  ? LEU A 53  ? ASN A 97  LEU A 109 1 ? 13 
HELX_P HELX_P4 4 GLU A 56  ? TYR A 60  ? GLU A 112 TYR A 116 5 ? 5  
HELX_P HELX_P5 5 ASP A 62  ? CYS A 76  ? ASP A 118 CYS A 132 1 ? 15 
HELX_P HELX_P6 6 GLU A 78  ? GLN A 89  ? GLU A 134 GLN A 145 1 ? 12 
HELX_P HELX_P7 7 LEU A 95  ? ARG A 109 ? LEU A 151 ARG A 165 1 ? 15 
HELX_P HELX_P8 8 ASN A 111 ? GLN A 125 ? ASN A 167 GLN A 181 1 ? 15 
HELX_P HELX_P9 9 PRO A 129 ? SER A 163 ? PRO A 185 SER A 219 1 ? 35 
# 
_struct_conf_type.id          HELX_P 
_struct_conf_type.criteria    ? 
_struct_conf_type.reference   ? 
# 
loop_
_struct_conn.id 
_struct_conn.conn_type_id 
_struct_conn.pdbx_leaving_atom_flag 
_struct_conn.pdbx_PDB_id 
_struct_conn.ptnr1_label_asym_id 
_struct_conn.ptnr1_label_comp_id 
_struct_conn.ptnr1_label_seq_id 
_struct_conn.ptnr1_label_atom_id 
_struct_conn.pdbx_ptnr1_label_alt_id 
_struct_conn.pdbx_ptnr1_PDB_ins_code 
_struct_conn.pdbx_ptnr1_standard_comp_id 
_struct_conn.ptnr1_symmetry 
_struct_conn.ptnr2_label_asym_id 
_struct_conn.ptnr2_label_comp_id 
_struct_conn.ptnr2_label_seq_id 
_struct_conn.ptnr2_label_atom_id 
_struct_conn.pdbx_ptnr2_label_alt_id 
_struct_conn.pdbx_ptnr2_PDB_ins_code 
_struct_conn.ptnr1_auth_asym_id 
_struct_conn.ptnr1_auth_comp_id 
_struct_conn.ptnr1_auth_seq_id 
_struct_conn.ptnr2_auth_asym_id 
_struct_conn.ptnr2_auth_comp_id 
_struct_conn.ptnr2_auth_seq_id 
_struct_conn.ptnr2_symmetry 
_struct_conn.pdbx_ptnr3_label_atom_id 
_struct_conn.pdbx_ptnr3_label_seq_id 
_struct_conn.pdbx_ptnr3_label_comp_id 
_struct_conn.pdbx_ptnr3_label_asym_id 
_struct_conn.pdbx_ptnr3_label_alt_id 
_struct_conn.pdbx_ptnr3_PDB_ins_code 
_struct_conn.details 
_struct_conn.pdbx_dist_value 
_struct_conn.pdbx_value_order 
_struct_conn.pdbx_role 
metalc1  metalc ? ? A GLU 78  OE1 ? ? ? 6_666 B PR  . PR  ? ? A GLU 134  A PR  1221 1_555 ? ? ? ? ? ? ? 2.530 ? ? 
metalc2  metalc ? ? A GLU 78  OE2 ? ? ? 6_666 C PR  . PR  ? ? A GLU 134  A PR  1222 1_555 ? ? ? ? ? ? ? 2.411 ? ? 
metalc3  metalc ? ? A ASP 81  OD2 ? ? ? 6_666 B PR  . PR  ? ? A ASP 137  A PR  1221 1_555 ? ? ? ? ? ? ? 2.368 ? ? 
metalc4  metalc ? ? A GLU 131 OE1 ? ? ? 4_557 C PR  . PR  ? ? A GLU 187  A PR  1222 1_555 ? ? ? ? ? ? ? 2.473 ? ? 
metalc5  metalc ? ? A GLU 131 OE2 ? ? ? 4_557 C PR  . PR  ? ? A GLU 187  A PR  1222 1_555 ? ? ? ? ? ? ? 2.500 ? ? 
metalc6  metalc ? ? A GLN 134 OE1 ? ? ? 4_557 C PR  . PR  ? ? A GLN 190  A PR  1222 1_555 ? ? ? ? ? ? ? 2.492 ? ? 
metalc7  metalc ? ? A GLU 158 OE2 ? ? ? 1_555 B PR  . PR  ? ? A GLU 214  A PR  1221 1_555 ? ? ? ? ? ? ? 2.627 ? ? 
metalc8  metalc ? ? A GLU 158 OE1 ? ? ? 1_555 B PR  . PR  ? ? A GLU 214  A PR  1221 1_555 ? ? ? ? ? ? ? 2.638 ? ? 
metalc9  metalc ? ? A GLU 159 OE2 ? ? ? 1_555 B PR  . PR  ? ? A GLU 215  A PR  1221 1_555 ? ? ? ? ? ? ? 2.620 ? ? 
metalc10 metalc ? ? A GLU 159 OE2 ? ? ? 1_555 C PR  . PR  ? ? A GLU 215  A PR  1222 1_555 ? ? ? ? ? ? ? 2.548 ? ? 
metalc11 metalc ? ? A GLU 159 OE1 ? ? ? 1_555 C PR  . PR  ? ? A GLU 215  A PR  1222 1_555 ? ? ? ? ? ? ? 2.619 ? ? 
metalc12 metalc ? ? A GLU 162 OE1 ? ? ? 1_555 B PR  . PR  ? ? A GLU 218  A PR  1221 1_555 ? ? ? ? ? ? ? 1.489 ? ? 
metalc13 metalc ? ? A GLU 162 OE2 ? ? ? 1_555 B PR  . PR  ? ? A GLU 218  A PR  1221 1_555 ? ? ? ? ? ? ? 2.614 ? ? 
metalc14 metalc ? ? B PR  .   PR  ? ? ? 1_555 D ACT . O   ? ? A PR  1221 A ACT 1223 1_555 ? ? ? ? ? ? ? 2.450 ? ? 
metalc15 metalc ? ? B PR  .   PR  ? ? ? 1_555 D ACT . OXT ? ? A PR  1221 A ACT 1223 1_555 ? ? ? ? ? ? ? 2.569 ? ? 
metalc16 metalc ? ? C PR  .   PR  ? ? ? 1_555 D ACT . O   ? ? A PR  1222 A ACT 1223 1_555 ? ? ? ? ? ? ? 2.496 ? ? 
metalc17 metalc ? ? C PR  .   PR  ? ? ? 1_555 G HOH . O   ? ? A PR  1222 A HOH 2046 6_666 ? ? ? ? ? ? ? 2.636 ? ? 
metalc18 metalc ? ? C PR  .   PR  ? ? ? 1_555 G HOH . O   ? ? A PR  1222 A HOH 2114 1_555 ? ? ? ? ? ? ? 2.341 ? ? 
# 
_struct_conn_type.id          metalc 
_struct_conn_type.criteria    ? 
_struct_conn_type.reference   ? 
# 
loop_
_pdbx_struct_conn_angle.id 
_pdbx_struct_conn_angle.ptnr1_label_atom_id 
_pdbx_struct_conn_angle.ptnr1_label_alt_id 
_pdbx_struct_conn_angle.ptnr1_label_asym_id 
_pdbx_struct_conn_angle.ptnr1_label_comp_id 
_pdbx_struct_conn_angle.ptnr1_label_seq_id 
_pdbx_struct_conn_angle.ptnr1_auth_atom_id 
_pdbx_struct_conn_angle.ptnr1_auth_asym_id 
_pdbx_struct_conn_angle.ptnr1_auth_comp_id 
_pdbx_struct_conn_angle.ptnr1_auth_seq_id 
_pdbx_struct_conn_angle.ptnr1_PDB_ins_code 
_pdbx_struct_conn_angle.ptnr1_symmetry 
_pdbx_struct_conn_angle.ptnr2_label_atom_id 
_pdbx_struct_conn_angle.ptnr2_label_alt_id 
_pdbx_struct_conn_angle.ptnr2_label_asym_id 
_pdbx_struct_conn_angle.ptnr2_label_comp_id 
_pdbx_struct_conn_angle.ptnr2_label_seq_id 
_pdbx_struct_conn_angle.ptnr2_auth_atom_id 
_pdbx_struct_conn_angle.ptnr2_auth_asym_id 
_pdbx_struct_conn_angle.ptnr2_auth_comp_id 
_pdbx_struct_conn_angle.ptnr2_auth_seq_id 
_pdbx_struct_conn_angle.ptnr2_PDB_ins_code 
_pdbx_struct_conn_angle.ptnr2_symmetry 
_pdbx_struct_conn_angle.ptnr3_label_atom_id 
_pdbx_struct_conn_angle.ptnr3_label_alt_id 
_pdbx_struct_conn_angle.ptnr3_label_asym_id 
_pdbx_struct_conn_angle.ptnr3_label_comp_id 
_pdbx_struct_conn_angle.ptnr3_label_seq_id 
_pdbx_struct_conn_angle.ptnr3_auth_atom_id 
_pdbx_struct_conn_angle.ptnr3_auth_asym_id 
_pdbx_struct_conn_angle.ptnr3_auth_comp_id 
_pdbx_struct_conn_angle.ptnr3_auth_seq_id 
_pdbx_struct_conn_angle.ptnr3_PDB_ins_code 
_pdbx_struct_conn_angle.ptnr3_symmetry 
_pdbx_struct_conn_angle.value 
_pdbx_struct_conn_angle.value_esd 
1  OE1 ? A GLU 78  ? A GLU 134  ? 6_666 PR ? B PR . ? A PR 1221 ? 1_555 OD2 ? A ASP 81  ? A ASP 137  ? 6_666 85.6  ? 
2  OE1 ? A GLU 78  ? A GLU 134  ? 6_666 PR ? B PR . ? A PR 1221 ? 1_555 OE2 ? A GLU 158 ? A GLU 214  ? 1_555 74.6  ? 
3  OD2 ? A ASP 81  ? A ASP 137  ? 6_666 PR ? B PR . ? A PR 1221 ? 1_555 OE2 ? A GLU 158 ? A GLU 214  ? 1_555 78.6  ? 
4  OE1 ? A GLU 78  ? A GLU 134  ? 6_666 PR ? B PR . ? A PR 1221 ? 1_555 OE1 ? A GLU 158 ? A GLU 214  ? 1_555 124.4 ? 
5  OD2 ? A ASP 81  ? A ASP 137  ? 6_666 PR ? B PR . ? A PR 1221 ? 1_555 OE1 ? A GLU 158 ? A GLU 214  ? 1_555 83.2  ? 
6  OE2 ? A GLU 158 ? A GLU 214  ? 1_555 PR ? B PR . ? A PR 1221 ? 1_555 OE1 ? A GLU 158 ? A GLU 214  ? 1_555 49.8  ? 
7  OE1 ? A GLU 78  ? A GLU 134  ? 6_666 PR ? B PR . ? A PR 1221 ? 1_555 OE2 ? A GLU 159 ? A GLU 215  ? 1_555 74.7  ? 
8  OD2 ? A ASP 81  ? A ASP 137  ? 6_666 PR ? B PR . ? A PR 1221 ? 1_555 OE2 ? A GLU 159 ? A GLU 215  ? 1_555 153.1 ? 
9  OE2 ? A GLU 158 ? A GLU 214  ? 1_555 PR ? B PR . ? A PR 1221 ? 1_555 OE2 ? A GLU 159 ? A GLU 215  ? 1_555 78.6  ? 
10 OE1 ? A GLU 158 ? A GLU 214  ? 1_555 PR ? B PR . ? A PR 1221 ? 1_555 OE2 ? A GLU 159 ? A GLU 215  ? 1_555 92.7  ? 
11 OE1 ? A GLU 78  ? A GLU 134  ? 6_666 PR ? B PR . ? A PR 1221 ? 1_555 OE1 ? A GLU 162 ? A GLU 218  ? 1_555 142.0 ? 
12 OD2 ? A ASP 81  ? A ASP 137  ? 6_666 PR ? B PR . ? A PR 1221 ? 1_555 OE1 ? A GLU 162 ? A GLU 218  ? 1_555 130.3 ? 
13 OE2 ? A GLU 158 ? A GLU 214  ? 1_555 PR ? B PR . ? A PR 1221 ? 1_555 OE1 ? A GLU 162 ? A GLU 218  ? 1_555 98.3  ? 
14 OE1 ? A GLU 158 ? A GLU 214  ? 1_555 PR ? B PR . ? A PR 1221 ? 1_555 OE1 ? A GLU 162 ? A GLU 218  ? 1_555 60.4  ? 
15 OE2 ? A GLU 159 ? A GLU 215  ? 1_555 PR ? B PR . ? A PR 1221 ? 1_555 OE1 ? A GLU 162 ? A GLU 218  ? 1_555 67.3  ? 
16 OE1 ? A GLU 78  ? A GLU 134  ? 6_666 PR ? B PR . ? A PR 1221 ? 1_555 OE2 ? A GLU 162 ? A GLU 218  ? 1_555 155.4 ? 
17 OD2 ? A ASP 81  ? A ASP 137  ? 6_666 PR ? B PR . ? A PR 1221 ? 1_555 OE2 ? A GLU 162 ? A GLU 218  ? 1_555 83.7  ? 
18 OE2 ? A GLU 158 ? A GLU 214  ? 1_555 PR ? B PR . ? A PR 1221 ? 1_555 OE2 ? A GLU 162 ? A GLU 218  ? 1_555 124.4 ? 
19 OE1 ? A GLU 158 ? A GLU 214  ? 1_555 PR ? B PR . ? A PR 1221 ? 1_555 OE2 ? A GLU 162 ? A GLU 218  ? 1_555 76.2  ? 
20 OE2 ? A GLU 159 ? A GLU 215  ? 1_555 PR ? B PR . ? A PR 1221 ? 1_555 OE2 ? A GLU 162 ? A GLU 218  ? 1_555 121.2 ? 
21 OE1 ? A GLU 162 ? A GLU 218  ? 1_555 PR ? B PR . ? A PR 1221 ? 1_555 OE2 ? A GLU 162 ? A GLU 218  ? 1_555 57.1  ? 
22 OE1 ? A GLU 78  ? A GLU 134  ? 6_666 PR ? B PR . ? A PR 1221 ? 1_555 O   ? D ACT .   ? A ACT 1223 ? 1_555 81.6  ? 
23 OD2 ? A ASP 81  ? A ASP 137  ? 6_666 PR ? B PR . ? A PR 1221 ? 1_555 O   ? D ACT .   ? A ACT 1223 ? 1_555 127.7 ? 
24 OE2 ? A GLU 158 ? A GLU 214  ? 1_555 PR ? B PR . ? A PR 1221 ? 1_555 O   ? D ACT .   ? A ACT 1223 ? 1_555 143.0 ? 
25 OE1 ? A GLU 158 ? A GLU 214  ? 1_555 PR ? B PR . ? A PR 1221 ? 1_555 O   ? D ACT .   ? A ACT 1223 ? 1_555 143.5 ? 
26 OE2 ? A GLU 159 ? A GLU 215  ? 1_555 PR ? B PR . ? A PR 1221 ? 1_555 O   ? D ACT .   ? A ACT 1223 ? 1_555 68.0  ? 
27 OE1 ? A GLU 162 ? A GLU 218  ? 1_555 PR ? B PR . ? A PR 1221 ? 1_555 O   ? D ACT .   ? A ACT 1223 ? 1_555 83.4  ? 
28 OE2 ? A GLU 162 ? A GLU 218  ? 1_555 PR ? B PR . ? A PR 1221 ? 1_555 O   ? D ACT .   ? A ACT 1223 ? 1_555 87.6  ? 
29 OE1 ? A GLU 78  ? A GLU 134  ? 6_666 PR ? B PR . ? A PR 1221 ? 1_555 OXT ? D ACT .   ? A ACT 1223 ? 1_555 82.0  ? 
30 OD2 ? A ASP 81  ? A ASP 137  ? 6_666 PR ? B PR . ? A PR 1221 ? 1_555 OXT ? D ACT .   ? A ACT 1223 ? 1_555 75.7  ? 
31 OE2 ? A GLU 158 ? A GLU 214  ? 1_555 PR ? B PR . ? A PR 1221 ? 1_555 OXT ? D ACT .   ? A ACT 1223 ? 1_555 146.3 ? 
32 OE1 ? A GLU 158 ? A GLU 214  ? 1_555 PR ? B PR . ? A PR 1221 ? 1_555 OXT ? D ACT .   ? A ACT 1223 ? 1_555 144.9 ? 
33 OE2 ? A GLU 159 ? A GLU 215  ? 1_555 PR ? B PR . ? A PR 1221 ? 1_555 OXT ? D ACT .   ? A ACT 1223 ? 1_555 118.4 ? 
34 OE1 ? A GLU 162 ? A GLU 218  ? 1_555 PR ? B PR . ? A PR 1221 ? 1_555 OXT ? D ACT .   ? A ACT 1223 ? 1_555 115.0 ? 
35 OE2 ? A GLU 162 ? A GLU 218  ? 1_555 PR ? B PR . ? A PR 1221 ? 1_555 OXT ? D ACT .   ? A ACT 1223 ? 1_555 73.9  ? 
36 O   ? D ACT .   ? A ACT 1223 ? 1_555 PR ? B PR . ? A PR 1221 ? 1_555 OXT ? D ACT .   ? A ACT 1223 ? 1_555 52.5  ? 
37 OE2 ? A GLU 78  ? A GLU 134  ? 6_666 PR ? C PR . ? A PR 1222 ? 1_555 OE1 ? A GLU 131 ? A GLU 187  ? 4_557 147.1 ? 
38 OE2 ? A GLU 78  ? A GLU 134  ? 6_666 PR ? C PR . ? A PR 1222 ? 1_555 OE2 ? A GLU 131 ? A GLU 187  ? 4_557 141.6 ? 
39 OE1 ? A GLU 131 ? A GLU 187  ? 4_557 PR ? C PR . ? A PR 1222 ? 1_555 OE2 ? A GLU 131 ? A GLU 187  ? 4_557 51.5  ? 
40 OE2 ? A GLU 78  ? A GLU 134  ? 6_666 PR ? C PR . ? A PR 1222 ? 1_555 OE1 ? A GLN 134 ? A GLN 190  ? 4_557 78.2  ? 
41 OE1 ? A GLU 131 ? A GLU 187  ? 4_557 PR ? C PR . ? A PR 1222 ? 1_555 OE1 ? A GLN 134 ? A GLN 190  ? 4_557 71.9  ? 
42 OE2 ? A GLU 131 ? A GLU 187  ? 4_557 PR ? C PR . ? A PR 1222 ? 1_555 OE1 ? A GLN 134 ? A GLN 190  ? 4_557 88.2  ? 
43 OE2 ? A GLU 78  ? A GLU 134  ? 6_666 PR ? C PR . ? A PR 1222 ? 1_555 OE2 ? A GLU 159 ? A GLU 215  ? 1_555 76.5  ? 
44 OE1 ? A GLU 131 ? A GLU 187  ? 4_557 PR ? C PR . ? A PR 1222 ? 1_555 OE2 ? A GLU 159 ? A GLU 215  ? 1_555 108.6 ? 
45 OE2 ? A GLU 131 ? A GLU 187  ? 4_557 PR ? C PR . ? A PR 1222 ? 1_555 OE2 ? A GLU 159 ? A GLU 215  ? 1_555 138.8 ? 
46 OE1 ? A GLN 134 ? A GLN 190  ? 4_557 PR ? C PR . ? A PR 1222 ? 1_555 OE2 ? A GLU 159 ? A GLU 215  ? 1_555 122.4 ? 
47 OE2 ? A GLU 78  ? A GLU 134  ? 6_666 PR ? C PR . ? A PR 1222 ? 1_555 OE1 ? A GLU 159 ? A GLU 215  ? 1_555 85.4  ? 
48 OE1 ? A GLU 131 ? A GLU 187  ? 4_557 PR ? C PR . ? A PR 1222 ? 1_555 OE1 ? A GLU 159 ? A GLU 215  ? 1_555 75.8  ? 
49 OE2 ? A GLU 131 ? A GLU 187  ? 4_557 PR ? C PR . ? A PR 1222 ? 1_555 OE1 ? A GLU 159 ? A GLU 215  ? 1_555 127.1 ? 
50 OE1 ? A GLN 134 ? A GLN 190  ? 4_557 PR ? C PR . ? A PR 1222 ? 1_555 OE1 ? A GLU 159 ? A GLU 215  ? 1_555 78.6  ? 
51 OE2 ? A GLU 159 ? A GLU 215  ? 1_555 PR ? C PR . ? A PR 1222 ? 1_555 OE1 ? A GLU 159 ? A GLU 215  ? 1_555 48.7  ? 
52 OE2 ? A GLU 78  ? A GLU 134  ? 6_666 PR ? C PR . ? A PR 1222 ? 1_555 O   ? D ACT .   ? A ACT 1223 ? 1_555 77.0  ? 
53 OE1 ? A GLU 131 ? A GLU 187  ? 4_557 PR ? C PR . ? A PR 1222 ? 1_555 O   ? D ACT .   ? A ACT 1223 ? 1_555 135.6 ? 
54 OE2 ? A GLU 131 ? A GLU 187  ? 4_557 PR ? C PR . ? A PR 1222 ? 1_555 O   ? D ACT .   ? A ACT 1223 ? 1_555 100.1 ? 
55 OE1 ? A GLN 134 ? A GLN 190  ? 4_557 PR ? C PR . ? A PR 1222 ? 1_555 O   ? D ACT .   ? A ACT 1223 ? 1_555 149.1 ? 
56 OE2 ? A GLU 159 ? A GLU 215  ? 1_555 PR ? C PR . ? A PR 1222 ? 1_555 O   ? D ACT .   ? A ACT 1223 ? 1_555 68.5  ? 
57 OE1 ? A GLU 159 ? A GLU 215  ? 1_555 PR ? C PR . ? A PR 1222 ? 1_555 O   ? D ACT .   ? A ACT 1223 ? 1_555 117.1 ? 
58 OE2 ? A GLU 78  ? A GLU 134  ? 6_666 PR ? C PR . ? A PR 1222 ? 1_555 O   ? G HOH .   ? A HOH 2046 ? 6_666 75.8  ? 
59 OE1 ? A GLU 131 ? A GLU 187  ? 4_557 PR ? C PR . ? A PR 1222 ? 1_555 O   ? G HOH .   ? A HOH 2046 ? 6_666 112.6 ? 
60 OE2 ? A GLU 131 ? A GLU 187  ? 4_557 PR ? C PR . ? A PR 1222 ? 1_555 O   ? G HOH .   ? A HOH 2046 ? 6_666 66.9  ? 
61 OE1 ? A GLN 134 ? A GLN 190  ? 4_557 PR ? C PR . ? A PR 1222 ? 1_555 O   ? G HOH .   ? A HOH 2046 ? 6_666 82.8  ? 
62 OE2 ? A GLU 159 ? A GLU 215  ? 1_555 PR ? C PR . ? A PR 1222 ? 1_555 O   ? G HOH .   ? A HOH 2046 ? 6_666 136.9 ? 
63 OE1 ? A GLU 159 ? A GLU 215  ? 1_555 PR ? C PR . ? A PR 1222 ? 1_555 O   ? G HOH .   ? A HOH 2046 ? 6_666 155.9 ? 
64 O   ? D ACT .   ? A ACT 1223 ? 1_555 PR ? C PR . ? A PR 1222 ? 1_555 O   ? G HOH .   ? A HOH 2046 ? 6_666 73.6  ? 
65 OE2 ? A GLU 78  ? A GLU 134  ? 6_666 PR ? C PR . ? A PR 1222 ? 1_555 O   ? G HOH .   ? A HOH 2114 ? 1_555 136.5 ? 
66 OE1 ? A GLU 131 ? A GLU 187  ? 4_557 PR ? C PR . ? A PR 1222 ? 1_555 O   ? G HOH .   ? A HOH 2114 ? 1_555 71.1  ? 
67 OE2 ? A GLU 131 ? A GLU 187  ? 4_557 PR ? C PR . ? A PR 1222 ? 1_555 O   ? G HOH .   ? A HOH 2114 ? 1_555 70.8  ? 
68 OE1 ? A GLN 134 ? A GLN 190  ? 4_557 PR ? C PR . ? A PR 1222 ? 1_555 O   ? G HOH .   ? A HOH 2114 ? 1_555 142.9 ? 
69 OE2 ? A GLU 159 ? A GLU 215  ? 1_555 PR ? C PR . ? A PR 1222 ? 1_555 O   ? G HOH .   ? A HOH 2114 ? 1_555 68.3  ? 
70 OE1 ? A GLU 159 ? A GLU 215  ? 1_555 PR ? C PR . ? A PR 1222 ? 1_555 O   ? G HOH .   ? A HOH 2114 ? 1_555 89.9  ? 
71 O   ? D ACT .   ? A ACT 1223 ? 1_555 PR ? C PR . ? A PR 1222 ? 1_555 O   ? G HOH .   ? A HOH 2114 ? 1_555 66.9  ? 
72 O   ? G HOH .   ? A HOH 2046 ? 6_666 PR ? C PR . ? A PR 1222 ? 1_555 O   ? G HOH .   ? A HOH 2114 ? 1_555 114.1 ? 
# 
loop_
_struct_site.id 
_struct_site.pdbx_evidence_code 
_struct_site.pdbx_auth_asym_id 
_struct_site.pdbx_auth_comp_id 
_struct_site.pdbx_auth_seq_id 
_struct_site.pdbx_auth_ins_code 
_struct_site.pdbx_num_residues 
_struct_site.details 
AC1 Software A PR  1221 ? 6  'BINDING SITE FOR RESIDUE PR A 1221'  
AC2 Software A PR  1222 ? 7  'BINDING SITE FOR RESIDUE PR A 1222'  
AC3 Software A ACT 1223 ? 11 'BINDING SITE FOR RESIDUE ACT A 1223' 
AC4 Software A EDO 1224 ? 8  'BINDING SITE FOR RESIDUE EDO A 1224' 
AC5 Software A EDO 1225 ? 6  'BINDING SITE FOR RESIDUE EDO A 1225' 
# 
loop_
_struct_site_gen.id 
_struct_site_gen.site_id 
_struct_site_gen.pdbx_num_res 
_struct_site_gen.label_comp_id 
_struct_site_gen.label_asym_id 
_struct_site_gen.label_seq_id 
_struct_site_gen.pdbx_auth_ins_code 
_struct_site_gen.auth_comp_id 
_struct_site_gen.auth_asym_id 
_struct_site_gen.auth_seq_id 
_struct_site_gen.label_atom_id 
_struct_site_gen.label_alt_id 
_struct_site_gen.symmetry 
_struct_site_gen.details 
1  AC1 6  GLU A 78  ? GLU A 134  . ? 6_666 ? 
2  AC1 6  ASP A 81  ? ASP A 137  . ? 6_666 ? 
3  AC1 6  GLU A 158 ? GLU A 214  . ? 1_555 ? 
4  AC1 6  GLU A 159 ? GLU A 215  . ? 1_555 ? 
5  AC1 6  GLU A 162 ? GLU A 218  . ? 1_555 ? 
6  AC1 6  ACT D .   ? ACT A 1223 . ? 1_555 ? 
7  AC2 7  GLU A 78  ? GLU A 134  . ? 6_666 ? 
8  AC2 7  GLU A 131 ? GLU A 187  . ? 4_557 ? 
9  AC2 7  GLN A 134 ? GLN A 190  . ? 4_557 ? 
10 AC2 7  GLU A 159 ? GLU A 215  . ? 1_555 ? 
11 AC2 7  ACT D .   ? ACT A 1223 . ? 1_555 ? 
12 AC2 7  HOH G .   ? HOH A 2046 . ? 6_666 ? 
13 AC2 7  HOH G .   ? HOH A 2114 . ? 1_555 ? 
14 AC3 11 GLU A 78  ? GLU A 134  . ? 6_666 ? 
15 AC3 11 PRO A 79  ? PRO A 135  . ? 6_666 ? 
16 AC3 11 LEU A 80  ? LEU A 136  . ? 6_666 ? 
17 AC3 11 ASP A 81  ? ASP A 137  . ? 6_666 ? 
18 AC3 11 ARG A 109 ? ARG A 165  . ? 6_666 ? 
19 AC3 11 GLU A 159 ? GLU A 215  . ? 1_555 ? 
20 AC3 11 GLU A 162 ? GLU A 218  . ? 1_555 ? 
21 AC3 11 PR  B .   ? PR  A 1221 . ? 1_555 ? 
22 AC3 11 PR  C .   ? PR  A 1222 . ? 1_555 ? 
23 AC3 11 HOH G .   ? HOH A 2046 . ? 6_666 ? 
24 AC3 11 HOH G .   ? HOH A 2114 . ? 1_555 ? 
25 AC4 8  ALA A 108 ? ALA A 164  . ? 3_665 ? 
26 AC4 8  ARG A 109 ? ARG A 165  . ? 3_665 ? 
27 AC4 8  GLU A 128 ? GLU A 184  . ? 1_555 ? 
28 AC4 8  PRO A 129 ? PRO A 185  . ? 1_555 ? 
29 AC4 8  LEU A 130 ? LEU A 186  . ? 1_555 ? 
30 AC4 8  GLU A 131 ? GLU A 187  . ? 1_555 ? 
31 AC4 8  HOH G .   ? HOH A 2115 . ? 1_555 ? 
32 AC4 8  HOH G .   ? HOH A 2116 . ? 1_555 ? 
33 AC5 6  GLU A 78  ? GLU A 134  . ? 6_666 ? 
34 AC5 6  ARG A 138 ? ARG A 194  . ? 4_557 ? 
35 AC5 6  GLU A 155 ? GLU A 211  . ? 1_555 ? 
36 AC5 6  GLU A 158 ? GLU A 214  . ? 1_555 ? 
37 AC5 6  GLU A 159 ? GLU A 215  . ? 1_555 ? 
38 AC5 6  HOH G .   ? HOH A 2117 . ? 1_555 ? 
# 
_pdbx_validate_symm_contact.id                1 
_pdbx_validate_symm_contact.PDB_model_num     1 
_pdbx_validate_symm_contact.auth_atom_id_1    O 
_pdbx_validate_symm_contact.auth_asym_id_1    A 
_pdbx_validate_symm_contact.auth_comp_id_1    HOH 
_pdbx_validate_symm_contact.auth_seq_id_1     2009 
_pdbx_validate_symm_contact.PDB_ins_code_1    ? 
_pdbx_validate_symm_contact.label_alt_id_1    ? 
_pdbx_validate_symm_contact.site_symmetry_1   1_555 
_pdbx_validate_symm_contact.auth_atom_id_2    O 
_pdbx_validate_symm_contact.auth_asym_id_2    A 
_pdbx_validate_symm_contact.auth_comp_id_2    HOH 
_pdbx_validate_symm_contact.auth_seq_id_2     2009 
_pdbx_validate_symm_contact.PDB_ins_code_2    ? 
_pdbx_validate_symm_contact.label_alt_id_2    ? 
_pdbx_validate_symm_contact.site_symmetry_2   5_557 
_pdbx_validate_symm_contact.dist              1.36 
# 
_pdbx_validate_rmsd_bond.id                        1 
_pdbx_validate_rmsd_bond.PDB_model_num             1 
_pdbx_validate_rmsd_bond.auth_atom_id_1            CD 
_pdbx_validate_rmsd_bond.auth_asym_id_1            A 
_pdbx_validate_rmsd_bond.auth_comp_id_1            GLU 
_pdbx_validate_rmsd_bond.auth_seq_id_1             218 
_pdbx_validate_rmsd_bond.PDB_ins_code_1            ? 
_pdbx_validate_rmsd_bond.label_alt_id_1            ? 
_pdbx_validate_rmsd_bond.auth_atom_id_2            OE1 
_pdbx_validate_rmsd_bond.auth_asym_id_2            A 
_pdbx_validate_rmsd_bond.auth_comp_id_2            GLU 
_pdbx_validate_rmsd_bond.auth_seq_id_2             218 
_pdbx_validate_rmsd_bond.PDB_ins_code_2            ? 
_pdbx_validate_rmsd_bond.label_alt_id_2            ? 
_pdbx_validate_rmsd_bond.bond_value                1.364 
_pdbx_validate_rmsd_bond.bond_target_value         1.252 
_pdbx_validate_rmsd_bond.bond_deviation            0.112 
_pdbx_validate_rmsd_bond.bond_standard_deviation   0.011 
_pdbx_validate_rmsd_bond.linker_flag               N 
# 
loop_
_pdbx_validate_rmsd_angle.id 
_pdbx_validate_rmsd_angle.PDB_model_num 
_pdbx_validate_rmsd_angle.auth_atom_id_1 
_pdbx_validate_rmsd_angle.auth_asym_id_1 
_pdbx_validate_rmsd_angle.auth_comp_id_1 
_pdbx_validate_rmsd_angle.auth_seq_id_1 
_pdbx_validate_rmsd_angle.PDB_ins_code_1 
_pdbx_validate_rmsd_angle.label_alt_id_1 
_pdbx_validate_rmsd_angle.auth_atom_id_2 
_pdbx_validate_rmsd_angle.auth_asym_id_2 
_pdbx_validate_rmsd_angle.auth_comp_id_2 
_pdbx_validate_rmsd_angle.auth_seq_id_2 
_pdbx_validate_rmsd_angle.PDB_ins_code_2 
_pdbx_validate_rmsd_angle.label_alt_id_2 
_pdbx_validate_rmsd_angle.auth_atom_id_3 
_pdbx_validate_rmsd_angle.auth_asym_id_3 
_pdbx_validate_rmsd_angle.auth_comp_id_3 
_pdbx_validate_rmsd_angle.auth_seq_id_3 
_pdbx_validate_rmsd_angle.PDB_ins_code_3 
_pdbx_validate_rmsd_angle.label_alt_id_3 
_pdbx_validate_rmsd_angle.angle_value 
_pdbx_validate_rmsd_angle.angle_target_value 
_pdbx_validate_rmsd_angle.angle_deviation 
_pdbx_validate_rmsd_angle.angle_standard_deviation 
_pdbx_validate_rmsd_angle.linker_flag 
1 1 CG A GLU 218 ? ? CD A GLU 218 ? ? OE1 A GLU 218 ? ? 135.73 118.30 17.43  2.00 N 
2 1 CG A GLU 218 ? ? CD A GLU 218 ? ? OE2 A GLU 218 ? ? 105.86 118.30 -12.44 2.00 N 
# 
loop_
_pdbx_validate_torsion.id 
_pdbx_validate_torsion.PDB_model_num 
_pdbx_validate_torsion.auth_comp_id 
_pdbx_validate_torsion.auth_asym_id 
_pdbx_validate_torsion.auth_seq_id 
_pdbx_validate_torsion.PDB_ins_code 
_pdbx_validate_torsion.label_alt_id 
_pdbx_validate_torsion.phi 
_pdbx_validate_torsion.psi 
1 1 ILE A 66 ? ? -69.72 71.36 
2 1 PHE A 68 ? ? -91.71 43.96 
3 1 PRO A 90 ? ? -57.93 0.79  
# 
_pdbx_validate_peptide_omega.id               1 
_pdbx_validate_peptide_omega.PDB_model_num    1 
_pdbx_validate_peptide_omega.auth_comp_id_1   GLU 
_pdbx_validate_peptide_omega.auth_asym_id_1   A 
_pdbx_validate_peptide_omega.auth_seq_id_1    184 
_pdbx_validate_peptide_omega.PDB_ins_code_1   ? 
_pdbx_validate_peptide_omega.label_alt_id_1   ? 
_pdbx_validate_peptide_omega.auth_comp_id_2   PRO 
_pdbx_validate_peptide_omega.auth_asym_id_2   A 
_pdbx_validate_peptide_omega.auth_seq_id_2    185 
_pdbx_validate_peptide_omega.PDB_ins_code_2   ? 
_pdbx_validate_peptide_omega.label_alt_id_2   ? 
_pdbx_validate_peptide_omega.omega            -46.79 
# 
_pdbx_validate_main_chain_plane.id                       1 
_pdbx_validate_main_chain_plane.PDB_model_num            1 
_pdbx_validate_main_chain_plane.auth_comp_id             GLU 
_pdbx_validate_main_chain_plane.auth_asym_id             A 
_pdbx_validate_main_chain_plane.auth_seq_id              184 
_pdbx_validate_main_chain_plane.PDB_ins_code             ? 
_pdbx_validate_main_chain_plane.label_alt_id             ? 
_pdbx_validate_main_chain_plane.improper_torsion_angle   -11.77 
# 
_pdbx_entry_details.entry_id                 2WVI 
_pdbx_entry_details.compound_details         ? 
_pdbx_entry_details.source_details           ? 
_pdbx_entry_details.nonpolymer_details       
;ETHANE-1,2-DIOL (EDO): USED AS CRYOPROTECTANT
PRASEODYMIUM ION (PR): ESSENTIAL FOR HIGH RESOLUTION OF
 CRYSTALS AND USED FOR PHASING
;
_pdbx_entry_details.sequence_details         ? 
_pdbx_entry_details.has_ligand_of_interest   ? 
# 
_pdbx_distant_solvent_atoms.id                                1 
_pdbx_distant_solvent_atoms.PDB_model_num                     1 
_pdbx_distant_solvent_atoms.auth_atom_id                      O 
_pdbx_distant_solvent_atoms.label_alt_id                      ? 
_pdbx_distant_solvent_atoms.auth_asym_id                      A 
_pdbx_distant_solvent_atoms.auth_comp_id                      HOH 
_pdbx_distant_solvent_atoms.auth_seq_id                       2018 
_pdbx_distant_solvent_atoms.PDB_ins_code                      ? 
_pdbx_distant_solvent_atoms.neighbor_macromolecule_distance   6.99 
_pdbx_distant_solvent_atoms.neighbor_ligand_distance          . 
# 
loop_
_pdbx_unobs_or_zero_occ_residues.id 
_pdbx_unobs_or_zero_occ_residues.PDB_model_num 
_pdbx_unobs_or_zero_occ_residues.polymer_flag 
_pdbx_unobs_or_zero_occ_residues.occupancy_flag 
_pdbx_unobs_or_zero_occ_residues.auth_asym_id 
_pdbx_unobs_or_zero_occ_residues.auth_comp_id 
_pdbx_unobs_or_zero_occ_residues.auth_seq_id 
_pdbx_unobs_or_zero_occ_residues.PDB_ins_code 
_pdbx_unobs_or_zero_occ_residues.label_asym_id 
_pdbx_unobs_or_zero_occ_residues.label_comp_id 
_pdbx_unobs_or_zero_occ_residues.label_seq_id 
1 1 Y 1 A GLY 92 ? A GLY 36 
2 1 Y 1 A GLY 93 ? A GLY 37 
3 1 Y 1 A LYS 94 ? A LYS 38 
4 1 Y 1 A GLU 95 ? A GLU 39 
# 
loop_
_chem_comp_atom.comp_id 
_chem_comp_atom.atom_id 
_chem_comp_atom.type_symbol 
_chem_comp_atom.pdbx_aromatic_flag 
_chem_comp_atom.pdbx_stereo_config 
_chem_comp_atom.pdbx_ordinal 
ACT C    C  N N 1   
ACT O    O  N N 2   
ACT OXT  O  N N 3   
ACT CH3  C  N N 4   
ACT H1   H  N N 5   
ACT H2   H  N N 6   
ACT H3   H  N N 7   
ALA N    N  N N 8   
ALA CA   C  N S 9   
ALA C    C  N N 10  
ALA O    O  N N 11  
ALA CB   C  N N 12  
ALA OXT  O  N N 13  
ALA H    H  N N 14  
ALA H2   H  N N 15  
ALA HA   H  N N 16  
ALA HB1  H  N N 17  
ALA HB2  H  N N 18  
ALA HB3  H  N N 19  
ALA HXT  H  N N 20  
ARG N    N  N N 21  
ARG CA   C  N S 22  
ARG C    C  N N 23  
ARG O    O  N N 24  
ARG CB   C  N N 25  
ARG CG   C  N N 26  
ARG CD   C  N N 27  
ARG NE   N  N N 28  
ARG CZ   C  N N 29  
ARG NH1  N  N N 30  
ARG NH2  N  N N 31  
ARG OXT  O  N N 32  
ARG H    H  N N 33  
ARG H2   H  N N 34  
ARG HA   H  N N 35  
ARG HB2  H  N N 36  
ARG HB3  H  N N 37  
ARG HG2  H  N N 38  
ARG HG3  H  N N 39  
ARG HD2  H  N N 40  
ARG HD3  H  N N 41  
ARG HE   H  N N 42  
ARG HH11 H  N N 43  
ARG HH12 H  N N 44  
ARG HH21 H  N N 45  
ARG HH22 H  N N 46  
ARG HXT  H  N N 47  
ASN N    N  N N 48  
ASN CA   C  N S 49  
ASN C    C  N N 50  
ASN O    O  N N 51  
ASN CB   C  N N 52  
ASN CG   C  N N 53  
ASN OD1  O  N N 54  
ASN ND2  N  N N 55  
ASN OXT  O  N N 56  
ASN H    H  N N 57  
ASN H2   H  N N 58  
ASN HA   H  N N 59  
ASN HB2  H  N N 60  
ASN HB3  H  N N 61  
ASN HD21 H  N N 62  
ASN HD22 H  N N 63  
ASN HXT  H  N N 64  
ASP N    N  N N 65  
ASP CA   C  N S 66  
ASP C    C  N N 67  
ASP O    O  N N 68  
ASP CB   C  N N 69  
ASP CG   C  N N 70  
ASP OD1  O  N N 71  
ASP OD2  O  N N 72  
ASP OXT  O  N N 73  
ASP H    H  N N 74  
ASP H2   H  N N 75  
ASP HA   H  N N 76  
ASP HB2  H  N N 77  
ASP HB3  H  N N 78  
ASP HD2  H  N N 79  
ASP HXT  H  N N 80  
CYS N    N  N N 81  
CYS CA   C  N R 82  
CYS C    C  N N 83  
CYS O    O  N N 84  
CYS CB   C  N N 85  
CYS SG   S  N N 86  
CYS OXT  O  N N 87  
CYS H    H  N N 88  
CYS H2   H  N N 89  
CYS HA   H  N N 90  
CYS HB2  H  N N 91  
CYS HB3  H  N N 92  
CYS HG   H  N N 93  
CYS HXT  H  N N 94  
EDO C1   C  N N 95  
EDO O1   O  N N 96  
EDO C2   C  N N 97  
EDO O2   O  N N 98  
EDO H11  H  N N 99  
EDO H12  H  N N 100 
EDO HO1  H  N N 101 
EDO H21  H  N N 102 
EDO H22  H  N N 103 
EDO HO2  H  N N 104 
GLN N    N  N N 105 
GLN CA   C  N S 106 
GLN C    C  N N 107 
GLN O    O  N N 108 
GLN CB   C  N N 109 
GLN CG   C  N N 110 
GLN CD   C  N N 111 
GLN OE1  O  N N 112 
GLN NE2  N  N N 113 
GLN OXT  O  N N 114 
GLN H    H  N N 115 
GLN H2   H  N N 116 
GLN HA   H  N N 117 
GLN HB2  H  N N 118 
GLN HB3  H  N N 119 
GLN HG2  H  N N 120 
GLN HG3  H  N N 121 
GLN HE21 H  N N 122 
GLN HE22 H  N N 123 
GLN HXT  H  N N 124 
GLU N    N  N N 125 
GLU CA   C  N S 126 
GLU C    C  N N 127 
GLU O    O  N N 128 
GLU CB   C  N N 129 
GLU CG   C  N N 130 
GLU CD   C  N N 131 
GLU OE1  O  N N 132 
GLU OE2  O  N N 133 
GLU OXT  O  N N 134 
GLU H    H  N N 135 
GLU H2   H  N N 136 
GLU HA   H  N N 137 
GLU HB2  H  N N 138 
GLU HB3  H  N N 139 
GLU HG2  H  N N 140 
GLU HG3  H  N N 141 
GLU HE2  H  N N 142 
GLU HXT  H  N N 143 
GLY N    N  N N 144 
GLY CA   C  N N 145 
GLY C    C  N N 146 
GLY O    O  N N 147 
GLY OXT  O  N N 148 
GLY H    H  N N 149 
GLY H2   H  N N 150 
GLY HA2  H  N N 151 
GLY HA3  H  N N 152 
GLY HXT  H  N N 153 
HIS N    N  N N 154 
HIS CA   C  N S 155 
HIS C    C  N N 156 
HIS O    O  N N 157 
HIS CB   C  N N 158 
HIS CG   C  Y N 159 
HIS ND1  N  Y N 160 
HIS CD2  C  Y N 161 
HIS CE1  C  Y N 162 
HIS NE2  N  Y N 163 
HIS OXT  O  N N 164 
HIS H    H  N N 165 
HIS H2   H  N N 166 
HIS HA   H  N N 167 
HIS HB2  H  N N 168 
HIS HB3  H  N N 169 
HIS HD1  H  N N 170 
HIS HD2  H  N N 171 
HIS HE1  H  N N 172 
HIS HE2  H  N N 173 
HIS HXT  H  N N 174 
HOH O    O  N N 175 
HOH H1   H  N N 176 
HOH H2   H  N N 177 
ILE N    N  N N 178 
ILE CA   C  N S 179 
ILE C    C  N N 180 
ILE O    O  N N 181 
ILE CB   C  N S 182 
ILE CG1  C  N N 183 
ILE CG2  C  N N 184 
ILE CD1  C  N N 185 
ILE OXT  O  N N 186 
ILE H    H  N N 187 
ILE H2   H  N N 188 
ILE HA   H  N N 189 
ILE HB   H  N N 190 
ILE HG12 H  N N 191 
ILE HG13 H  N N 192 
ILE HG21 H  N N 193 
ILE HG22 H  N N 194 
ILE HG23 H  N N 195 
ILE HD11 H  N N 196 
ILE HD12 H  N N 197 
ILE HD13 H  N N 198 
ILE HXT  H  N N 199 
LEU N    N  N N 200 
LEU CA   C  N S 201 
LEU C    C  N N 202 
LEU O    O  N N 203 
LEU CB   C  N N 204 
LEU CG   C  N N 205 
LEU CD1  C  N N 206 
LEU CD2  C  N N 207 
LEU OXT  O  N N 208 
LEU H    H  N N 209 
LEU H2   H  N N 210 
LEU HA   H  N N 211 
LEU HB2  H  N N 212 
LEU HB3  H  N N 213 
LEU HG   H  N N 214 
LEU HD11 H  N N 215 
LEU HD12 H  N N 216 
LEU HD13 H  N N 217 
LEU HD21 H  N N 218 
LEU HD22 H  N N 219 
LEU HD23 H  N N 220 
LEU HXT  H  N N 221 
LYS N    N  N N 222 
LYS CA   C  N S 223 
LYS C    C  N N 224 
LYS O    O  N N 225 
LYS CB   C  N N 226 
LYS CG   C  N N 227 
LYS CD   C  N N 228 
LYS CE   C  N N 229 
LYS NZ   N  N N 230 
LYS OXT  O  N N 231 
LYS H    H  N N 232 
LYS H2   H  N N 233 
LYS HA   H  N N 234 
LYS HB2  H  N N 235 
LYS HB3  H  N N 236 
LYS HG2  H  N N 237 
LYS HG3  H  N N 238 
LYS HD2  H  N N 239 
LYS HD3  H  N N 240 
LYS HE2  H  N N 241 
LYS HE3  H  N N 242 
LYS HZ1  H  N N 243 
LYS HZ2  H  N N 244 
LYS HZ3  H  N N 245 
LYS HXT  H  N N 246 
MET N    N  N N 247 
MET CA   C  N S 248 
MET C    C  N N 249 
MET O    O  N N 250 
MET CB   C  N N 251 
MET CG   C  N N 252 
MET SD   S  N N 253 
MET CE   C  N N 254 
MET OXT  O  N N 255 
MET H    H  N N 256 
MET H2   H  N N 257 
MET HA   H  N N 258 
MET HB2  H  N N 259 
MET HB3  H  N N 260 
MET HG2  H  N N 261 
MET HG3  H  N N 262 
MET HE1  H  N N 263 
MET HE2  H  N N 264 
MET HE3  H  N N 265 
MET HXT  H  N N 266 
PHE N    N  N N 267 
PHE CA   C  N S 268 
PHE C    C  N N 269 
PHE O    O  N N 270 
PHE CB   C  N N 271 
PHE CG   C  Y N 272 
PHE CD1  C  Y N 273 
PHE CD2  C  Y N 274 
PHE CE1  C  Y N 275 
PHE CE2  C  Y N 276 
PHE CZ   C  Y N 277 
PHE OXT  O  N N 278 
PHE H    H  N N 279 
PHE H2   H  N N 280 
PHE HA   H  N N 281 
PHE HB2  H  N N 282 
PHE HB3  H  N N 283 
PHE HD1  H  N N 284 
PHE HD2  H  N N 285 
PHE HE1  H  N N 286 
PHE HE2  H  N N 287 
PHE HZ   H  N N 288 
PHE HXT  H  N N 289 
PR  PR   PR N N 290 
PRO N    N  N N 291 
PRO CA   C  N S 292 
PRO C    C  N N 293 
PRO O    O  N N 294 
PRO CB   C  N N 295 
PRO CG   C  N N 296 
PRO CD   C  N N 297 
PRO OXT  O  N N 298 
PRO H    H  N N 299 
PRO HA   H  N N 300 
PRO HB2  H  N N 301 
PRO HB3  H  N N 302 
PRO HG2  H  N N 303 
PRO HG3  H  N N 304 
PRO HD2  H  N N 305 
PRO HD3  H  N N 306 
PRO HXT  H  N N 307 
SER N    N  N N 308 
SER CA   C  N S 309 
SER C    C  N N 310 
SER O    O  N N 311 
SER CB   C  N N 312 
SER OG   O  N N 313 
SER OXT  O  N N 314 
SER H    H  N N 315 
SER H2   H  N N 316 
SER HA   H  N N 317 
SER HB2  H  N N 318 
SER HB3  H  N N 319 
SER HG   H  N N 320 
SER HXT  H  N N 321 
THR N    N  N N 322 
THR CA   C  N S 323 
THR C    C  N N 324 
THR O    O  N N 325 
THR CB   C  N R 326 
THR OG1  O  N N 327 
THR CG2  C  N N 328 
THR OXT  O  N N 329 
THR H    H  N N 330 
THR H2   H  N N 331 
THR HA   H  N N 332 
THR HB   H  N N 333 
THR HG1  H  N N 334 
THR HG21 H  N N 335 
THR HG22 H  N N 336 
THR HG23 H  N N 337 
THR HXT  H  N N 338 
TRP N    N  N N 339 
TRP CA   C  N S 340 
TRP C    C  N N 341 
TRP O    O  N N 342 
TRP CB   C  N N 343 
TRP CG   C  Y N 344 
TRP CD1  C  Y N 345 
TRP CD2  C  Y N 346 
TRP NE1  N  Y N 347 
TRP CE2  C  Y N 348 
TRP CE3  C  Y N 349 
TRP CZ2  C  Y N 350 
TRP CZ3  C  Y N 351 
TRP CH2  C  Y N 352 
TRP OXT  O  N N 353 
TRP H    H  N N 354 
TRP H2   H  N N 355 
TRP HA   H  N N 356 
TRP HB2  H  N N 357 
TRP HB3  H  N N 358 
TRP HD1  H  N N 359 
TRP HE1  H  N N 360 
TRP HE3  H  N N 361 
TRP HZ2  H  N N 362 
TRP HZ3  H  N N 363 
TRP HH2  H  N N 364 
TRP HXT  H  N N 365 
TYR N    N  N N 366 
TYR CA   C  N S 367 
TYR C    C  N N 368 
TYR O    O  N N 369 
TYR CB   C  N N 370 
TYR CG   C  Y N 371 
TYR CD1  C  Y N 372 
TYR CD2  C  Y N 373 
TYR CE1  C  Y N 374 
TYR CE2  C  Y N 375 
TYR CZ   C  Y N 376 
TYR OH   O  N N 377 
TYR OXT  O  N N 378 
TYR H    H  N N 379 
TYR H2   H  N N 380 
TYR HA   H  N N 381 
TYR HB2  H  N N 382 
TYR HB3  H  N N 383 
TYR HD1  H  N N 384 
TYR HD2  H  N N 385 
TYR HE1  H  N N 386 
TYR HE2  H  N N 387 
TYR HH   H  N N 388 
TYR HXT  H  N N 389 
VAL N    N  N N 390 
VAL CA   C  N S 391 
VAL C    C  N N 392 
VAL O    O  N N 393 
VAL CB   C  N N 394 
VAL CG1  C  N N 395 
VAL CG2  C  N N 396 
VAL OXT  O  N N 397 
VAL H    H  N N 398 
VAL H2   H  N N 399 
VAL HA   H  N N 400 
VAL HB   H  N N 401 
VAL HG11 H  N N 402 
VAL HG12 H  N N 403 
VAL HG13 H  N N 404 
VAL HG21 H  N N 405 
VAL HG22 H  N N 406 
VAL HG23 H  N N 407 
VAL HXT  H  N N 408 
# 
loop_
_chem_comp_bond.comp_id 
_chem_comp_bond.atom_id_1 
_chem_comp_bond.atom_id_2 
_chem_comp_bond.value_order 
_chem_comp_bond.pdbx_aromatic_flag 
_chem_comp_bond.pdbx_stereo_config 
_chem_comp_bond.pdbx_ordinal 
ACT C   O    doub N N 1   
ACT C   OXT  sing N N 2   
ACT C   CH3  sing N N 3   
ACT CH3 H1   sing N N 4   
ACT CH3 H2   sing N N 5   
ACT CH3 H3   sing N N 6   
ALA N   CA   sing N N 7   
ALA N   H    sing N N 8   
ALA N   H2   sing N N 9   
ALA CA  C    sing N N 10  
ALA CA  CB   sing N N 11  
ALA CA  HA   sing N N 12  
ALA C   O    doub N N 13  
ALA C   OXT  sing N N 14  
ALA CB  HB1  sing N N 15  
ALA CB  HB2  sing N N 16  
ALA CB  HB3  sing N N 17  
ALA OXT HXT  sing N N 18  
ARG N   CA   sing N N 19  
ARG N   H    sing N N 20  
ARG N   H2   sing N N 21  
ARG CA  C    sing N N 22  
ARG CA  CB   sing N N 23  
ARG CA  HA   sing N N 24  
ARG C   O    doub N N 25  
ARG C   OXT  sing N N 26  
ARG CB  CG   sing N N 27  
ARG CB  HB2  sing N N 28  
ARG CB  HB3  sing N N 29  
ARG CG  CD   sing N N 30  
ARG CG  HG2  sing N N 31  
ARG CG  HG3  sing N N 32  
ARG CD  NE   sing N N 33  
ARG CD  HD2  sing N N 34  
ARG CD  HD3  sing N N 35  
ARG NE  CZ   sing N N 36  
ARG NE  HE   sing N N 37  
ARG CZ  NH1  sing N N 38  
ARG CZ  NH2  doub N N 39  
ARG NH1 HH11 sing N N 40  
ARG NH1 HH12 sing N N 41  
ARG NH2 HH21 sing N N 42  
ARG NH2 HH22 sing N N 43  
ARG OXT HXT  sing N N 44  
ASN N   CA   sing N N 45  
ASN N   H    sing N N 46  
ASN N   H2   sing N N 47  
ASN CA  C    sing N N 48  
ASN CA  CB   sing N N 49  
ASN CA  HA   sing N N 50  
ASN C   O    doub N N 51  
ASN C   OXT  sing N N 52  
ASN CB  CG   sing N N 53  
ASN CB  HB2  sing N N 54  
ASN CB  HB3  sing N N 55  
ASN CG  OD1  doub N N 56  
ASN CG  ND2  sing N N 57  
ASN ND2 HD21 sing N N 58  
ASN ND2 HD22 sing N N 59  
ASN OXT HXT  sing N N 60  
ASP N   CA   sing N N 61  
ASP N   H    sing N N 62  
ASP N   H2   sing N N 63  
ASP CA  C    sing N N 64  
ASP CA  CB   sing N N 65  
ASP CA  HA   sing N N 66  
ASP C   O    doub N N 67  
ASP C   OXT  sing N N 68  
ASP CB  CG   sing N N 69  
ASP CB  HB2  sing N N 70  
ASP CB  HB3  sing N N 71  
ASP CG  OD1  doub N N 72  
ASP CG  OD2  sing N N 73  
ASP OD2 HD2  sing N N 74  
ASP OXT HXT  sing N N 75  
CYS N   CA   sing N N 76  
CYS N   H    sing N N 77  
CYS N   H2   sing N N 78  
CYS CA  C    sing N N 79  
CYS CA  CB   sing N N 80  
CYS CA  HA   sing N N 81  
CYS C   O    doub N N 82  
CYS C   OXT  sing N N 83  
CYS CB  SG   sing N N 84  
CYS CB  HB2  sing N N 85  
CYS CB  HB3  sing N N 86  
CYS SG  HG   sing N N 87  
CYS OXT HXT  sing N N 88  
EDO C1  O1   sing N N 89  
EDO C1  C2   sing N N 90  
EDO C1  H11  sing N N 91  
EDO C1  H12  sing N N 92  
EDO O1  HO1  sing N N 93  
EDO C2  O2   sing N N 94  
EDO C2  H21  sing N N 95  
EDO C2  H22  sing N N 96  
EDO O2  HO2  sing N N 97  
GLN N   CA   sing N N 98  
GLN N   H    sing N N 99  
GLN N   H2   sing N N 100 
GLN CA  C    sing N N 101 
GLN CA  CB   sing N N 102 
GLN CA  HA   sing N N 103 
GLN C   O    doub N N 104 
GLN C   OXT  sing N N 105 
GLN CB  CG   sing N N 106 
GLN CB  HB2  sing N N 107 
GLN CB  HB3  sing N N 108 
GLN CG  CD   sing N N 109 
GLN CG  HG2  sing N N 110 
GLN CG  HG3  sing N N 111 
GLN CD  OE1  doub N N 112 
GLN CD  NE2  sing N N 113 
GLN NE2 HE21 sing N N 114 
GLN NE2 HE22 sing N N 115 
GLN OXT HXT  sing N N 116 
GLU N   CA   sing N N 117 
GLU N   H    sing N N 118 
GLU N   H2   sing N N 119 
GLU CA  C    sing N N 120 
GLU CA  CB   sing N N 121 
GLU CA  HA   sing N N 122 
GLU C   O    doub N N 123 
GLU C   OXT  sing N N 124 
GLU CB  CG   sing N N 125 
GLU CB  HB2  sing N N 126 
GLU CB  HB3  sing N N 127 
GLU CG  CD   sing N N 128 
GLU CG  HG2  sing N N 129 
GLU CG  HG3  sing N N 130 
GLU CD  OE1  doub N N 131 
GLU CD  OE2  sing N N 132 
GLU OE2 HE2  sing N N 133 
GLU OXT HXT  sing N N 134 
GLY N   CA   sing N N 135 
GLY N   H    sing N N 136 
GLY N   H2   sing N N 137 
GLY CA  C    sing N N 138 
GLY CA  HA2  sing N N 139 
GLY CA  HA3  sing N N 140 
GLY C   O    doub N N 141 
GLY C   OXT  sing N N 142 
GLY OXT HXT  sing N N 143 
HIS N   CA   sing N N 144 
HIS N   H    sing N N 145 
HIS N   H2   sing N N 146 
HIS CA  C    sing N N 147 
HIS CA  CB   sing N N 148 
HIS CA  HA   sing N N 149 
HIS C   O    doub N N 150 
HIS C   OXT  sing N N 151 
HIS CB  CG   sing N N 152 
HIS CB  HB2  sing N N 153 
HIS CB  HB3  sing N N 154 
HIS CG  ND1  sing Y N 155 
HIS CG  CD2  doub Y N 156 
HIS ND1 CE1  doub Y N 157 
HIS ND1 HD1  sing N N 158 
HIS CD2 NE2  sing Y N 159 
HIS CD2 HD2  sing N N 160 
HIS CE1 NE2  sing Y N 161 
HIS CE1 HE1  sing N N 162 
HIS NE2 HE2  sing N N 163 
HIS OXT HXT  sing N N 164 
HOH O   H1   sing N N 165 
HOH O   H2   sing N N 166 
ILE N   CA   sing N N 167 
ILE N   H    sing N N 168 
ILE N   H2   sing N N 169 
ILE CA  C    sing N N 170 
ILE CA  CB   sing N N 171 
ILE CA  HA   sing N N 172 
ILE C   O    doub N N 173 
ILE C   OXT  sing N N 174 
ILE CB  CG1  sing N N 175 
ILE CB  CG2  sing N N 176 
ILE CB  HB   sing N N 177 
ILE CG1 CD1  sing N N 178 
ILE CG1 HG12 sing N N 179 
ILE CG1 HG13 sing N N 180 
ILE CG2 HG21 sing N N 181 
ILE CG2 HG22 sing N N 182 
ILE CG2 HG23 sing N N 183 
ILE CD1 HD11 sing N N 184 
ILE CD1 HD12 sing N N 185 
ILE CD1 HD13 sing N N 186 
ILE OXT HXT  sing N N 187 
LEU N   CA   sing N N 188 
LEU N   H    sing N N 189 
LEU N   H2   sing N N 190 
LEU CA  C    sing N N 191 
LEU CA  CB   sing N N 192 
LEU CA  HA   sing N N 193 
LEU C   O    doub N N 194 
LEU C   OXT  sing N N 195 
LEU CB  CG   sing N N 196 
LEU CB  HB2  sing N N 197 
LEU CB  HB3  sing N N 198 
LEU CG  CD1  sing N N 199 
LEU CG  CD2  sing N N 200 
LEU CG  HG   sing N N 201 
LEU CD1 HD11 sing N N 202 
LEU CD1 HD12 sing N N 203 
LEU CD1 HD13 sing N N 204 
LEU CD2 HD21 sing N N 205 
LEU CD2 HD22 sing N N 206 
LEU CD2 HD23 sing N N 207 
LEU OXT HXT  sing N N 208 
LYS N   CA   sing N N 209 
LYS N   H    sing N N 210 
LYS N   H2   sing N N 211 
LYS CA  C    sing N N 212 
LYS CA  CB   sing N N 213 
LYS CA  HA   sing N N 214 
LYS C   O    doub N N 215 
LYS C   OXT  sing N N 216 
LYS CB  CG   sing N N 217 
LYS CB  HB2  sing N N 218 
LYS CB  HB3  sing N N 219 
LYS CG  CD   sing N N 220 
LYS CG  HG2  sing N N 221 
LYS CG  HG3  sing N N 222 
LYS CD  CE   sing N N 223 
LYS CD  HD2  sing N N 224 
LYS CD  HD3  sing N N 225 
LYS CE  NZ   sing N N 226 
LYS CE  HE2  sing N N 227 
LYS CE  HE3  sing N N 228 
LYS NZ  HZ1  sing N N 229 
LYS NZ  HZ2  sing N N 230 
LYS NZ  HZ3  sing N N 231 
LYS OXT HXT  sing N N 232 
MET N   CA   sing N N 233 
MET N   H    sing N N 234 
MET N   H2   sing N N 235 
MET CA  C    sing N N 236 
MET CA  CB   sing N N 237 
MET CA  HA   sing N N 238 
MET C   O    doub N N 239 
MET C   OXT  sing N N 240 
MET CB  CG   sing N N 241 
MET CB  HB2  sing N N 242 
MET CB  HB3  sing N N 243 
MET CG  SD   sing N N 244 
MET CG  HG2  sing N N 245 
MET CG  HG3  sing N N 246 
MET SD  CE   sing N N 247 
MET CE  HE1  sing N N 248 
MET CE  HE2  sing N N 249 
MET CE  HE3  sing N N 250 
MET OXT HXT  sing N N 251 
PHE N   CA   sing N N 252 
PHE N   H    sing N N 253 
PHE N   H2   sing N N 254 
PHE CA  C    sing N N 255 
PHE CA  CB   sing N N 256 
PHE CA  HA   sing N N 257 
PHE C   O    doub N N 258 
PHE C   OXT  sing N N 259 
PHE CB  CG   sing N N 260 
PHE CB  HB2  sing N N 261 
PHE CB  HB3  sing N N 262 
PHE CG  CD1  doub Y N 263 
PHE CG  CD2  sing Y N 264 
PHE CD1 CE1  sing Y N 265 
PHE CD1 HD1  sing N N 266 
PHE CD2 CE2  doub Y N 267 
PHE CD2 HD2  sing N N 268 
PHE CE1 CZ   doub Y N 269 
PHE CE1 HE1  sing N N 270 
PHE CE2 CZ   sing Y N 271 
PHE CE2 HE2  sing N N 272 
PHE CZ  HZ   sing N N 273 
PHE OXT HXT  sing N N 274 
PRO N   CA   sing N N 275 
PRO N   CD   sing N N 276 
PRO N   H    sing N N 277 
PRO CA  C    sing N N 278 
PRO CA  CB   sing N N 279 
PRO CA  HA   sing N N 280 
PRO C   O    doub N N 281 
PRO C   OXT  sing N N 282 
PRO CB  CG   sing N N 283 
PRO CB  HB2  sing N N 284 
PRO CB  HB3  sing N N 285 
PRO CG  CD   sing N N 286 
PRO CG  HG2  sing N N 287 
PRO CG  HG3  sing N N 288 
PRO CD  HD2  sing N N 289 
PRO CD  HD3  sing N N 290 
PRO OXT HXT  sing N N 291 
SER N   CA   sing N N 292 
SER N   H    sing N N 293 
SER N   H2   sing N N 294 
SER CA  C    sing N N 295 
SER CA  CB   sing N N 296 
SER CA  HA   sing N N 297 
SER C   O    doub N N 298 
SER C   OXT  sing N N 299 
SER CB  OG   sing N N 300 
SER CB  HB2  sing N N 301 
SER CB  HB3  sing N N 302 
SER OG  HG   sing N N 303 
SER OXT HXT  sing N N 304 
THR N   CA   sing N N 305 
THR N   H    sing N N 306 
THR N   H2   sing N N 307 
THR CA  C    sing N N 308 
THR CA  CB   sing N N 309 
THR CA  HA   sing N N 310 
THR C   O    doub N N 311 
THR C   OXT  sing N N 312 
THR CB  OG1  sing N N 313 
THR CB  CG2  sing N N 314 
THR CB  HB   sing N N 315 
THR OG1 HG1  sing N N 316 
THR CG2 HG21 sing N N 317 
THR CG2 HG22 sing N N 318 
THR CG2 HG23 sing N N 319 
THR OXT HXT  sing N N 320 
TRP N   CA   sing N N 321 
TRP N   H    sing N N 322 
TRP N   H2   sing N N 323 
TRP CA  C    sing N N 324 
TRP CA  CB   sing N N 325 
TRP CA  HA   sing N N 326 
TRP C   O    doub N N 327 
TRP C   OXT  sing N N 328 
TRP CB  CG   sing N N 329 
TRP CB  HB2  sing N N 330 
TRP CB  HB3  sing N N 331 
TRP CG  CD1  doub Y N 332 
TRP CG  CD2  sing Y N 333 
TRP CD1 NE1  sing Y N 334 
TRP CD1 HD1  sing N N 335 
TRP CD2 CE2  doub Y N 336 
TRP CD2 CE3  sing Y N 337 
TRP NE1 CE2  sing Y N 338 
TRP NE1 HE1  sing N N 339 
TRP CE2 CZ2  sing Y N 340 
TRP CE3 CZ3  doub Y N 341 
TRP CE3 HE3  sing N N 342 
TRP CZ2 CH2  doub Y N 343 
TRP CZ2 HZ2  sing N N 344 
TRP CZ3 CH2  sing Y N 345 
TRP CZ3 HZ3  sing N N 346 
TRP CH2 HH2  sing N N 347 
TRP OXT HXT  sing N N 348 
TYR N   CA   sing N N 349 
TYR N   H    sing N N 350 
TYR N   H2   sing N N 351 
TYR CA  C    sing N N 352 
TYR CA  CB   sing N N 353 
TYR CA  HA   sing N N 354 
TYR C   O    doub N N 355 
TYR C   OXT  sing N N 356 
TYR CB  CG   sing N N 357 
TYR CB  HB2  sing N N 358 
TYR CB  HB3  sing N N 359 
TYR CG  CD1  doub Y N 360 
TYR CG  CD2  sing Y N 361 
TYR CD1 CE1  sing Y N 362 
TYR CD1 HD1  sing N N 363 
TYR CD2 CE2  doub Y N 364 
TYR CD2 HD2  sing N N 365 
TYR CE1 CZ   doub Y N 366 
TYR CE1 HE1  sing N N 367 
TYR CE2 CZ   sing Y N 368 
TYR CE2 HE2  sing N N 369 
TYR CZ  OH   sing N N 370 
TYR OH  HH   sing N N 371 
TYR OXT HXT  sing N N 372 
VAL N   CA   sing N N 373 
VAL N   H    sing N N 374 
VAL N   H2   sing N N 375 
VAL CA  C    sing N N 376 
VAL CA  CB   sing N N 377 
VAL CA  HA   sing N N 378 
VAL C   O    doub N N 379 
VAL C   OXT  sing N N 380 
VAL CB  CG1  sing N N 381 
VAL CB  CG2  sing N N 382 
VAL CB  HB   sing N N 383 
VAL CG1 HG11 sing N N 384 
VAL CG1 HG12 sing N N 385 
VAL CG1 HG13 sing N N 386 
VAL CG2 HG21 sing N N 387 
VAL CG2 HG22 sing N N 388 
VAL CG2 HG23 sing N N 389 
VAL OXT HXT  sing N N 390 
# 
_atom_sites.entry_id                    2WVI 
_atom_sites.fract_transf_matrix[1][1]   0.01485762 
_atom_sites.fract_transf_matrix[1][2]   0.01076746 
_atom_sites.fract_transf_matrix[1][3]   0.00120344 
_atom_sites.fract_transf_matrix[2][1]   0.01036542 
_atom_sites.fract_transf_matrix[2][2]   0.00306076 
_atom_sites.fract_transf_matrix[2][3]   -0.01487644 
_atom_sites.fract_transf_matrix[3][1]   -0.00618685 
_atom_sites.fract_transf_matrix[3][2]   0.00881608 
_atom_sites.fract_transf_matrix[3][3]   -0.00249693 
_atom_sites.fract_transf_vector[1]      0.675343 
_atom_sites.fract_transf_vector[2]      0.247810 
_atom_sites.fract_transf_vector[3]      1.004089 
# 
loop_
_atom_type.symbol 
C  
N  
O  
PR 
S  
# 
loop_
_atom_site.group_PDB 
_atom_site.id 
_atom_site.type_symbol 
_atom_site.label_atom_id 
_atom_site.label_alt_id 
_atom_site.label_comp_id 
_atom_site.label_asym_id 
_atom_site.label_entity_id 
_atom_site.label_seq_id 
_atom_site.pdbx_PDB_ins_code 
_atom_site.Cartn_x 
_atom_site.Cartn_y 
_atom_site.Cartn_z 
_atom_site.occupancy 
_atom_site.B_iso_or_equiv 
_atom_site.pdbx_formal_charge 
_atom_site.auth_seq_id 
_atom_site.auth_comp_id 
_atom_site.auth_asym_id 
_atom_site.auth_atom_id 
_atom_site.pdbx_PDB_model_num 
ATOM   1    N  N   . GLN A 1 1   ? 18.473  8.867   27.774  1.00 76.86 ? 57   GLN A N   1 
ATOM   2    C  CA  . GLN A 1 1   ? 18.484  8.672   26.294  1.00 77.08 ? 57   GLN A CA  1 
ATOM   3    C  C   . GLN A 1 1   ? 17.682  9.729   25.529  1.00 77.01 ? 57   GLN A C   1 
ATOM   4    O  O   . GLN A 1 1   ? 17.943  10.933  25.620  1.00 76.98 ? 57   GLN A O   1 
ATOM   5    C  CB  . GLN A 1 1   ? 17.956  7.272   25.941  1.00 77.10 ? 57   GLN A CB  1 
ATOM   6    C  CG  . GLN A 1 1   ? 19.010  6.320   25.394  1.00 77.28 ? 57   GLN A CG  1 
ATOM   7    C  CD  . GLN A 1 1   ? 19.396  6.597   23.943  1.00 77.11 ? 57   GLN A CD  1 
ATOM   8    O  OE1 . GLN A 1 1   ? 19.473  7.749   23.499  1.00 76.82 ? 57   GLN A OE1 1 
ATOM   9    N  NE2 . GLN A 1 1   ? 19.659  5.529   23.200  1.00 76.91 ? 57   GLN A NE2 1 
ATOM   10   N  N   . GLN A 1 2   ? 16.740  9.236   24.732  1.00 77.02 ? 58   GLN A N   1 
ATOM   11   C  CA  . GLN A 1 2   ? 15.699  10.038  24.118  1.00 76.75 ? 58   GLN A CA  1 
ATOM   12   C  C   . GLN A 1 2   ? 14.457  9.139   24.110  1.00 76.37 ? 58   GLN A C   1 
ATOM   13   O  O   . GLN A 1 2   ? 14.000  8.636   23.072  1.00 76.08 ? 58   GLN A O   1 
ATOM   14   C  CB  . GLN A 1 2   ? 16.111  10.551  22.724  1.00 76.99 ? 58   GLN A CB  1 
ATOM   15   C  CG  . GLN A 1 2   ? 15.395  9.933   21.499  1.00 77.58 ? 58   GLN A CG  1 
ATOM   16   C  CD  . GLN A 1 2   ? 16.025  8.637   20.976  1.00 78.02 ? 58   GLN A CD  1 
ATOM   17   O  OE1 . GLN A 1 2   ? 16.481  8.579   19.834  1.00 78.43 ? 58   GLN A OE1 1 
ATOM   18   N  NE2 . GLN A 1 2   ? 16.026  7.593   21.798  1.00 77.58 ? 58   GLN A NE2 1 
ATOM   19   N  N   . LYS A 1 3   ? 13.934  8.901   25.305  1.00 75.60 ? 59   LYS A N   1 
ATOM   20   C  CA  . LYS A 1 3   ? 12.631  8.301   25.400  1.00 74.84 ? 59   LYS A CA  1 
ATOM   21   C  C   . LYS A 1 3   ? 11.603  9.411   25.192  1.00 74.24 ? 59   LYS A C   1 
ATOM   22   O  O   . LYS A 1 3   ? 10.774  9.692   26.057  1.00 74.30 ? 59   LYS A O   1 
ATOM   23   C  CB  . LYS A 1 3   ? 12.460  7.532   26.707  1.00 75.09 ? 59   LYS A CB  1 
ATOM   24   C  CG  . LYS A 1 3   ? 13.296  6.241   26.740  1.00 75.78 ? 59   LYS A CG  1 
ATOM   25   C  CD  . LYS A 1 3   ? 12.595  5.106   27.501  1.00 76.87 ? 59   LYS A CD  1 
ATOM   26   C  CE  . LYS A 1 3   ? 13.046  3.731   26.984  1.00 77.23 ? 59   LYS A CE  1 
ATOM   27   N  NZ  . LYS A 1 3   ? 12.570  2.607   27.847  1.00 76.58 ? 59   LYS A NZ  1 
ATOM   28   N  N   . ARG A 1 4   ? 11.709  10.069  24.032  1.00 73.15 ? 60   ARG A N   1 
ATOM   29   C  CA  . ARG A 1 4   ? 10.638  10.892  23.481  1.00 71.72 ? 60   ARG A CA  1 
ATOM   30   C  C   . ARG A 1 4   ? 9.473   9.940   23.277  1.00 70.61 ? 60   ARG A C   1 
ATOM   31   O  O   . ARG A 1 4   ? 8.324   10.358  23.160  1.00 70.54 ? 60   ARG A O   1 
ATOM   32   C  CB  . ARG A 1 4   ? 11.025  11.524  22.135  1.00 71.74 ? 60   ARG A CB  1 
ATOM   33   C  CG  . ARG A 1 4   ? 12.346  12.291  22.092  1.00 72.15 ? 60   ARG A CG  1 
ATOM   34   C  CD  . ARG A 1 4   ? 12.351  13.198  20.884  1.00 73.07 ? 60   ARG A CD  1 
ATOM   35   N  NE  . ARG A 1 4   ? 13.692  13.465  20.370  1.00 74.49 ? 60   ARG A NE  1 
ATOM   36   C  CZ  . ARG A 1 4   ? 13.939  14.098  19.222  1.00 75.73 ? 60   ARG A CZ  1 
ATOM   37   N  NH1 . ARG A 1 4   ? 12.934  14.530  18.463  1.00 75.58 ? 60   ARG A NH1 1 
ATOM   38   N  NH2 . ARG A 1 4   ? 15.193  14.300  18.821  1.00 75.62 ? 60   ARG A NH2 1 
ATOM   39   N  N   . ALA A 1 5   ? 9.798   8.649   23.221  1.00 69.18 ? 61   ALA A N   1 
ATOM   40   C  CA  . ALA A 1 5   ? 8.818   7.587   23.294  1.00 68.20 ? 61   ALA A CA  1 
ATOM   41   C  C   . ALA A 1 5   ? 7.858   7.867   24.451  1.00 67.47 ? 61   ALA A C   1 
ATOM   42   O  O   . ALA A 1 5   ? 6.657   7.725   24.289  1.00 67.12 ? 61   ALA A O   1 
ATOM   43   C  CB  . ALA A 1 5   ? 9.507   6.235   23.461  1.00 68.10 ? 61   ALA A CB  1 
ATOM   44   N  N   . PHE A 1 6   ? 8.396   8.294   25.602  1.00 66.84 ? 62   PHE A N   1 
ATOM   45   C  CA  . PHE A 1 6   ? 7.585   8.721   26.764  1.00 65.96 ? 62   PHE A CA  1 
ATOM   46   C  C   . PHE A 1 6   ? 6.682   9.920   26.432  1.00 64.69 ? 62   PHE A C   1 
ATOM   47   O  O   . PHE A 1 6   ? 5.502   9.910   26.769  1.00 64.33 ? 62   PHE A O   1 
ATOM   48   C  CB  . PHE A 1 6   ? 8.456   9.080   27.996  1.00 66.33 ? 62   PHE A CB  1 
ATOM   49   C  CG  . PHE A 1 6   ? 8.713   7.928   28.961  1.00 67.39 ? 62   PHE A CG  1 
ATOM   50   C  CD1 . PHE A 1 6   ? 7.725   6.971   29.242  1.00 68.47 ? 62   PHE A CD1 1 
ATOM   51   C  CD2 . PHE A 1 6   ? 9.945   7.835   29.628  1.00 68.05 ? 62   PHE A CD2 1 
ATOM   52   C  CE1 . PHE A 1 6   ? 7.968   5.917   30.146  1.00 68.89 ? 62   PHE A CE1 1 
ATOM   53   C  CE2 . PHE A 1 6   ? 10.205  6.788   30.529  1.00 69.06 ? 62   PHE A CE2 1 
ATOM   54   C  CZ  . PHE A 1 6   ? 9.213   5.827   30.794  1.00 68.84 ? 62   PHE A CZ  1 
ATOM   55   N  N   . GLU A 1 7   ? 7.245   10.952  25.801  1.00 63.46 ? 63   GLU A N   1 
ATOM   56   C  CA  . GLU A 1 7   ? 6.480   12.154  25.444  1.00 62.84 ? 63   GLU A CA  1 
ATOM   57   C  C   . GLU A 1 7   ? 5.254   11.812  24.603  1.00 61.23 ? 63   GLU A C   1 
ATOM   58   O  O   . GLU A 1 7   ? 4.181   12.361  24.825  1.00 61.36 ? 63   GLU A O   1 
ATOM   59   C  CB  . GLU A 1 7   ? 7.347   13.190  24.716  1.00 62.77 ? 63   GLU A CB  1 
ATOM   60   C  CG  . GLU A 1 7   ? 7.807   14.380  25.578  1.00 64.67 ? 63   GLU A CG  1 
ATOM   61   C  CD  . GLU A 1 7   ? 8.472   15.516  24.761  1.00 64.75 ? 63   GLU A CD  1 
ATOM   62   O  OE1 . GLU A 1 7   ? 9.164   15.212  23.759  1.00 66.20 ? 63   GLU A OE1 1 
ATOM   63   O  OE2 . GLU A 1 7   ? 8.315   16.714  25.129  1.00 66.74 ? 63   GLU A OE2 1 
ATOM   64   N  N   . TYR A 1 8   ? 5.415   10.902  23.646  1.00 59.44 ? 64   TYR A N   1 
ATOM   65   C  CA  . TYR A 1 8   ? 4.316   10.494  22.774  1.00 57.76 ? 64   TYR A CA  1 
ATOM   66   C  C   . TYR A 1 8   ? 3.363   9.599   23.521  1.00 56.60 ? 64   TYR A C   1 
ATOM   67   O  O   . TYR A 1 8   ? 2.139   9.724   23.407  1.00 56.80 ? 64   TYR A O   1 
ATOM   68   C  CB  . TYR A 1 8   ? 4.835   9.734   21.556  1.00 58.01 ? 64   TYR A CB  1 
ATOM   69   C  CG  . TYR A 1 8   ? 5.543   10.576  20.537  1.00 57.67 ? 64   TYR A CG  1 
ATOM   70   C  CD1 . TYR A 1 8   ? 6.929   10.609  20.487  1.00 57.36 ? 64   TYR A CD1 1 
ATOM   71   C  CD2 . TYR A 1 8   ? 4.829   11.334  19.613  1.00 58.10 ? 64   TYR A CD2 1 
ATOM   72   C  CE1 . TYR A 1 8   ? 7.592   11.371  19.554  1.00 57.22 ? 64   TYR A CE1 1 
ATOM   73   C  CE2 . TYR A 1 8   ? 5.482   12.100  18.674  1.00 57.79 ? 64   TYR A CE2 1 
ATOM   74   C  CZ  . TYR A 1 8   ? 6.864   12.113  18.645  1.00 58.53 ? 64   TYR A CZ  1 
ATOM   75   O  OH  . TYR A 1 8   ? 7.527   12.885  17.710  1.00 59.15 ? 64   TYR A OH  1 
ATOM   76   N  N   . GLU A 1 9   ? 3.940   8.686   24.288  1.00 54.93 ? 65   GLU A N   1 
ATOM   77   C  CA  . GLU A 1 9   ? 3.184   7.680   25.001  1.00 53.53 ? 65   GLU A CA  1 
ATOM   78   C  C   . GLU A 1 9   ? 2.189   8.254   26.010  1.00 52.88 ? 65   GLU A C   1 
ATOM   79   O  O   . GLU A 1 9   ? 1.199   7.612   26.336  1.00 52.89 ? 65   GLU A O   1 
ATOM   80   C  CB  . GLU A 1 9   ? 4.140   6.709   25.704  1.00 53.36 ? 65   GLU A CB  1 
ATOM   81   C  CG  . GLU A 1 9   ? 4.846   5.729   24.770  1.00 51.60 ? 65   GLU A CG  1 
ATOM   82   C  CD  . GLU A 1 9   ? 3.910   4.692   24.196  1.00 48.35 ? 65   GLU A CD  1 
ATOM   83   O  OE1 . GLU A 1 9   ? 2.756   4.647   24.645  1.00 46.31 ? 65   GLU A OE1 1 
ATOM   84   O  OE2 . GLU A 1 9   ? 4.332   3.918   23.305  1.00 46.15 ? 65   GLU A OE2 1 
ATOM   85   N  N   . ILE A 1 10  ? 2.457   9.452   26.513  1.00 52.71 ? 66   ILE A N   1 
ATOM   86   C  CA  . ILE A 1 10  ? 1.602   10.041  27.560  1.00 52.22 ? 66   ILE A CA  1 
ATOM   87   C  C   . ILE A 1 10  ? 0.214   10.434  27.005  1.00 51.86 ? 66   ILE A C   1 
ATOM   88   O  O   . ILE A 1 10  ? -0.101  11.621  26.853  1.00 50.66 ? 66   ILE A O   1 
ATOM   89   C  CB  . ILE A 1 10  ? 2.325   11.203  28.352  1.00 52.47 ? 66   ILE A CB  1 
ATOM   90   C  CG1 . ILE A 1 10  ? 1.390   11.855  29.402  1.00 52.56 ? 66   ILE A CG1 1 
ATOM   91   C  CG2 . ILE A 1 10  ? 2.961   12.212  27.382  1.00 53.61 ? 66   ILE A CG2 1 
ATOM   92   C  CD1 . ILE A 1 10  ? 2.041   12.772  30.430  1.00 51.66 ? 66   ILE A CD1 1 
ATOM   93   N  N   . ARG A 1 11  ? -0.612  9.415   26.703  1.00 51.55 ? 67   ARG A N   1 
ATOM   94   C  CA  . ARG A 1 11  ? -1.920  9.705   26.096  1.00 50.48 ? 67   ARG A CA  1 
ATOM   95   C  C   . ARG A 1 11  ? -3.123  9.926   26.950  1.00 49.65 ? 67   ARG A C   1 
ATOM   96   O  O   . ARG A 1 11  ? -4.031  9.099   27.110  1.00 48.41 ? 67   ARG A O   1 
ATOM   97   C  CB  . ARG A 1 11  ? -2.185  8.997   24.777  1.00 50.71 ? 67   ARG A CB  1 
ATOM   98   C  CG  . ARG A 1 11  ? -1.315  9.591   23.733  1.00 49.66 ? 67   ARG A CG  1 
ATOM   99   C  CD  . ARG A 1 11  ? -1.500  8.800   22.523  1.00 55.62 ? 67   ARG A CD  1 
ATOM   100  N  NE  . ARG A 1 11  ? -1.538  7.374   22.818  1.00 56.79 ? 67   ARG A NE  1 
ATOM   101  C  CZ  . ARG A 1 11  ? -0.583  6.525   22.470  1.00 59.89 ? 67   ARG A CZ  1 
ATOM   102  N  NH1 . ARG A 1 11  ? -0.702  5.232   22.779  1.00 61.13 ? 67   ARG A NH1 1 
ATOM   103  N  NH2 . ARG A 1 11  ? 0.490   6.968   21.815  1.00 59.34 ? 67   ARG A NH2 1 
ATOM   104  N  N   . PHE A 1 12  ? -3.049  11.112  27.525  1.00 49.06 ? 68   PHE A N   1 
ATOM   105  C  CA  . PHE A 1 12  ? -4.156  11.832  28.086  1.00 48.40 ? 68   PHE A CA  1 
ATOM   106  C  C   . PHE A 1 12  ? -4.635  12.689  26.918  1.00 46.51 ? 68   PHE A C   1 
ATOM   107  O  O   . PHE A 1 12  ? -4.872  13.891  27.081  1.00 45.94 ? 68   PHE A O   1 
ATOM   108  C  CB  . PHE A 1 12  ? -3.624  12.703  29.238  1.00 49.41 ? 68   PHE A CB  1 
ATOM   109  C  CG  . PHE A 1 12  ? -3.052  11.901  30.373  1.00 50.15 ? 68   PHE A CG  1 
ATOM   110  C  CD1 . PHE A 1 12  ? -1.797  11.295  30.248  1.00 51.44 ? 68   PHE A CD1 1 
ATOM   111  C  CD2 . PHE A 1 12  ? -3.783  11.725  31.557  1.00 51.91 ? 68   PHE A CD2 1 
ATOM   112  C  CE1 . PHE A 1 12  ? -1.256  10.533  31.288  1.00 51.16 ? 68   PHE A CE1 1 
ATOM   113  C  CE2 . PHE A 1 12  ? -3.255  10.964  32.613  1.00 52.99 ? 68   PHE A CE2 1 
ATOM   114  C  CZ  . PHE A 1 12  ? -1.987  10.364  32.468  1.00 52.85 ? 68   PHE A CZ  1 
ATOM   115  N  N   . TYR A 1 13  ? -4.715  12.074  25.729  1.00 44.96 ? 69   TYR A N   1 
ATOM   116  C  CA  . TYR A 1 13  ? -5.092  12.816  24.520  1.00 42.53 ? 69   TYR A CA  1 
ATOM   117  C  C   . TYR A 1 13  ? -6.559  13.040  24.644  1.00 41.10 ? 69   TYR A C   1 
ATOM   118  O  O   . TYR A 1 13  ? -7.338  12.105  24.807  1.00 41.26 ? 69   TYR A O   1 
ATOM   119  C  CB  . TYR A 1 13  ? -4.766  12.092  23.193  1.00 42.46 ? 69   TYR A CB  1 
ATOM   120  C  CG  . TYR A 1 13  ? -5.250  12.883  21.986  1.00 40.87 ? 69   TYR A CG  1 
ATOM   121  C  CD1 . TYR A 1 13  ? -4.595  14.058  21.591  1.00 40.02 ? 69   TYR A CD1 1 
ATOM   122  C  CD2 . TYR A 1 13  ? -6.399  12.487  21.286  1.00 41.20 ? 69   TYR A CD2 1 
ATOM   123  C  CE1 . TYR A 1 13  ? -5.056  14.808  20.503  1.00 41.24 ? 69   TYR A CE1 1 
ATOM   124  C  CE2 . TYR A 1 13  ? -6.875  13.225  20.206  1.00 41.46 ? 69   TYR A CE2 1 
ATOM   125  C  CZ  . TYR A 1 13  ? -6.197  14.374  19.806  1.00 40.50 ? 69   TYR A CZ  1 
ATOM   126  O  OH  . TYR A 1 13  ? -6.666  15.107  18.732  1.00 40.45 ? 69   TYR A OH  1 
ATOM   127  N  N   . THR A 1 14  ? -6.920  14.302  24.604  1.00 40.37 ? 70   THR A N   1 
ATOM   128  C  CA  . THR A 1 14  ? -8.291  14.709  24.838  1.00 40.26 ? 70   THR A CA  1 
ATOM   129  C  C   . THR A 1 14  ? -8.913  15.374  23.577  1.00 40.36 ? 70   THR A C   1 
ATOM   130  O  O   . THR A 1 14  ? -10.118 15.674  23.563  1.00 40.41 ? 70   THR A O   1 
ATOM   131  C  CB  . THR A 1 14  ? -8.359  15.629  26.083  1.00 40.92 ? 70   THR A CB  1 
ATOM   132  O  OG1 . THR A 1 14  ? -7.345  16.635  25.999  1.00 40.22 ? 70   THR A OG1 1 
ATOM   133  C  CG2 . THR A 1 14  ? -8.073  14.825  27.335  1.00 41.13 ? 70   THR A CG2 1 
ATOM   134  N  N   . GLY A 1 15  ? -8.097  15.587  22.536  1.00 38.68 ? 71   GLY A N   1 
ATOM   135  C  CA  . GLY A 1 15  ? -8.545  16.255  21.306  1.00 37.95 ? 71   GLY A CA  1 
ATOM   136  C  C   . GLY A 1 15  ? -9.463  15.391  20.463  1.00 37.55 ? 71   GLY A C   1 
ATOM   137  O  O   . GLY A 1 15  ? -9.927  14.343  20.920  1.00 37.66 ? 71   GLY A O   1 
ATOM   138  N  N   . ASN A 1 16  ? -9.712  15.829  19.226  1.00 37.68 ? 72   ASN A N   1 
ATOM   139  C  CA  . ASN A 1 16  ? -10.680 15.192  18.332  1.00 38.09 ? 72   ASN A CA  1 
ATOM   140  C  C   . ASN A 1 16  ? -10.058 14.498  17.122  1.00 37.67 ? 72   ASN A C   1 
ATOM   141  O  O   . ASN A 1 16  ? -10.781 13.910  16.293  1.00 37.83 ? 72   ASN A O   1 
ATOM   142  C  CB  . ASN A 1 16  ? -11.717 16.209  17.851  1.00 38.36 ? 72   ASN A CB  1 
ATOM   143  C  CG  . ASN A 1 16  ? -12.770 16.489  18.896  1.00 40.83 ? 72   ASN A CG  1 
ATOM   144  O  OD1 . ASN A 1 16  ? -13.692 15.703  19.091  1.00 44.23 ? 72   ASN A OD1 1 
ATOM   145  N  ND2 . ASN A 1 16  ? -12.637 17.602  19.579  1.00 43.34 ? 72   ASN A ND2 1 
ATOM   146  N  N   . ASP A 1 17  ? -8.728  14.562  17.033  1.00 36.77 ? 73   ASP A N   1 
ATOM   147  C  CA  . ASP A 1 17  ? -7.995  13.886  15.969  1.00 36.09 ? 73   ASP A CA  1 
ATOM   148  C  C   . ASP A 1 17  ? -6.884  12.986  16.552  1.00 35.80 ? 73   ASP A C   1 
ATOM   149  O  O   . ASP A 1 17  ? -5.709  13.365  16.489  1.00 34.99 ? 73   ASP A O   1 
ATOM   150  C  CB  . ASP A 1 17  ? -7.413  14.930  15.027  1.00 34.93 ? 73   ASP A CB  1 
ATOM   151  C  CG  . ASP A 1 17  ? -6.899  14.340  13.721  1.00 33.75 ? 73   ASP A CG  1 
ATOM   152  O  OD1 . ASP A 1 17  ? -7.369  13.294  13.286  1.00 33.15 ? 73   ASP A OD1 1 
ATOM   153  O  OD2 . ASP A 1 17  ? -6.031  14.974  13.131  1.00 34.27 ? 73   ASP A OD2 1 
ATOM   154  N  N   . PRO A 1 18  ? -7.273  11.805  17.105  1.00 36.49 ? 74   PRO A N   1 
ATOM   155  C  CA  . PRO A 1 18  ? -6.377  10.784  17.691  1.00 37.14 ? 74   PRO A CA  1 
ATOM   156  C  C   . PRO A 1 18  ? -5.317  10.298  16.703  1.00 38.11 ? 74   PRO A C   1 
ATOM   157  O  O   . PRO A 1 18  ? -4.134  10.209  17.077  1.00 38.05 ? 74   PRO A O   1 
ATOM   158  C  CB  . PRO A 1 18  ? -7.321  9.637   18.056  1.00 36.77 ? 74   PRO A CB  1 
ATOM   159  C  CG  . PRO A 1 18  ? -8.564  9.894   17.341  1.00 37.77 ? 74   PRO A CG  1 
ATOM   160  C  CD  . PRO A 1 18  ? -8.669  11.374  17.203  1.00 36.45 ? 74   PRO A CD  1 
ATOM   161  N  N   . LEU A 1 19  ? -5.733  10.007  15.460  1.00 38.40 ? 75   LEU A N   1 
ATOM   162  C  CA  . LEU A 1 19  ? -4.784  9.716   14.357  1.00 38.58 ? 75   LEU A CA  1 
ATOM   163  C  C   . LEU A 1 19  ? -3.595  10.649  14.301  1.00 38.57 ? 75   LEU A C   1 
ATOM   164  O  O   . LEU A 1 19  ? -2.519  10.262  13.865  1.00 39.62 ? 75   LEU A O   1 
ATOM   165  C  CB  . LEU A 1 19  ? -5.482  9.814   13.006  1.00 38.41 ? 75   LEU A CB  1 
ATOM   166  C  CG  . LEU A 1 19  ? -5.078  8.865   11.858  1.00 40.61 ? 75   LEU A CG  1 
ATOM   167  C  CD1 . LEU A 1 19  ? -5.688  9.355   10.544  1.00 37.42 ? 75   LEU A CD1 1 
ATOM   168  C  CD2 . LEU A 1 19  ? -3.543  8.585   11.734  1.00 41.16 ? 75   LEU A CD2 1 
ATOM   169  N  N   . ASP A 1 20  ? -3.782  11.891  14.695  1.00 38.90 ? 76   ASP A N   1 
ATOM   170  C  CA  . ASP A 1 20  ? -2.711  12.864  14.671  1.00 39.50 ? 76   ASP A CA  1 
ATOM   171  C  C   . ASP A 1 20  ? -1.490  12.473  15.524  1.00 40.14 ? 76   ASP A C   1 
ATOM   172  O  O   . ASP A 1 20  ? -0.352  12.707  15.109  1.00 40.02 ? 76   ASP A O   1 
ATOM   173  C  CB  . ASP A 1 20  ? -3.219  14.215  15.168  1.00 40.78 ? 76   ASP A CB  1 
ATOM   174  C  CG  . ASP A 1 20  ? -2.162  15.284  15.096  1.00 42.63 ? 76   ASP A CG  1 
ATOM   175  O  OD1 . ASP A 1 20  ? -1.357  15.245  14.145  1.00 44.43 ? 76   ASP A OD1 1 
ATOM   176  O  OD2 . ASP A 1 20  ? -2.119  16.167  15.985  1.00 48.86 ? 76   ASP A OD2 1 
ATOM   177  N  N   . VAL A 1 21  ? -1.739  11.929  16.720  1.00 40.14 ? 77   VAL A N   1 
ATOM   178  C  CA  . VAL A 1 21  ? -0.660  11.595  17.674  1.00 40.32 ? 77   VAL A CA  1 
ATOM   179  C  C   . VAL A 1 21  ? 0.181   10.491  17.066  1.00 40.33 ? 77   VAL A C   1 
ATOM   180  O  O   . VAL A 1 21  ? 1.401   10.602  16.944  1.00 40.34 ? 77   VAL A O   1 
ATOM   181  C  CB  . VAL A 1 21  ? -1.202  11.070  19.063  1.00 40.84 ? 77   VAL A CB  1 
ATOM   182  C  CG1 . VAL A 1 21  ? -0.150  11.276  20.164  1.00 39.93 ? 77   VAL A CG1 1 
ATOM   183  C  CG2 . VAL A 1 21  ? -2.541  11.721  19.456  1.00 39.04 ? 77   VAL A CG2 1 
ATOM   184  N  N   . TRP A 1 22  ? -0.516  9.437   16.677  1.00 40.81 ? 78   TRP A N   1 
ATOM   185  C  CA  . TRP A 1 22  ? 0.063   8.274   16.055  1.00 41.68 ? 78   TRP A CA  1 
ATOM   186  C  C   . TRP A 1 22  ? 0.849   8.620   14.787  1.00 42.51 ? 78   TRP A C   1 
ATOM   187  O  O   . TRP A 1 22  ? 1.953   8.128   14.587  1.00 41.75 ? 78   TRP A O   1 
ATOM   188  C  CB  . TRP A 1 22  ? -1.038  7.302   15.706  1.00 41.18 ? 78   TRP A CB  1 
ATOM   189  C  CG  . TRP A 1 22  ? -1.709  6.693   16.891  1.00 43.30 ? 78   TRP A CG  1 
ATOM   190  C  CD1 . TRP A 1 22  ? -2.964  6.967   17.358  1.00 42.67 ? 78   TRP A CD1 1 
ATOM   191  C  CD2 . TRP A 1 22  ? -1.169  5.686   17.759  1.00 43.61 ? 78   TRP A CD2 1 
ATOM   192  N  NE1 . TRP A 1 22  ? -3.240  6.200   18.461  1.00 44.15 ? 78   TRP A NE1 1 
ATOM   193  C  CE2 . TRP A 1 22  ? -2.158  5.396   18.727  1.00 44.54 ? 78   TRP A CE2 1 
ATOM   194  C  CE3 . TRP A 1 22  ? 0.052   4.993   17.807  1.00 44.64 ? 78   TRP A CE3 1 
ATOM   195  C  CZ2 . TRP A 1 22  ? -1.965  4.434   19.740  1.00 42.92 ? 78   TRP A CZ2 1 
ATOM   196  C  CZ3 . TRP A 1 22  ? 0.243   4.040   18.813  1.00 43.04 ? 78   TRP A CZ3 1 
ATOM   197  C  CH2 . TRP A 1 22  ? -0.759  3.776   19.764  1.00 42.82 ? 78   TRP A CH2 1 
ATOM   198  N  N   . ASP A 1 23  ? 0.278   9.480   13.950  1.00 42.63 ? 79   ASP A N   1 
ATOM   199  C  CA  . ASP A 1 23  ? 0.940   9.895   12.729  1.00 43.64 ? 79   ASP A CA  1 
ATOM   200  C  C   . ASP A 1 23  ? 2.279   10.507  13.036  1.00 44.34 ? 79   ASP A C   1 
ATOM   201  O  O   . ASP A 1 23  ? 3.275   10.168  12.402  1.00 44.86 ? 79   ASP A O   1 
ATOM   202  C  CB  . ASP A 1 23  ? 0.081   10.895  11.954  1.00 43.59 ? 79   ASP A CB  1 
ATOM   203  C  CG  . ASP A 1 23  ? 0.648   11.198  10.589  1.00 43.66 ? 79   ASP A CG  1 
ATOM   204  O  OD1 . ASP A 1 23  ? 0.611   10.299  9.717   1.00 42.73 ? 79   ASP A OD1 1 
ATOM   205  O  OD2 . ASP A 1 23  ? 1.131   12.327  10.398  1.00 44.88 ? 79   ASP A OD2 1 
ATOM   206  N  N   . ARG A 1 24  ? 2.295   11.412  14.013  1.00 45.12 ? 80   ARG A N   1 
ATOM   207  C  CA  . ARG A 1 24  ? 3.510   12.069  14.454  1.00 46.19 ? 80   ARG A CA  1 
ATOM   208  C  C   . ARG A 1 24  ? 4.504   11.098  15.107  1.00 45.94 ? 80   ARG A C   1 
ATOM   209  O  O   . ARG A 1 24  ? 5.708   11.254  14.972  1.00 45.80 ? 80   ARG A O   1 
ATOM   210  C  CB  . ARG A 1 24  ? 3.162   13.215  15.405  1.00 46.30 ? 80   ARG A CB  1 
ATOM   211  C  CG  . ARG A 1 24  ? 2.594   14.450  14.684  1.00 47.10 ? 80   ARG A CG  1 
ATOM   212  C  CD  . ARG A 1 24  ? 2.261   15.591  15.653  1.00 48.18 ? 80   ARG A CD  1 
ATOM   213  N  NE  . ARG A 1 24  ? 1.108   15.276  16.509  1.00 53.68 ? 80   ARG A NE  1 
ATOM   214  C  CZ  . ARG A 1 24  ? 1.197   14.841  17.765  1.00 55.25 ? 80   ARG A CZ  1 
ATOM   215  N  NH1 . ARG A 1 24  ? 2.387   14.665  18.329  1.00 56.86 ? 80   ARG A NH1 1 
ATOM   216  N  NH2 . ARG A 1 24  ? 0.096   14.574  18.459  1.00 55.11 ? 80   ARG A NH2 1 
ATOM   217  N  N   . TYR A 1 25  ? 3.975   10.094  15.793  1.00 46.55 ? 81   TYR A N   1 
ATOM   218  C  CA  . TYR A 1 25  ? 4.782   9.129   16.542  1.00 47.08 ? 81   TYR A CA  1 
ATOM   219  C  C   . TYR A 1 25  ? 5.417   8.145   15.541  1.00 47.88 ? 81   TYR A C   1 
ATOM   220  O  O   . TYR A 1 25  ? 6.628   7.913   15.588  1.00 47.47 ? 81   TYR A O   1 
ATOM   221  C  CB  . TYR A 1 25  ? 3.886   8.446   17.593  1.00 46.99 ? 81   TYR A CB  1 
ATOM   222  C  CG  . TYR A 1 25  ? 4.535   7.556   18.644  1.00 46.85 ? 81   TYR A CG  1 
ATOM   223  C  CD1 . TYR A 1 25  ? 5.912   7.567   18.896  1.00 46.39 ? 81   TYR A CD1 1 
ATOM   224  C  CD2 . TYR A 1 25  ? 3.742   6.722   19.417  1.00 47.07 ? 81   TYR A CD2 1 
ATOM   225  C  CE1 . TYR A 1 25  ? 6.471   6.735   19.887  1.00 45.37 ? 81   TYR A CE1 1 
ATOM   226  C  CE2 . TYR A 1 25  ? 4.286   5.893   20.399  1.00 47.21 ? 81   TYR A CE2 1 
ATOM   227  C  CZ  . TYR A 1 25  ? 5.645   5.895   20.625  1.00 46.72 ? 81   TYR A CZ  1 
ATOM   228  O  OH  . TYR A 1 25  ? 6.144   5.050   21.607  1.00 47.25 ? 81   TYR A OH  1 
ATOM   229  N  N   . ILE A 1 26  ? 4.603   7.616   14.623  1.00 48.35 ? 82   ILE A N   1 
ATOM   230  C  CA  . ILE A 1 26  ? 5.063   6.745   13.534  1.00 49.11 ? 82   ILE A CA  1 
ATOM   231  C  C   . ILE A 1 26  ? 6.134   7.444   12.692  1.00 50.09 ? 82   ILE A C   1 
ATOM   232  O  O   . ILE A 1 26  ? 7.222   6.907   12.466  1.00 49.97 ? 82   ILE A O   1 
ATOM   233  C  CB  . ILE A 1 26  ? 3.891   6.336   12.620  1.00 48.74 ? 82   ILE A CB  1 
ATOM   234  C  CG1 . ILE A 1 26  ? 2.860   5.487   13.371  1.00 48.08 ? 82   ILE A CG1 1 
ATOM   235  C  CG2 . ILE A 1 26  ? 4.399   5.646   11.340  1.00 49.02 ? 82   ILE A CG2 1 
ATOM   236  C  CD1 . ILE A 1 26  ? 3.439   4.333   14.168  1.00 49.80 ? 82   ILE A CD1 1 
ATOM   237  N  N   . SER A 1 27  ? 5.812   8.661   12.261  1.00 51.23 ? 83   SER A N   1 
ATOM   238  C  CA  . SER A 1 27  ? 6.723   9.517   11.520  1.00 52.25 ? 83   SER A CA  1 
ATOM   239  C  C   . SER A 1 27  ? 8.034   9.777   12.254  1.00 53.28 ? 83   SER A C   1 
ATOM   240  O  O   . SER A 1 27  ? 9.109   9.770   11.643  1.00 53.56 ? 83   SER A O   1 
ATOM   241  C  CB  . SER A 1 27  ? 6.038   10.842  11.199  1.00 52.14 ? 83   SER A CB  1 
ATOM   242  O  OG  . SER A 1 27  ? 6.997   11.833  10.899  1.00 51.44 ? 83   SER A OG  1 
ATOM   243  N  N   . TRP A 1 28  ? 7.941   10.023  13.557  1.00 54.16 ? 84   TRP A N   1 
ATOM   244  C  CA  . TRP A 1 28  ? 9.120   10.210  14.396  1.00 54.89 ? 84   TRP A CA  1 
ATOM   245  C  C   . TRP A 1 28  ? 9.982   8.959   14.389  1.00 55.63 ? 84   TRP A C   1 
ATOM   246  O  O   . TRP A 1 28  ? 11.198  9.044   14.339  1.00 55.68 ? 84   TRP A O   1 
ATOM   247  C  CB  . TRP A 1 28  ? 8.707   10.545  15.829  1.00 54.57 ? 84   TRP A CB  1 
ATOM   248  C  CG  . TRP A 1 28  ? 9.848   10.621  16.825  1.00 54.28 ? 84   TRP A CG  1 
ATOM   249  C  CD1 . TRP A 1 28  ? 10.632  11.710  17.102  1.00 54.67 ? 84   TRP A CD1 1 
ATOM   250  C  CD2 . TRP A 1 28  ? 10.313  9.564   17.680  1.00 54.14 ? 84   TRP A CD2 1 
ATOM   251  N  NE1 . TRP A 1 28  ? 11.552  11.396  18.080  1.00 54.88 ? 84   TRP A NE1 1 
ATOM   252  C  CE2 . TRP A 1 28  ? 11.377  10.084  18.448  1.00 54.10 ? 84   TRP A CE2 1 
ATOM   253  C  CE3 . TRP A 1 28  ? 9.935   8.224   17.867  1.00 54.25 ? 84   TRP A CE3 1 
ATOM   254  C  CZ2 . TRP A 1 28  ? 12.066  9.311   19.390  1.00 54.65 ? 84   TRP A CZ2 1 
ATOM   255  C  CZ3 . TRP A 1 28  ? 10.621  7.458   18.805  1.00 54.19 ? 84   TRP A CZ3 1 
ATOM   256  C  CH2 . TRP A 1 28  ? 11.672  8.002   19.552  1.00 54.16 ? 84   TRP A CH2 1 
ATOM   257  N  N   . THR A 1 29  ? 9.341   7.801   14.429  1.00 57.13 ? 85   THR A N   1 
ATOM   258  C  CA  . THR A 1 29  ? 10.051  6.537   14.519  1.00 58.70 ? 85   THR A CA  1 
ATOM   259  C  C   . THR A 1 29  ? 10.867  6.273   13.246  1.00 59.90 ? 85   THR A C   1 
ATOM   260  O  O   . THR A 1 29  ? 12.060  6.002   13.331  1.00 59.86 ? 85   THR A O   1 
ATOM   261  C  CB  . THR A 1 29  ? 9.086   5.385   14.829  1.00 58.53 ? 85   THR A CB  1 
ATOM   262  O  OG1 . THR A 1 29  ? 8.429   5.648   16.075  1.00 58.37 ? 85   THR A OG1 1 
ATOM   263  C  CG2 . THR A 1 29  ? 9.828   4.060   14.927  1.00 58.98 ? 85   THR A CG2 1 
ATOM   264  N  N   . GLU A 1 30  ? 10.227  6.383   12.084  1.00 61.04 ? 86   GLU A N   1 
ATOM   265  C  CA  . GLU A 1 30  ? 10.906  6.160   10.807  1.00 62.68 ? 86   GLU A CA  1 
ATOM   266  C  C   . GLU A 1 30  ? 11.904  7.268   10.462  1.00 63.57 ? 86   GLU A C   1 
ATOM   267  O  O   . GLU A 1 30  ? 12.650  7.149   9.492   1.00 63.65 ? 86   GLU A O   1 
ATOM   268  C  CB  . GLU A 1 30  ? 9.890   6.015   9.680   1.00 62.38 ? 86   GLU A CB  1 
ATOM   269  C  CG  . GLU A 1 30  ? 9.344   7.337   9.184   1.00 63.92 ? 86   GLU A CG  1 
ATOM   270  C  CD  . GLU A 1 30  ? 8.030   7.196   8.463   1.00 65.50 ? 86   GLU A CD  1 
ATOM   271  O  OE1 . GLU A 1 30  ? 7.549   6.051   8.352   1.00 65.83 ? 86   GLU A OE1 1 
ATOM   272  O  OE2 . GLU A 1 30  ? 7.476   8.235   8.024   1.00 66.56 ? 86   GLU A OE2 1 
ATOM   273  N  N   . GLN A 1 31  ? 11.894  8.347   11.242  1.00 64.91 ? 87   GLN A N   1 
ATOM   274  C  CA  . GLN A 1 31  ? 12.803  9.476   11.044  1.00 66.08 ? 87   GLN A CA  1 
ATOM   275  C  C   . GLN A 1 31  ? 14.044  9.316   11.940  1.00 66.73 ? 87   GLN A C   1 
ATOM   276  O  O   . GLN A 1 31  ? 15.123  9.831   11.628  1.00 66.63 ? 87   GLN A O   1 
ATOM   277  C  CB  . GLN A 1 31  ? 12.067  10.785  11.342  1.00 65.92 ? 87   GLN A CB  1 
ATOM   278  C  CG  . GLN A 1 31  ? 12.772  12.059  10.899  1.00 66.72 ? 87   GLN A CG  1 
ATOM   279  C  CD  . GLN A 1 31  ? 12.093  13.339  11.416  1.00 67.34 ? 87   GLN A CD  1 
ATOM   280  O  OE1 . GLN A 1 31  ? 10.906  13.589  11.153  1.00 67.35 ? 87   GLN A OE1 1 
ATOM   281  N  NE2 . GLN A 1 31  ? 12.859  14.165  12.140  1.00 68.16 ? 87   GLN A NE2 1 
ATOM   282  N  N   . ASN A 1 32  ? 13.872  8.586   13.044  1.00 67.69 ? 88   ASN A N   1 
ATOM   283  C  CA  . ASN A 1 32  ? 14.942  8.309   14.013  1.00 68.41 ? 88   ASN A CA  1 
ATOM   284  C  C   . ASN A 1 32  ? 15.511  6.890   13.908  1.00 68.96 ? 88   ASN A C   1 
ATOM   285  O  O   . ASN A 1 32  ? 16.665  6.655   14.266  1.00 69.06 ? 88   ASN A O   1 
ATOM   286  C  CB  . ASN A 1 32  ? 14.464  8.584   15.442  1.00 68.15 ? 88   ASN A CB  1 
ATOM   287  C  CG  . ASN A 1 32  ? 14.335  10.067  15.735  1.00 68.52 ? 88   ASN A CG  1 
ATOM   288  O  OD1 . ASN A 1 32  ? 15.219  10.659  16.351  1.00 69.11 ? 88   ASN A OD1 1 
ATOM   289  N  ND2 . ASN A 1 32  ? 13.241  10.679  15.282  1.00 68.41 ? 88   ASN A ND2 1 
ATOM   290  N  N   . TYR A 1 33  ? 14.695  5.954   13.426  1.00 69.58 ? 89   TYR A N   1 
ATOM   291  C  CA  . TYR A 1 33  ? 15.139  4.585   13.181  1.00 70.23 ? 89   TYR A CA  1 
ATOM   292  C  C   . TYR A 1 33  ? 14.849  4.189   11.733  1.00 70.69 ? 89   TYR A C   1 
ATOM   293  O  O   . TYR A 1 33  ? 13.905  3.425   11.488  1.00 70.39 ? 89   TYR A O   1 
ATOM   294  C  CB  . TYR A 1 33  ? 14.427  3.581   14.094  1.00 70.24 ? 89   TYR A CB  1 
ATOM   295  C  CG  . TYR A 1 33  ? 14.516  3.782   15.598  1.00 70.73 ? 89   TYR A CG  1 
ATOM   296  C  CD1 . TYR A 1 33  ? 13.856  4.844   16.221  1.00 70.71 ? 89   TYR A CD1 1 
ATOM   297  C  CD2 . TYR A 1 33  ? 15.192  2.861   16.408  1.00 70.56 ? 89   TYR A CD2 1 
ATOM   298  C  CE1 . TYR A 1 33  ? 13.908  5.014   17.603  1.00 71.25 ? 89   TYR A CE1 1 
ATOM   299  C  CE2 . TYR A 1 33  ? 15.242  3.019   17.796  1.00 70.56 ? 89   TYR A CE2 1 
ATOM   300  C  CZ  . TYR A 1 33  ? 14.594  4.103   18.382  1.00 70.71 ? 89   TYR A CZ  1 
ATOM   301  O  OH  . TYR A 1 33  ? 14.619  4.297   19.743  1.00 70.31 ? 89   TYR A OH  1 
ATOM   302  N  N   . PRO A 1 34  ? 15.659  4.695   10.771  1.00 71.42 ? 90   PRO A N   1 
ATOM   303  C  CA  . PRO A 1 34  ? 15.451  4.378   9.353   1.00 72.04 ? 90   PRO A CA  1 
ATOM   304  C  C   . PRO A 1 34  ? 15.488  2.876   9.010   1.00 72.67 ? 90   PRO A C   1 
ATOM   305  O  O   . PRO A 1 34  ? 15.348  2.520   7.837   1.00 72.68 ? 90   PRO A O   1 
ATOM   306  C  CB  . PRO A 1 34  ? 16.576  5.153   8.643   1.00 71.97 ? 90   PRO A CB  1 
ATOM   307  C  CG  . PRO A 1 34  ? 16.932  6.241   9.581   1.00 71.51 ? 90   PRO A CG  1 
ATOM   308  C  CD  . PRO A 1 34  ? 16.803  5.612   10.945  1.00 71.44 ? 90   PRO A CD  1 
ATOM   309  N  N   . GLN A 1 35  ? 15.686  2.023   10.023  1.00 73.21 ? 91   GLN A N   1 
ATOM   310  C  CA  . GLN A 1 35  ? 15.267  0.610   9.974   1.00 73.82 ? 91   GLN A CA  1 
ATOM   311  C  C   . GLN A 1 35  ? 15.284  -0.042  11.368  1.00 73.59 ? 91   GLN A C   1 
ATOM   312  O  O   . GLN A 1 35  ? 14.673  -1.095  11.589  1.00 73.38 ? 91   GLN A O   1 
ATOM   313  C  CB  . GLN A 1 35  ? 16.096  -0.208  8.970   1.00 73.85 ? 91   GLN A CB  1 
ATOM   314  C  CG  . GLN A 1 35  ? 15.386  -1.485  8.499   1.00 74.58 ? 91   GLN A CG  1 
ATOM   315  C  CD  . GLN A 1 35  ? 16.255  -2.380  7.620   1.00 74.81 ? 91   GLN A CD  1 
ATOM   316  O  OE1 . GLN A 1 35  ? 15.973  -3.574  7.463   1.00 75.84 ? 91   GLN A OE1 1 
ATOM   317  N  NE2 . GLN A 1 35  ? 17.313  -1.808  7.040   1.00 75.99 ? 91   GLN A NE2 1 
ATOM   318  N  N   . SER A 1 40  ? 13.343  -0.906  15.946  1.00 59.53 ? 96   SER A N   1 
ATOM   319  C  CA  . SER A 1 40  ? 12.711  0.421   15.908  1.00 59.48 ? 96   SER A CA  1 
ATOM   320  C  C   . SER A 1 40  ? 11.348  0.460   16.607  1.00 59.14 ? 96   SER A C   1 
ATOM   321  O  O   . SER A 1 40  ? 10.796  1.545   16.854  1.00 59.33 ? 96   SER A O   1 
ATOM   322  C  CB  . SER A 1 40  ? 12.590  0.934   14.463  1.00 59.56 ? 96   SER A CB  1 
ATOM   323  O  OG  . SER A 1 40  ? 11.691  0.163   13.683  1.00 59.84 ? 96   SER A OG  1 
ATOM   324  N  N   . ASN A 1 41  ? 10.821  -0.726  16.928  1.00 58.70 ? 97   ASN A N   1 
ATOM   325  C  CA  . ASN A 1 41  ? 9.508   -0.877  17.550  1.00 57.73 ? 97   ASN A CA  1 
ATOM   326  C  C   . ASN A 1 41  ? 8.421   -0.478  16.550  1.00 56.81 ? 97   ASN A C   1 
ATOM   327  O  O   . ASN A 1 41  ? 7.232   -0.504  16.864  1.00 56.58 ? 97   ASN A O   1 
ATOM   328  C  CB  . ASN A 1 41  ? 9.423   -0.037  18.839  1.00 58.34 ? 97   ASN A CB  1 
ATOM   329  C  CG  . ASN A 1 41  ? 8.133   -0.270  19.619  1.00 58.96 ? 97   ASN A CG  1 
ATOM   330  O  OD1 . ASN A 1 41  ? 7.405   0.680   19.934  1.00 61.27 ? 97   ASN A OD1 1 
ATOM   331  N  ND2 . ASN A 1 41  ? 7.844   -1.529  19.934  1.00 59.42 ? 97   ASN A ND2 1 
ATOM   332  N  N   . MET A 1 42  ? 8.852   -0.123  15.338  1.00 55.54 ? 98   MET A N   1 
ATOM   333  C  CA  . MET A 1 42  ? 7.954   0.336   14.274  1.00 53.92 ? 98   MET A CA  1 
ATOM   334  C  C   . MET A 1 42  ? 6.755   -0.574  14.053  1.00 53.00 ? 98   MET A C   1 
ATOM   335  O  O   . MET A 1 42  ? 5.617   -0.127  14.168  1.00 52.67 ? 98   MET A O   1 
ATOM   336  C  CB  . MET A 1 42  ? 8.697   0.552   12.960  1.00 53.40 ? 98   MET A CB  1 
ATOM   337  C  CG  . MET A 1 42  ? 7.766   0.868   11.802  1.00 52.93 ? 98   MET A CG  1 
ATOM   338  S  SD  . MET A 1 42  ? 6.810   2.380   12.071  1.00 49.69 ? 98   MET A SD  1 
ATOM   339  C  CE  . MET A 1 42  ? 8.047   3.589   11.624  1.00 49.20 ? 98   MET A CE  1 
ATOM   340  N  N   . SER A 1 43  ? 7.008   -1.844  13.759  1.00 52.09 ? 99   SER A N   1 
ATOM   341  C  CA  . SER A 1 43  ? 5.929   -2.783  13.489  1.00 51.31 ? 99   SER A CA  1 
ATOM   342  C  C   . SER A 1 43  ? 4.928   -2.940  14.644  1.00 50.73 ? 99   SER A C   1 
ATOM   343  O  O   . SER A 1 43  ? 3.752   -3.194  14.403  1.00 51.05 ? 99   SER A O   1 
ATOM   344  C  CB  . SER A 1 43  ? 6.474   -4.140  13.053  1.00 51.46 ? 99   SER A CB  1 
ATOM   345  O  OG  . SER A 1 43  ? 7.092   -4.805  14.141  1.00 52.56 ? 99   SER A OG  1 
ATOM   346  N  N   . THR A 1 44  ? 5.367   -2.783  15.889  1.00 49.80 ? 100  THR A N   1 
ATOM   347  C  CA  . THR A 1 44  ? 4.388   -2.811  16.980  1.00 48.73 ? 100  THR A CA  1 
ATOM   348  C  C   . THR A 1 44  ? 3.736   -1.447  17.299  1.00 47.79 ? 100  THR A C   1 
ATOM   349  O  O   . THR A 1 44  ? 2.627   -1.402  17.833  1.00 47.91 ? 100  THR A O   1 
ATOM   350  C  CB  . THR A 1 44  ? 4.850   -3.610  18.238  1.00 49.31 ? 100  THR A CB  1 
ATOM   351  O  OG1 . THR A 1 44  ? 4.376   -2.959  19.425  1.00 50.30 ? 100  THR A OG1 1 
ATOM   352  C  CG2 . THR A 1 44  ? 6.365   -3.740  18.303  1.00 49.44 ? 100  THR A CG2 1 
ATOM   353  N  N   . LEU A 1 45  ? 4.385   -0.345  16.944  1.00 46.52 ? 101  LEU A N   1 
ATOM   354  C  CA  . LEU A 1 45  ? 3.693   0.946   16.952  1.00 45.86 ? 101  LEU A CA  1 
ATOM   355  C  C   . LEU A 1 45  ? 2.549   0.940   15.940  1.00 44.90 ? 101  LEU A C   1 
ATOM   356  O  O   . LEU A 1 45  ? 1.430   1.353   16.250  1.00 44.60 ? 101  LEU A O   1 
ATOM   357  C  CB  . LEU A 1 45  ? 4.635   2.116   16.659  1.00 45.63 ? 101  LEU A CB  1 
ATOM   358  C  CG  . LEU A 1 45  ? 5.362   2.787   17.830  1.00 47.46 ? 101  LEU A CG  1 
ATOM   359  C  CD1 . LEU A 1 45  ? 5.641   4.229   17.462  1.00 47.57 ? 101  LEU A CD1 1 
ATOM   360  C  CD2 . LEU A 1 45  ? 4.576   2.713   19.140  1.00 48.39 ? 101  LEU A CD2 1 
ATOM   361  N  N   . LEU A 1 46  ? 2.837   0.453   14.737  1.00 44.06 ? 102  LEU A N   1 
ATOM   362  C  CA  . LEU A 1 46  ? 1.843   0.431   13.668  1.00 43.33 ? 102  LEU A CA  1 
ATOM   363  C  C   . LEU A 1 46  ? 0.657   -0.424  14.048  1.00 43.97 ? 102  LEU A C   1 
ATOM   364  O  O   . LEU A 1 46  ? -0.500  -0.014  13.873  1.00 43.93 ? 102  LEU A O   1 
ATOM   365  C  CB  . LEU A 1 46  ? 2.451   -0.034  12.349  1.00 42.45 ? 102  LEU A CB  1 
ATOM   366  C  CG  . LEU A 1 46  ? 3.544   0.839   11.721  1.00 41.00 ? 102  LEU A CG  1 
ATOM   367  C  CD1 . LEU A 1 46  ? 4.312   0.037   10.659  1.00 40.57 ? 102  LEU A CD1 1 
ATOM   368  C  CD2 . LEU A 1 46  ? 3.022   2.132   11.149  1.00 38.66 ? 102  LEU A CD2 1 
ATOM   369  N  N   . GLU A 1 47  ? 0.926   -1.600  14.605  1.00 44.50 ? 103  GLU A N   1 
ATOM   370  C  CA  . GLU A 1 47  ? -0.159  -2.465  15.058  1.00 45.49 ? 103  GLU A CA  1 
ATOM   371  C  C   . GLU A 1 47  ? -0.983  -1.805  16.160  1.00 44.02 ? 103  GLU A C   1 
ATOM   372  O  O   . GLU A 1 47  ? -2.199  -1.897  16.163  1.00 43.68 ? 103  GLU A O   1 
ATOM   373  C  CB  . GLU A 1 47  ? 0.369   -3.848  15.451  1.00 45.84 ? 103  GLU A CB  1 
ATOM   374  C  CG  . GLU A 1 47  ? 0.819   -4.642  14.229  1.00 47.45 ? 103  GLU A CG  1 
ATOM   375  C  CD  . GLU A 1 47  ? 1.421   -6.006  14.550  1.00 49.39 ? 103  GLU A CD  1 
ATOM   376  O  OE1 . GLU A 1 47  ? 1.641   -6.318  15.754  1.00 53.62 ? 103  GLU A OE1 1 
ATOM   377  O  OE2 . GLU A 1 47  ? 1.670   -6.774  13.578  1.00 54.80 ? 103  GLU A OE2 1 
ATOM   378  N  N   . ARG A 1 48  ? -0.323  -1.097  17.068  1.00 43.42 ? 104  ARG A N   1 
ATOM   379  C  CA  . ARG A 1 48  ? -1.040  -0.341  18.094  1.00 43.30 ? 104  ARG A CA  1 
ATOM   380  C  C   . ARG A 1 48  ? -1.918  0.813   17.539  1.00 43.57 ? 104  ARG A C   1 
ATOM   381  O  O   . ARG A 1 48  ? -3.063  0.984   17.964  1.00 43.48 ? 104  ARG A O   1 
ATOM   382  C  CB  . ARG A 1 48  ? -0.077  0.179   19.147  1.00 43.11 ? 104  ARG A CB  1 
ATOM   383  C  CG  . ARG A 1 48  ? 0.484   -0.921  20.013  1.00 42.75 ? 104  ARG A CG  1 
ATOM   384  C  CD  . ARG A 1 48  ? 0.736   -0.392  21.360  1.00 41.29 ? 104  ARG A CD  1 
ATOM   385  N  NE  . ARG A 1 48  ? 1.923   0.438   21.392  1.00 40.36 ? 104  ARG A NE  1 
ATOM   386  C  CZ  . ARG A 1 48  ? 1.992   1.555   22.106  1.00 41.11 ? 104  ARG A CZ  1 
ATOM   387  N  NH1 . ARG A 1 48  ? 0.925   1.941   22.777  1.00 40.25 ? 104  ARG A NH1 1 
ATOM   388  N  NH2 . ARG A 1 48  ? 3.106   2.293   22.128  1.00 39.73 ? 104  ARG A NH2 1 
ATOM   389  N  N   . ALA A 1 49  ? -1.378  1.595   16.607  1.00 43.75 ? 105  ALA A N   1 
ATOM   390  C  CA  . ALA A 1 49  ? -2.110  2.729   16.017  1.00 43.83 ? 105  ALA A CA  1 
ATOM   391  C  C   . ALA A 1 49  ? -3.405  2.234   15.400  1.00 44.60 ? 105  ALA A C   1 
ATOM   392  O  O   . ALA A 1 49  ? -4.502  2.758   15.652  1.00 44.58 ? 105  ALA A O   1 
ATOM   393  C  CB  . ALA A 1 49  ? -1.278  3.394   14.972  1.00 43.62 ? 105  ALA A CB  1 
ATOM   394  N  N   . VAL A 1 50  ? -3.260  1.193   14.603  1.00 44.49 ? 106  VAL A N   1 
ATOM   395  C  CA  . VAL A 1 50  ? -4.344  0.647   13.835  1.00 45.56 ? 106  VAL A CA  1 
ATOM   396  C  C   . VAL A 1 50  ? -5.441  0.064   14.725  1.00 46.56 ? 106  VAL A C   1 
ATOM   397  O  O   . VAL A 1 50  ? -6.644  0.215   14.443  1.00 47.00 ? 106  VAL A O   1 
ATOM   398  C  CB  . VAL A 1 50  ? -3.741  -0.366  12.845  1.00 45.26 ? 106  VAL A CB  1 
ATOM   399  C  CG1 . VAL A 1 50  ? -4.699  -1.451  12.498  1.00 45.83 ? 106  VAL A CG1 1 
ATOM   400  C  CG2 . VAL A 1 50  ? -3.225  0.391   11.604  1.00 45.20 ? 106  VAL A CG2 1 
ATOM   401  N  N   . GLU A 1 51  ? -5.022  -0.596  15.801  1.00 47.29 ? 107  GLU A N   1 
ATOM   402  C  CA  . GLU A 1 51  ? -5.944  -1.182  16.759  1.00 48.38 ? 107  GLU A CA  1 
ATOM   403  C  C   . GLU A 1 51  ? -6.621  -0.087  17.552  1.00 47.60 ? 107  GLU A C   1 
ATOM   404  O  O   . GLU A 1 51  ? -7.800  -0.205  17.865  1.00 47.81 ? 107  GLU A O   1 
ATOM   405  C  CB  . GLU A 1 51  ? -5.217  -2.160  17.690  1.00 48.29 ? 107  GLU A CB  1 
ATOM   406  C  CG  . GLU A 1 51  ? -4.692  -3.423  16.991  1.00 50.40 ? 107  GLU A CG  1 
ATOM   407  C  CD  . GLU A 1 51  ? -3.561  -4.146  17.769  1.00 51.63 ? 107  GLU A CD  1 
ATOM   408  O  OE1 . GLU A 1 51  ? -2.983  -3.563  18.736  1.00 55.57 ? 107  GLU A OE1 1 
ATOM   409  O  OE2 . GLU A 1 51  ? -3.241  -5.308  17.404  1.00 54.81 ? 107  GLU A OE2 1 
ATOM   410  N  N   . ALA A 1 52  ? -5.886  0.980   17.871  1.00 47.38 ? 108  ALA A N   1 
ATOM   411  C  CA  . ALA A 1 52  ? -6.448  2.106   18.637  1.00 47.51 ? 108  ALA A CA  1 
ATOM   412  C  C   . ALA A 1 52  ? -7.542  2.769   17.822  1.00 48.30 ? 108  ALA A C   1 
ATOM   413  O  O   . ALA A 1 52  ? -8.483  3.349   18.375  1.00 48.47 ? 108  ALA A O   1 
ATOM   414  C  CB  . ALA A 1 52  ? -5.373  3.130   18.980  1.00 46.98 ? 108  ALA A CB  1 
ATOM   415  N  N   . LEU A 1 53  ? -7.384  2.663   16.497  1.00 48.50 ? 109  LEU A N   1 
ATOM   416  C  CA  . LEU A 1 53  ? -8.256  3.265   15.490  1.00 48.63 ? 109  LEU A CA  1 
ATOM   417  C  C   . LEU A 1 53  ? -9.157  2.243   14.781  1.00 48.85 ? 109  LEU A C   1 
ATOM   418  O  O   . LEU A 1 53  ? -9.821  2.559   13.797  1.00 49.08 ? 109  LEU A O   1 
ATOM   419  C  CB  . LEU A 1 53  ? -7.378  4.042   14.493  1.00 48.13 ? 109  LEU A CB  1 
ATOM   420  C  CG  . LEU A 1 53  ? -6.972  5.478   14.857  1.00 46.68 ? 109  LEU A CG  1 
ATOM   421  C  CD1 . LEU A 1 53  ? -7.180  5.780   16.318  1.00 46.37 ? 109  LEU A CD1 1 
ATOM   422  C  CD2 . LEU A 1 53  ? -5.538  5.848   14.429  1.00 47.34 ? 109  LEU A CD2 1 
ATOM   423  N  N   . GLN A 1 54  ? -9.204  1.026   15.320  1.00 49.76 ? 110  GLN A N   1 
ATOM   424  C  CA  . GLN A 1 54  ? -10.057 -0.052  14.807  1.00 49.88 ? 110  GLN A CA  1 
ATOM   425  C  C   . GLN A 1 54  ? -11.544 0.315   14.684  1.00 49.55 ? 110  GLN A C   1 
ATOM   426  O  O   . GLN A 1 54  ? -12.165 0.780   15.647  1.00 49.45 ? 110  GLN A O   1 
ATOM   427  C  CB  . GLN A 1 54  ? -9.937  -1.297  15.686  1.00 50.28 ? 110  GLN A CB  1 
ATOM   428  C  CG  . GLN A 1 54  ? -10.505 -2.530  15.013  1.00 53.05 ? 110  GLN A CG  1 
ATOM   429  C  CD  . GLN A 1 54  ? -10.527 -3.748  15.916  1.00 58.13 ? 110  GLN A CD  1 
ATOM   430  O  OE1 . GLN A 1 54  ? -9.623  -3.954  16.745  1.00 59.78 ? 110  GLN A OE1 1 
ATOM   431  N  NE2 . GLN A 1 54  ? -11.555 -4.579  15.750  1.00 57.90 ? 110  GLN A NE2 1 
ATOM   432  N  N   . GLY A 1 55  ? -12.101 0.092   13.491  1.00 48.70 ? 111  GLY A N   1 
ATOM   433  C  CA  . GLY A 1 55  ? -13.514 0.360   13.238  1.00 47.81 ? 111  GLY A CA  1 
ATOM   434  C  C   . GLY A 1 55  ? -13.907 1.825   13.127  1.00 46.95 ? 111  GLY A C   1 
ATOM   435  O  O   . GLY A 1 55  ? -15.098 2.146   13.024  1.00 46.22 ? 111  GLY A O   1 
ATOM   436  N  N   . GLU A 1 56  ? -12.928 2.723   13.137  1.00 46.41 ? 112  GLU A N   1 
ATOM   437  C  CA  . GLU A 1 56  ? -13.254 4.162   13.022  1.00 46.67 ? 112  GLU A CA  1 
ATOM   438  C  C   . GLU A 1 56  ? -13.501 4.672   11.574  1.00 45.83 ? 112  GLU A C   1 
ATOM   439  O  O   . GLU A 1 56  ? -12.591 5.221   10.934  1.00 45.61 ? 112  GLU A O   1 
ATOM   440  C  CB  . GLU A 1 56  ? -12.266 5.019   13.816  1.00 46.57 ? 112  GLU A CB  1 
ATOM   441  C  CG  . GLU A 1 56  ? -12.565 4.928   15.314  1.00 50.71 ? 112  GLU A CG  1 
ATOM   442  C  CD  . GLU A 1 56  ? -11.796 5.916   16.156  1.00 54.34 ? 112  GLU A CD  1 
ATOM   443  O  OE1 . GLU A 1 56  ? -11.733 7.097   15.753  1.00 57.53 ? 112  GLU A OE1 1 
ATOM   444  O  OE2 . GLU A 1 56  ? -11.266 5.517   17.232  1.00 55.60 ? 112  GLU A OE2 1 
ATOM   445  N  N   . LYS A 1 57  ? -14.735 4.475   11.089  1.00 44.82 ? 113  LYS A N   1 
ATOM   446  C  CA  . LYS A 1 57  ? -15.190 4.877   9.729   1.00 44.31 ? 113  LYS A CA  1 
ATOM   447  C  C   . LYS A 1 57  ? -14.753 6.268   9.246   1.00 42.69 ? 113  LYS A C   1 
ATOM   448  O  O   . LYS A 1 57  ? -14.523 6.499   8.055   1.00 42.64 ? 113  LYS A O   1 
ATOM   449  C  CB  . LYS A 1 57  ? -16.726 4.788   9.635   1.00 45.22 ? 113  LYS A CB  1 
ATOM   450  C  CG  . LYS A 1 57  ? -17.278 3.606   8.837   1.00 46.99 ? 113  LYS A CG  1 
ATOM   451  C  CD  . LYS A 1 57  ? -17.415 2.314   9.643   1.00 49.20 ? 113  LYS A CD  1 
ATOM   452  C  CE  . LYS A 1 57  ? -17.617 1.155   8.669   1.00 53.45 ? 113  LYS A CE  1 
ATOM   453  N  NZ  . LYS A 1 57  ? -17.667 -0.221  9.269   1.00 54.81 ? 113  LYS A NZ  1 
ATOM   454  N  N   . ARG A 1 58  ? -14.623 7.193   10.177  1.00 41.02 ? 114  ARG A N   1 
ATOM   455  C  CA  . ARG A 1 58  ? -14.312 8.566   9.841   1.00 38.72 ? 114  ARG A CA  1 
ATOM   456  C  C   . ARG A 1 58  ? -12.934 8.795   9.223   1.00 38.39 ? 114  ARG A C   1 
ATOM   457  O  O   . ARG A 1 58  ? -12.632 9.889   8.731   1.00 37.82 ? 114  ARG A O   1 
ATOM   458  C  CB  . ARG A 1 58  ? -14.450 9.403   11.103  1.00 40.05 ? 114  ARG A CB  1 
ATOM   459  C  CG  . ARG A 1 58  ? -13.895 8.745   12.355  1.00 35.95 ? 114  ARG A CG  1 
ATOM   460  C  CD  . ARG A 1 58  ? -13.654 9.793   13.387  1.00 35.22 ? 114  ARG A CD  1 
ATOM   461  N  NE  . ARG A 1 58  ? -13.034 9.291   14.601  1.00 33.34 ? 114  ARG A NE  1 
ATOM   462  C  CZ  . ARG A 1 58  ? -12.543 10.084  15.544  1.00 37.82 ? 114  ARG A CZ  1 
ATOM   463  N  NH1 . ARG A 1 58  ? -12.630 11.405  15.403  1.00 38.29 ? 114  ARG A NH1 1 
ATOM   464  N  NH2 . ARG A 1 58  ? -11.974 9.570   16.643  1.00 36.76 ? 114  ARG A NH2 1 
ATOM   465  N  N   . TYR A 1 59  ? -12.078 7.772   9.288   1.00 36.12 ? 115  TYR A N   1 
ATOM   466  C  CA  . TYR A 1 59  ? -10.654 7.910   8.904   1.00 34.47 ? 115  TYR A CA  1 
ATOM   467  C  C   . TYR A 1 59  ? -10.397 7.033   7.699   1.00 32.74 ? 115  TYR A C   1 
ATOM   468  O  O   . TYR A 1 59  ? -9.281  6.969   7.190   1.00 33.18 ? 115  TYR A O   1 
ATOM   469  C  CB  . TYR A 1 59  ? -9.737  7.461   10.043  1.00 33.78 ? 115  TYR A CB  1 
ATOM   470  C  CG  . TYR A 1 59  ? -9.479  8.456   11.160  1.00 33.93 ? 115  TYR A CG  1 
ATOM   471  C  CD1 . TYR A 1 59  ? -9.181  9.795   10.878  1.00 33.65 ? 115  TYR A CD1 1 
ATOM   472  C  CD2 . TYR A 1 59  ? -9.466  8.044   12.500  1.00 32.09 ? 115  TYR A CD2 1 
ATOM   473  C  CE1 . TYR A 1 59  ? -8.907  10.691  11.870  1.00 32.54 ? 115  TYR A CE1 1 
ATOM   474  C  CE2 . TYR A 1 59  ? -9.166  8.952   13.535  1.00 30.75 ? 115  TYR A CE2 1 
ATOM   475  C  CZ  . TYR A 1 59  ? -8.910  10.269  13.204  1.00 31.81 ? 115  TYR A CZ  1 
ATOM   476  O  OH  . TYR A 1 59  ? -8.582  11.207  14.117  1.00 33.95 ? 115  TYR A OH  1 
ATOM   477  N  N   . TYR A 1 60  ? -11.446 6.383   7.227   1.00 32.08 ? 116  TYR A N   1 
ATOM   478  C  CA  . TYR A 1 60  ? -11.359 5.424   6.136   1.00 31.25 ? 116  TYR A CA  1 
ATOM   479  C  C   . TYR A 1 60  ? -10.970 6.058   4.813   1.00 31.77 ? 116  TYR A C   1 
ATOM   480  O  O   . TYR A 1 60  ? -10.660 5.351   3.856   1.00 31.95 ? 116  TYR A O   1 
ATOM   481  C  CB  . TYR A 1 60  ? -12.687 4.683   6.012   1.00 32.53 ? 116  TYR A CB  1 
ATOM   482  C  CG  . TYR A 1 60  ? -12.874 3.570   7.054   1.00 31.51 ? 116  TYR A CG  1 
ATOM   483  C  CD1 . TYR A 1 60  ? -12.151 3.578   8.242   1.00 32.45 ? 116  TYR A CD1 1 
ATOM   484  C  CD2 . TYR A 1 60  ? -13.791 2.525   6.839   1.00 31.65 ? 116  TYR A CD2 1 
ATOM   485  C  CE1 . TYR A 1 60  ? -12.298 2.573   9.183   1.00 33.06 ? 116  TYR A CE1 1 
ATOM   486  C  CE2 . TYR A 1 60  ? -13.955 1.508   7.776   1.00 34.18 ? 116  TYR A CE2 1 
ATOM   487  C  CZ  . TYR A 1 60  ? -13.202 1.544   8.960   1.00 34.97 ? 116  TYR A CZ  1 
ATOM   488  O  OH  . TYR A 1 60  ? -13.321 0.556   9.943   1.00 35.72 ? 116  TYR A OH  1 
ATOM   489  N  N   . SER A 1 61  ? -10.972 7.391   4.759   1.00 30.37 ? 117  SER A N   1 
ATOM   490  C  CA  . SER A 1 61  ? -10.598 8.097   3.556   1.00 30.51 ? 117  SER A CA  1 
ATOM   491  C  C   . SER A 1 61  ? -9.429  8.996   3.853   1.00 28.70 ? 117  SER A C   1 
ATOM   492  O  O   . SER A 1 61  ? -9.095  9.878   3.059   1.00 28.72 ? 117  SER A O   1 
ATOM   493  C  CB  . SER A 1 61  ? -11.799 8.907   3.001   1.00 31.21 ? 117  SER A CB  1 
ATOM   494  O  OG  . SER A 1 61  ? -12.638 8.060   2.208   1.00 35.54 ? 117  SER A OG  1 
ATOM   495  N  N   . ASP A 1 62  ? -8.802  8.800   5.005   1.00 27.60 ? 118  ASP A N   1 
ATOM   496  C  CA  . ASP A 1 62  ? -7.718  9.693   5.415   1.00 27.26 ? 118  ASP A CA  1 
ATOM   497  C  C   . ASP A 1 62  ? -6.380  9.109   4.965   1.00 27.66 ? 118  ASP A C   1 
ATOM   498  O  O   . ASP A 1 62  ? -6.092  7.938   5.305   1.00 27.25 ? 118  ASP A O   1 
ATOM   499  C  CB  . ASP A 1 62  ? -7.728  9.874   6.947   1.00 27.55 ? 118  ASP A CB  1 
ATOM   500  C  CG  . ASP A 1 62  ? -6.898  11.035  7.421   1.00 28.10 ? 118  ASP A CG  1 
ATOM   501  O  OD1 . ASP A 1 62  ? -5.718  11.222  7.042   1.00 28.56 ? 118  ASP A OD1 1 
ATOM   502  O  OD2 . ASP A 1 62  ? -7.430  11.818  8.233   1.00 30.42 ? 118  ASP A OD2 1 
ATOM   503  N  N   . PRO A 1 63  ? -5.587  9.881   4.193   1.00 27.84 ? 119  PRO A N   1 
ATOM   504  C  CA  . PRO A 1 63  ? -4.298  9.325   3.750   1.00 28.47 ? 119  PRO A CA  1 
ATOM   505  C  C   . PRO A 1 63  ? -3.353  8.935   4.901   1.00 29.17 ? 119  PRO A C   1 
ATOM   506  O  O   . PRO A 1 63  ? -2.562  8.021   4.724   1.00 28.74 ? 119  PRO A O   1 
ATOM   507  C  CB  . PRO A 1 63  ? -3.670  10.460  2.940   1.00 28.60 ? 119  PRO A CB  1 
ATOM   508  C  CG  . PRO A 1 63  ? -4.826  11.371  2.549   1.00 28.65 ? 119  PRO A CG  1 
ATOM   509  C  CD  . PRO A 1 63  ? -5.815  11.258  3.665   1.00 27.29 ? 119  PRO A CD  1 
ATOM   510  N  N   . ARG A 1 64  ? -3.412  9.645   6.045   1.00 28.96 ? 120  ARG A N   1 
ATOM   511  C  CA  . ARG A 1 64  ? -2.615  9.306   7.250   1.00 29.43 ? 120  ARG A CA  1 
ATOM   512  C  C   . ARG A 1 64  ? -3.009  7.948   7.833   1.00 30.03 ? 120  ARG A C   1 
ATOM   513  O  O   . ARG A 1 64  ? -2.164  7.250   8.422   1.00 31.41 ? 120  ARG A O   1 
ATOM   514  C  CB  . ARG A 1 64  ? -2.727  10.396  8.342   1.00 29.00 ? 120  ARG A CB  1 
ATOM   515  C  CG  . ARG A 1 64  ? -2.241  11.777  7.971   1.00 29.63 ? 120  ARG A CG  1 
ATOM   516  C  CD  . ARG A 1 64  ? -2.623  12.769  9.100   1.00 30.20 ? 120  ARG A CD  1 
ATOM   517  N  NE  . ARG A 1 64  ? -4.060  12.687  9.371   1.00 29.66 ? 120  ARG A NE  1 
ATOM   518  C  CZ  . ARG A 1 64  ? -4.660  13.153  10.467  1.00 26.88 ? 120  ARG A CZ  1 
ATOM   519  N  NH1 . ARG A 1 64  ? -3.960  13.744  11.416  1.00 27.86 ? 120  ARG A NH1 1 
ATOM   520  N  NH2 . ARG A 1 64  ? -5.957  13.014  10.603  1.00 27.60 ? 120  ARG A NH2 1 
ATOM   521  N  N   . PHE A 1 65  ? -4.273  7.580   7.695   1.00 29.83 ? 121  PHE A N   1 
ATOM   522  C  CA  . PHE A 1 65  ? -4.753  6.280   8.134   1.00 30.27 ? 121  PHE A CA  1 
ATOM   523  C  C   . PHE A 1 65  ? -4.299  5.203   7.140   1.00 29.98 ? 121  PHE A C   1 
ATOM   524  O  O   . PHE A 1 65  ? -3.859  4.103   7.527   1.00 29.91 ? 121  PHE A O   1 
ATOM   525  C  CB  . PHE A 1 65  ? -6.278  6.283   8.293   1.00 30.81 ? 121  PHE A CB  1 
ATOM   526  C  CG  . PHE A 1 65  ? -6.853  5.020   8.909   1.00 30.15 ? 121  PHE A CG  1 
ATOM   527  C  CD1 . PHE A 1 65  ? -6.594  4.682   10.237  1.00 33.93 ? 121  PHE A CD1 1 
ATOM   528  C  CD2 . PHE A 1 65  ? -7.684  4.203   8.171   1.00 28.45 ? 121  PHE A CD2 1 
ATOM   529  C  CE1 . PHE A 1 65  ? -7.115  3.517   10.798  1.00 30.49 ? 121  PHE A CE1 1 
ATOM   530  C  CE2 . PHE A 1 65  ? -8.221  3.052   8.722   1.00 30.45 ? 121  PHE A CE2 1 
ATOM   531  C  CZ  . PHE A 1 65  ? -7.930  2.712   10.055  1.00 32.48 ? 121  PHE A CZ  1 
ATOM   532  N  N   . LEU A 1 66  ? -4.415  5.518   5.857   1.00 29.26 ? 122  LEU A N   1 
ATOM   533  C  CA  . LEU A 1 66  ? -3.960  4.584   4.821   1.00 29.63 ? 122  LEU A CA  1 
ATOM   534  C  C   . LEU A 1 66  ? -2.454  4.344   4.942   1.00 29.90 ? 122  LEU A C   1 
ATOM   535  O  O   . LEU A 1 66  ? -2.011  3.206   4.837   1.00 30.73 ? 122  LEU A O   1 
ATOM   536  C  CB  . LEU A 1 66  ? -4.310  5.090   3.407   1.00 28.94 ? 122  LEU A CB  1 
ATOM   537  C  CG  . LEU A 1 66  ? -3.727  4.286   2.221   1.00 28.48 ? 122  LEU A CG  1 
ATOM   538  C  CD1 . LEU A 1 66  ? -4.333  2.925   2.203   1.00 26.15 ? 122  LEU A CD1 1 
ATOM   539  C  CD2 . LEU A 1 66  ? -3.968  4.992   0.900   1.00 27.18 ? 122  LEU A CD2 1 
ATOM   540  N  N   . ASN A 1 67  ? -1.692  5.397   5.166   1.00 30.19 ? 123  ASN A N   1 
ATOM   541  C  CA  . ASN A 1 67  ? -0.266  5.296   5.390   1.00 32.74 ? 123  ASN A CA  1 
ATOM   542  C  C   . ASN A 1 67  ? 0.177   4.286   6.469   1.00 33.49 ? 123  ASN A C   1 
ATOM   543  O  O   . ASN A 1 67  ? 1.220   3.641   6.313   1.00 33.69 ? 123  ASN A O   1 
ATOM   544  C  CB  . ASN A 1 67  ? 0.317   6.655   5.721   1.00 33.41 ? 123  ASN A CB  1 
ATOM   545  C  CG  . ASN A 1 67  ? 1.763   6.566   6.105   1.00 37.22 ? 123  ASN A CG  1 
ATOM   546  O  OD1 . ASN A 1 67  ? 2.142   6.923   7.228   1.00 44.77 ? 123  ASN A OD1 1 
ATOM   547  N  ND2 . ASN A 1 67  ? 2.586   6.047   5.201   1.00 40.14 ? 123  ASN A ND2 1 
ATOM   548  N  N   . LEU A 1 68  ? -0.594  4.151   7.548   1.00 32.95 ? 124  LEU A N   1 
ATOM   549  C  CA  . LEU A 1 68  ? -0.311  3.129   8.569   1.00 33.18 ? 124  LEU A CA  1 
ATOM   550  C  C   . LEU A 1 68  ? -0.350  1.745   7.954   1.00 32.73 ? 124  LEU A C   1 
ATOM   551  O  O   . LEU A 1 68  ? 0.549   0.909   8.187   1.00 33.32 ? 124  LEU A O   1 
ATOM   552  C  CB  . LEU A 1 68  ? -1.329  3.179   9.717   1.00 33.07 ? 124  LEU A CB  1 
ATOM   553  C  CG  . LEU A 1 68  ? -1.453  4.441   10.574  1.00 34.01 ? 124  LEU A CG  1 
ATOM   554  C  CD1 . LEU A 1 68  ? -2.656  4.313   11.560  1.00 35.52 ? 124  LEU A CD1 1 
ATOM   555  C  CD2 . LEU A 1 68  ? -0.157  4.782   11.268  1.00 34.28 ? 124  LEU A CD2 1 
ATOM   556  N  N   . TRP A 1 69  ? -1.406  1.495   7.187   1.00 31.37 ? 125  TRP A N   1 
ATOM   557  C  CA  . TRP A 1 69  ? -1.632  0.233   6.522   1.00 30.49 ? 125  TRP A CA  1 
ATOM   558  C  C   . TRP A 1 69  ? -0.641  -0.044  5.381   1.00 30.11 ? 125  TRP A C   1 
ATOM   559  O  O   . TRP A 1 69  ? -0.285  -1.205  5.150   1.00 29.36 ? 125  TRP A O   1 
ATOM   560  C  CB  . TRP A 1 69  ? -3.067  0.174   5.967   1.00 31.15 ? 125  TRP A CB  1 
ATOM   561  C  CG  . TRP A 1 69  ? -4.081  0.063   7.060   1.00 32.55 ? 125  TRP A CG  1 
ATOM   562  C  CD1 . TRP A 1 69  ? -4.882  1.063   7.558   1.00 34.35 ? 125  TRP A CD1 1 
ATOM   563  C  CD2 . TRP A 1 69  ? -4.369  -1.109  7.832   1.00 33.31 ? 125  TRP A CD2 1 
ATOM   564  N  NE1 . TRP A 1 69  ? -5.677  0.569   8.581   1.00 33.22 ? 125  TRP A NE1 1 
ATOM   565  C  CE2 . TRP A 1 69  ? -5.379  -0.758  8.776   1.00 33.43 ? 125  TRP A CE2 1 
ATOM   566  C  CE3 . TRP A 1 69  ? -3.883  -2.434  7.811   1.00 32.50 ? 125  TRP A CE3 1 
ATOM   567  C  CZ2 . TRP A 1 69  ? -5.924  -1.698  9.690   1.00 33.38 ? 125  TRP A CZ2 1 
ATOM   568  C  CZ3 . TRP A 1 69  ? -4.411  -3.360  8.725   1.00 33.26 ? 125  TRP A CZ3 1 
ATOM   569  C  CH2 . TRP A 1 69  ? -5.427  -2.984  9.657   1.00 33.01 ? 125  TRP A CH2 1 
ATOM   570  N  N   . LEU A 1 70  ? -0.248  0.987   4.632   1.00 28.18 ? 126  LEU A N   1 
ATOM   571  C  CA  . LEU A 1 70  ? 0.802   0.799   3.633   1.00 28.72 ? 126  LEU A CA  1 
ATOM   572  C  C   . LEU A 1 70  ? 2.121   0.398   4.321   1.00 29.30 ? 126  LEU A C   1 
ATOM   573  O  O   . LEU A 1 70  ? 2.804   -0.538  3.861   1.00 29.35 ? 126  LEU A O   1 
ATOM   574  C  CB  . LEU A 1 70  ? 0.973   2.040   2.735   1.00 28.50 ? 126  LEU A CB  1 
ATOM   575  C  CG  . LEU A 1 70  ? -0.304  2.487   1.982   1.00 29.10 ? 126  LEU A CG  1 
ATOM   576  C  CD1 . LEU A 1 70  ? -0.050  3.721   1.150   1.00 31.32 ? 126  LEU A CD1 1 
ATOM   577  C  CD2 . LEU A 1 70  ? -0.889  1.379   1.106   1.00 28.74 ? 126  LEU A CD2 1 
ATOM   578  N  N   . LYS A 1 71  ? 2.476   1.069   5.423   1.00 29.54 ? 127  LYS A N   1 
ATOM   579  C  CA  . LYS A 1 71  ? 3.698   0.683   6.166   1.00 30.28 ? 127  LYS A CA  1 
ATOM   580  C  C   . LYS A 1 71  ? 3.668   -0.740  6.722   1.00 30.74 ? 127  LYS A C   1 
ATOM   581  O  O   . LYS A 1 71  ? 4.701   -1.438  6.656   1.00 30.93 ? 127  LYS A O   1 
ATOM   582  C  CB  . LYS A 1 71  ? 4.013   1.665   7.281   1.00 30.24 ? 127  LYS A CB  1 
ATOM   583  C  CG  . LYS A 1 71  ? 4.324   3.046   6.786   1.00 32.70 ? 127  LYS A CG  1 
ATOM   584  C  CD  . LYS A 1 71  ? 4.916   3.875   7.919   1.00 36.52 ? 127  LYS A CD  1 
ATOM   585  C  CE  . LYS A 1 71  ? 4.960   5.337   7.526   1.00 37.89 ? 127  LYS A CE  1 
ATOM   586  N  NZ  . LYS A 1 71  ? 5.866   5.573   6.364   1.00 42.15 ? 127  LYS A NZ  1 
ATOM   587  N  N   . LEU A 1 72  ? 2.507   -1.163  7.254   1.00 30.88 ? 128  LEU A N   1 
ATOM   588  C  CA  . LEU A 1 72  ? 2.248   -2.560  7.700   1.00 31.51 ? 128  LEU A CA  1 
ATOM   589  C  C   . LEU A 1 72  ? 2.304   -3.559  6.565   1.00 31.19 ? 128  LEU A C   1 
ATOM   590  O  O   . LEU A 1 72  ? 2.885   -4.641  6.700   1.00 31.33 ? 128  LEU A O   1 
ATOM   591  C  CB  . LEU A 1 72  ? 0.863   -2.710  8.349   1.00 31.28 ? 128  LEU A CB  1 
ATOM   592  C  CG  . LEU A 1 72  ? 0.722   -2.309  9.816   1.00 35.33 ? 128  LEU A CG  1 
ATOM   593  C  CD1 . LEU A 1 72  ? -0.746  -2.170  10.227  1.00 35.37 ? 128  LEU A CD1 1 
ATOM   594  C  CD2 . LEU A 1 72  ? 1.474   -3.328  10.721  1.00 37.20 ? 128  LEU A CD2 1 
ATOM   595  N  N   . GLY A 1 73  ? 1.676   -3.207  5.451   1.00 29.88 ? 129  GLY A N   1 
ATOM   596  C  CA  . GLY A 1 73  ? 1.698   -4.030  4.250   1.00 30.23 ? 129  GLY A CA  1 
ATOM   597  C  C   . GLY A 1 73  ? 3.101   -4.302  3.751   1.00 30.37 ? 129  GLY A C   1 
ATOM   598  O  O   . GLY A 1 73  ? 3.384   -5.390  3.262   1.00 30.03 ? 129  GLY A O   1 
ATOM   599  N  N   . ARG A 1 74  ? 3.973   -3.314  3.859   1.00 30.57 ? 130  ARG A N   1 
ATOM   600  C  CA  . ARG A 1 74  ? 5.391   -3.494  3.514   1.00 32.82 ? 130  ARG A CA  1 
ATOM   601  C  C   . ARG A 1 74  ? 6.129   -4.512  4.442   1.00 33.17 ? 130  ARG A C   1 
ATOM   602  O  O   . ARG A 1 74  ? 7.018   -5.219  3.994   1.00 33.55 ? 130  ARG A O   1 
ATOM   603  C  CB  . ARG A 1 74  ? 6.071   -2.134  3.516   1.00 32.63 ? 130  ARG A CB  1 
ATOM   604  C  CG  . ARG A 1 74  ? 7.525   -2.132  3.176   1.00 38.94 ? 130  ARG A CG  1 
ATOM   605  C  CD  . ARG A 1 74  ? 8.116   -0.752  3.489   1.00 47.32 ? 130  ARG A CD  1 
ATOM   606  N  NE  . ARG A 1 74  ? 9.587   -0.761  3.603   1.00 52.68 ? 130  ARG A NE  1 
ATOM   607  C  CZ  . ARG A 1 74  ? 10.258  -0.857  4.752   1.00 54.69 ? 130  ARG A CZ  1 
ATOM   608  N  NH1 . ARG A 1 74  ? 9.613   -0.969  5.913   1.00 56.37 ? 130  ARG A NH1 1 
ATOM   609  N  NH2 . ARG A 1 74  ? 11.585  -0.853  4.742   1.00 56.31 ? 130  ARG A NH2 1 
ATOM   610  N  N   . LEU A 1 75  ? 5.736   -4.565  5.714   1.00 32.67 ? 131  LEU A N   1 
ATOM   611  C  CA  . LEU A 1 75  ? 6.334   -5.450  6.692   1.00 34.00 ? 131  LEU A CA  1 
ATOM   612  C  C   . LEU A 1 75  ? 5.668   -6.827  6.721   1.00 34.03 ? 131  LEU A C   1 
ATOM   613  O  O   . LEU A 1 75  ? 6.293   -7.824  7.085   1.00 34.34 ? 131  LEU A O   1 
ATOM   614  C  CB  . LEU A 1 75  ? 6.318   -4.791  8.075   1.00 33.95 ? 131  LEU A CB  1 
ATOM   615  C  CG  . LEU A 1 75  ? 7.023   -3.425  8.156   1.00 36.44 ? 131  LEU A CG  1 
ATOM   616  C  CD1 . LEU A 1 75  ? 6.743   -2.689  9.454   1.00 38.10 ? 131  LEU A CD1 1 
ATOM   617  C  CD2 . LEU A 1 75  ? 8.527   -3.556  7.966   1.00 37.57 ? 131  LEU A CD2 1 
ATOM   618  N  N   . CYS A 1 76  ? 4.400   -6.871  6.326   1.00 32.73 ? 132  CYS A N   1 
ATOM   619  C  CA  . CYS A 1 76  ? 3.553   -8.051  6.391   1.00 30.35 ? 132  CYS A CA  1 
ATOM   620  C  C   . CYS A 1 76  ? 3.970   -9.127  5.368   1.00 28.74 ? 132  CYS A C   1 
ATOM   621  O  O   . CYS A 1 76  ? 4.222   -8.806  4.220   1.00 27.88 ? 132  CYS A O   1 
ATOM   622  C  CB  . CYS A 1 76  ? 2.101   -7.593  6.098   1.00 30.27 ? 132  CYS A CB  1 
ATOM   623  S  SG  . CYS A 1 76  ? 0.860   -8.806  6.330   1.00 35.86 ? 132  CYS A SG  1 
ATOM   624  N  N   . ASN A 1 77  ? 3.996   -10.402 5.767   1.00 27.38 ? 133  ASN A N   1 
ATOM   625  C  CA  . ASN A 1 77  ? 4.295   -11.491 4.808   1.00 26.65 ? 133  ASN A CA  1 
ATOM   626  C  C   . ASN A 1 77  ? 3.068   -11.949 4.056   1.00 24.42 ? 133  ASN A C   1 
ATOM   627  O  O   . ASN A 1 77  ? 3.176   -12.708 3.096   1.00 24.21 ? 133  ASN A O   1 
ATOM   628  C  CB  . ASN A 1 77  ? 5.020   -12.699 5.477   1.00 27.71 ? 133  ASN A CB  1 
ATOM   629  C  CG  . ASN A 1 77  ? 4.260   -13.274 6.662   1.00 31.73 ? 133  ASN A CG  1 
ATOM   630  O  OD1 . ASN A 1 77  ? 3.092   -13.642 6.572   1.00 35.85 ? 133  ASN A OD1 1 
ATOM   631  N  ND2 . ASN A 1 77  ? 4.949   -13.359 7.798   1.00 35.77 ? 133  ASN A ND2 1 
ATOM   632  N  N   . GLU A 1 78  ? 1.880   -11.459 4.475   1.00 24.26 ? 134  GLU A N   1 
ATOM   633  C  CA  . GLU A 1 78  ? 0.680   -11.689 3.691   1.00 23.10 ? 134  GLU A CA  1 
ATOM   634  C  C   . GLU A 1 78  ? -0.096  -10.398 3.327   1.00 23.14 ? 134  GLU A C   1 
ATOM   635  O  O   . GLU A 1 78  ? -1.256  -10.303 3.691   1.00 22.67 ? 134  GLU A O   1 
ATOM   636  C  CB  . GLU A 1 78  ? -0.234  -12.708 4.402   1.00 23.88 ? 134  GLU A CB  1 
ATOM   637  C  CG  . GLU A 1 78  ? 0.455   -14.117 4.507   1.00 23.60 ? 134  GLU A CG  1 
ATOM   638  C  CD  . GLU A 1 78  ? 0.213   -14.918 3.294   1.00 20.03 ? 134  GLU A CD  1 
ATOM   639  O  OE1 . GLU A 1 78  ? -0.988  -15.264 3.158   1.00 22.44 ? 134  GLU A OE1 1 
ATOM   640  O  OE2 . GLU A 1 78  ? 1.138   -15.211 2.429   1.00 24.22 ? 134  GLU A OE2 1 
ATOM   641  N  N   . PRO A 1 79  ? 0.546   -9.443  2.590   1.00 23.31 ? 135  PRO A N   1 
ATOM   642  C  CA  . PRO A 1 79  ? -0.136  -8.178  2.197   1.00 23.17 ? 135  PRO A CA  1 
ATOM   643  C  C   . PRO A 1 79  ? -1.393  -8.367  1.319   1.00 23.92 ? 135  PRO A C   1 
ATOM   644  O  O   . PRO A 1 79  ? -2.303  -7.537  1.376   1.00 23.29 ? 135  PRO A O   1 
ATOM   645  C  CB  . PRO A 1 79  ? 0.938   -7.434  1.417   1.00 22.86 ? 135  PRO A CB  1 
ATOM   646  C  CG  . PRO A 1 79  ? 1.865   -8.526  0.891   1.00 22.03 ? 135  PRO A CG  1 
ATOM   647  C  CD  . PRO A 1 79  ? 1.910   -9.504  2.005   1.00 22.59 ? 135  PRO A CD  1 
ATOM   648  N  N   . LEU A 1 80  ? -1.500  -9.444  0.556   1.00 23.20 ? 136  LEU A N   1 
ATOM   649  C  CA  . LEU A 1 80  ? -2.648  -9.598  -0.334  1.00 24.67 ? 136  LEU A CA  1 
ATOM   650  C  C   . LEU A 1 80  ? -3.922  -9.804  0.481   1.00 25.45 ? 136  LEU A C   1 
ATOM   651  O  O   . LEU A 1 80  ? -5.021  -9.231  0.210   1.00 24.88 ? 136  LEU A O   1 
ATOM   652  C  CB  . LEU A 1 80  ? -2.477  -10.783 -1.273  1.00 23.24 ? 136  LEU A CB  1 
ATOM   653  C  CG  . LEU A 1 80  ? -1.393  -10.725 -2.352  1.00 25.70 ? 136  LEU A CG  1 
ATOM   654  C  CD1 . LEU A 1 80  ? -1.356  -12.018 -3.167  1.00 25.37 ? 136  LEU A CD1 1 
ATOM   655  C  CD2 . LEU A 1 80  ? -1.611  -9.498  -3.276  1.00 26.62 ? 136  LEU A CD2 1 
ATOM   656  N  N   . ASP A 1 81  ? -3.778  -10.631 1.505   1.00 24.96 ? 137  ASP A N   1 
ATOM   657  C  CA  . ASP A 1 81  ? -4.870  -10.813 2.423   1.00 25.73 ? 137  ASP A CA  1 
ATOM   658  C  C   . ASP A 1 81  ? -5.201  -9.517  3.195   1.00 26.21 ? 137  ASP A C   1 
ATOM   659  O  O   . ASP A 1 81  ? -6.366  -9.247  3.473   1.00 28.01 ? 137  ASP A O   1 
ATOM   660  C  CB  . ASP A 1 81  ? -4.556  -12.013 3.351   1.00 26.59 ? 137  ASP A CB  1 
ATOM   661  C  CG  . ASP A 1 81  ? -4.946  -13.319 2.724   1.00 28.89 ? 137  ASP A CG  1 
ATOM   662  O  OD1 . ASP A 1 81  ? -6.102  -13.399 2.266   1.00 33.23 ? 137  ASP A OD1 1 
ATOM   663  O  OD2 . ASP A 1 81  ? -4.119  -14.253 2.630   1.00 29.41 ? 137  ASP A OD2 1 
ATOM   664  N  N   . MET A 1 82  ? -4.173  -8.739  3.542   1.00 25.88 ? 138  MET A N   1 
ATOM   665  C  CA  . MET A 1 82  ? -4.326  -7.466  4.210   1.00 26.79 ? 138  MET A CA  1 
ATOM   666  C  C   . MET A 1 82  ? -5.164  -6.527  3.330   1.00 27.10 ? 138  MET A C   1 
ATOM   667  O  O   . MET A 1 82  ? -6.213  -6.013  3.797   1.00 26.54 ? 138  MET A O   1 
ATOM   668  C  CB  . MET A 1 82  ? -2.984  -6.833  4.501   1.00 25.61 ? 138  MET A CB  1 
ATOM   669  C  CG  . MET A 1 82  ? -3.107  -5.618  5.379   1.00 26.79 ? 138  MET A CG  1 
ATOM   670  S  SD  . MET A 1 82  ? -1.735  -4.543  5.499   1.00 27.87 ? 138  MET A SD  1 
ATOM   671  C  CE  . MET A 1 82  ? -1.682  -4.003  3.760   1.00 28.89 ? 138  MET A CE  1 
ATOM   672  N  N   . TYR A 1 83  ? -4.744  -6.320  2.076   1.00 26.83 ? 139  TYR A N   1 
ATOM   673  C  CA  . TYR A 1 83  ? -5.556  -5.448  1.159   1.00 27.68 ? 139  TYR A CA  1 
ATOM   674  C  C   . TYR A 1 83  ? -7.010  -5.911  0.940   1.00 28.76 ? 139  TYR A C   1 
ATOM   675  O  O   . TYR A 1 83  ? -7.923  -5.082  0.919   1.00 27.94 ? 139  TYR A O   1 
ATOM   676  C  CB  . TYR A 1 83  ? -4.868  -5.230  -0.193  1.00 26.71 ? 139  TYR A CB  1 
ATOM   677  C  CG  . TYR A 1 83  ? -3.625  -4.398  -0.080  1.00 26.12 ? 139  TYR A CG  1 
ATOM   678  C  CD1 . TYR A 1 83  ? -3.699  -3.023  0.163   1.00 25.32 ? 139  TYR A CD1 1 
ATOM   679  C  CD2 . TYR A 1 83  ? -2.356  -4.993  -0.176  1.00 25.61 ? 139  TYR A CD2 1 
ATOM   680  C  CE1 . TYR A 1 83  ? -2.551  -2.252  0.276   1.00 27.01 ? 139  TYR A CE1 1 
ATOM   681  C  CE2 . TYR A 1 83  ? -1.195  -4.241  -0.042  1.00 22.06 ? 139  TYR A CE2 1 
ATOM   682  C  CZ  . TYR A 1 83  ? -1.293  -2.874  0.175   1.00 27.33 ? 139  TYR A CZ  1 
ATOM   683  O  OH  . TYR A 1 83  ? -0.156  -2.130  0.333   1.00 26.81 ? 139  TYR A OH  1 
ATOM   684  N  N   . SER A 1 84  ? -7.228  -7.216  0.781   1.00 29.32 ? 140  SER A N   1 
ATOM   685  C  CA  . SER A 1 84  ? -8.593  -7.793  0.652   1.00 30.98 ? 140  SER A CA  1 
ATOM   686  C  C   . SER A 1 84  ? -9.494  -7.411  1.825   1.00 31.04 ? 140  SER A C   1 
ATOM   687  O  O   . SER A 1 84  ? -10.634 -6.990  1.626   1.00 31.43 ? 140  SER A O   1 
ATOM   688  C  CB  . SER A 1 84  ? -8.534  -9.321  0.540   1.00 30.84 ? 140  SER A CB  1 
ATOM   689  O  OG  . SER A 1 84  ? -8.971  -9.760  -0.730  1.00 36.29 ? 140  SER A OG  1 
ATOM   690  N  N   . TYR A 1 85  ? -8.960  -7.556  3.031   1.00 31.44 ? 141  TYR A N   1 
ATOM   691  C  CA  . TYR A 1 85  ? -9.593  -7.135  4.269   1.00 32.01 ? 141  TYR A CA  1 
ATOM   692  C  C   . TYR A 1 85  ? -9.915  -5.630  4.327   1.00 31.71 ? 141  TYR A C   1 
ATOM   693  O  O   . TYR A 1 85  ? -11.060 -5.252  4.595   1.00 31.40 ? 141  TYR A O   1 
ATOM   694  C  CB  . TYR A 1 85  ? -8.709  -7.525  5.456   1.00 33.23 ? 141  TYR A CB  1 
ATOM   695  C  CG  . TYR A 1 85  ? -9.038  -6.808  6.749   1.00 33.73 ? 141  TYR A CG  1 
ATOM   696  C  CD1 . TYR A 1 85  ? -10.050 -7.271  7.597   1.00 34.38 ? 141  TYR A CD1 1 
ATOM   697  C  CD2 . TYR A 1 85  ? -8.332  -5.682  7.127   1.00 35.64 ? 141  TYR A CD2 1 
ATOM   698  C  CE1 . TYR A 1 85  ? -10.360 -6.582  8.802   1.00 35.37 ? 141  TYR A CE1 1 
ATOM   699  C  CE2 . TYR A 1 85  ? -8.618  -4.997  8.311   1.00 36.67 ? 141  TYR A CE2 1 
ATOM   700  C  CZ  . TYR A 1 85  ? -9.625  -5.455  9.158   1.00 36.71 ? 141  TYR A CZ  1 
ATOM   701  O  OH  . TYR A 1 85  ? -9.880  -4.753  10.351  1.00 37.84 ? 141  TYR A OH  1 
ATOM   702  N  N   . LEU A 1 86  ? -8.903  -4.789  4.108   1.00 30.60 ? 142  LEU A N   1 
ATOM   703  C  CA  . LEU A 1 86  ? -9.089  -3.338  4.048   1.00 30.71 ? 142  LEU A CA  1 
ATOM   704  C  C   . LEU A 1 86  ? -10.173 -2.931  3.043   1.00 31.02 ? 142  LEU A C   1 
ATOM   705  O  O   . LEU A 1 86  ? -11.000 -2.058  3.328   1.00 30.89 ? 142  LEU A O   1 
ATOM   706  C  CB  . LEU A 1 86  ? -7.788  -2.654  3.694   1.00 29.49 ? 142  LEU A CB  1 
ATOM   707  C  CG  . LEU A 1 86  ? -6.638  -2.828  4.670   1.00 29.67 ? 142  LEU A CG  1 
ATOM   708  C  CD1 . LEU A 1 86  ? -5.471  -2.032  4.170   1.00 29.06 ? 142  LEU A CD1 1 
ATOM   709  C  CD2 . LEU A 1 86  ? -7.066  -2.423  6.063   1.00 31.40 ? 142  LEU A CD2 1 
ATOM   710  N  N   . HIS A 1 87  ? -10.161 -3.570  1.880   1.00 31.37 ? 143  HIS A N   1 
ATOM   711  C  CA  . HIS A 1 87  ? -11.162 -3.347  0.859   1.00 33.28 ? 143  HIS A CA  1 
ATOM   712  C  C   . HIS A 1 87  ? -12.569 -3.714  1.318   1.00 34.74 ? 143  HIS A C   1 
ATOM   713  O  O   . HIS A 1 87  ? -13.536 -3.021  0.976   1.00 34.96 ? 143  HIS A O   1 
ATOM   714  C  CB  . HIS A 1 87  ? -10.811 -4.111  -0.415  1.00 32.90 ? 143  HIS A CB  1 
ATOM   715  C  CG  . HIS A 1 87  ? -11.782 -3.891  -1.530  1.00 35.53 ? 143  HIS A CG  1 
ATOM   716  N  ND1 . HIS A 1 87  ? -11.715 -2.801  -2.376  1.00 36.95 ? 143  HIS A ND1 1 
ATOM   717  C  CD2 . HIS A 1 87  ? -12.874 -4.596  -1.914  1.00 36.62 ? 143  HIS A CD2 1 
ATOM   718  C  CE1 . HIS A 1 87  ? -12.698 -2.867  -3.255  1.00 35.25 ? 143  HIS A CE1 1 
ATOM   719  N  NE2 . HIS A 1 87  ? -13.416 -3.946  -2.995  1.00 39.68 ? 143  HIS A NE2 1 
ATOM   720  N  N   . ASN A 1 88  ? -12.701 -4.810  2.065   1.00 34.59 ? 144  ASN A N   1 
ATOM   721  C  CA  . ASN A 1 88  ? -14.004 -5.164  2.618   1.00 35.46 ? 144  ASN A CA  1 
ATOM   722  C  C   . ASN A 1 88  ? -14.502 -4.273  3.718   1.00 34.52 ? 144  ASN A C   1 
ATOM   723  O  O   . ASN A 1 88  ? -15.690 -4.149  3.883   1.00 35.75 ? 144  ASN A O   1 
ATOM   724  C  CB  . ASN A 1 88  ? -13.996 -6.590  3.135   1.00 36.47 ? 144  ASN A CB  1 
ATOM   725  C  CG  . ASN A 1 88  ? -14.221 -7.560  2.061   1.00 40.24 ? 144  ASN A CG  1 
ATOM   726  O  OD1 . ASN A 1 88  ? -13.299 -8.285  1.660   1.00 47.15 ? 144  ASN A OD1 1 
ATOM   727  N  ND2 . ASN A 1 88  ? -15.447 -7.601  1.554   1.00 43.22 ? 144  ASN A ND2 1 
ATOM   728  N  N   . GLN A 1 89  ? -13.598 -3.700  4.493   1.00 33.40 ? 145  GLN A N   1 
ATOM   729  C  CA  . GLN A 1 89  ? -13.947 -2.720  5.509   1.00 33.31 ? 145  GLN A CA  1 
ATOM   730  C  C   . GLN A 1 89  ? -14.191 -1.326  4.903   1.00 32.13 ? 145  GLN A C   1 
ATOM   731  O  O   . GLN A 1 89  ? -14.587 -0.410  5.598   1.00 32.33 ? 145  GLN A O   1 
ATOM   732  C  CB  . GLN A 1 89  ? -12.808 -2.622  6.525   1.00 32.91 ? 145  GLN A CB  1 
ATOM   733  C  CG  . GLN A 1 89  ? -12.578 -3.893  7.279   1.00 36.10 ? 145  GLN A CG  1 
ATOM   734  C  CD  . GLN A 1 89  ? -13.818 -4.308  8.040   1.00 39.05 ? 145  GLN A CD  1 
ATOM   735  O  OE1 . GLN A 1 89  ? -14.167 -3.688  9.033   1.00 39.90 ? 145  GLN A OE1 1 
ATOM   736  N  NE2 . GLN A 1 89  ? -14.501 -5.338  7.561   1.00 40.41 ? 145  GLN A NE2 1 
ATOM   737  N  N   . GLY A 1 90  ? -13.890 -1.153  3.625   1.00 31.15 ? 146  GLY A N   1 
ATOM   738  C  CA  . GLY A 1 90  ? -13.939 0.190   2.991   1.00 30.00 ? 146  GLY A CA  1 
ATOM   739  C  C   . GLY A 1 90  ? -12.838 1.124   3.454   1.00 29.19 ? 146  GLY A C   1 
ATOM   740  O  O   . GLY A 1 90  ? -12.969 2.346   3.367   1.00 29.19 ? 146  GLY A O   1 
ATOM   741  N  N   . ILE A 1 91  ? -11.717 0.569   3.915   1.00 28.37 ? 147  ILE A N   1 
ATOM   742  C  CA  . ILE A 1 91  ? -10.568 1.390   4.293   1.00 27.19 ? 147  ILE A CA  1 
ATOM   743  C  C   . ILE A 1 91  ? -9.716  1.724   3.087   1.00 27.65 ? 147  ILE A C   1 
ATOM   744  O  O   . ILE A 1 91  ? -9.287  0.804   2.345   1.00 27.41 ? 147  ILE A O   1 
ATOM   745  C  CB  . ILE A 1 91  ? -9.704  0.702   5.403   1.00 28.16 ? 147  ILE A CB  1 
ATOM   746  C  CG1 . ILE A 1 91  ? -10.534 0.557   6.665   1.00 29.74 ? 147  ILE A CG1 1 
ATOM   747  C  CG2 . ILE A 1 91  ? -8.468  1.536   5.749   1.00 26.88 ? 147  ILE A CG2 1 
ATOM   748  C  CD1 . ILE A 1 91  ? -10.147 -0.616  7.524   1.00 34.36 ? 147  ILE A CD1 1 
ATOM   749  N  N   . GLY A 1 92  ? -9.467  3.026   2.891   1.00 26.47 ? 148  GLY A N   1 
ATOM   750  C  CA  . GLY A 1 92  ? -8.633  3.517   1.785   1.00 26.18 ? 148  GLY A CA  1 
ATOM   751  C  C   . GLY A 1 92  ? -9.243  3.403   0.395   1.00 26.54 ? 148  GLY A C   1 
ATOM   752  O  O   . GLY A 1 92  ? -8.592  3.716   -0.603  1.00 26.42 ? 148  GLY A O   1 
ATOM   753  N  N   . VAL A 1 93  ? -10.491 2.974   0.297   1.00 25.55 ? 149  VAL A N   1 
ATOM   754  C  CA  . VAL A 1 93  ? -11.083 2.669   -0.998  1.00 25.99 ? 149  VAL A CA  1 
ATOM   755  C  C   . VAL A 1 93  ? -11.334 3.883   -1.951  1.00 25.15 ? 149  VAL A C   1 
ATOM   756  O  O   . VAL A 1 93  ? -11.617 3.702   -3.147  1.00 26.32 ? 149  VAL A O   1 
ATOM   757  C  CB  . VAL A 1 93  ? -12.355 1.797   -0.837  1.00 27.26 ? 149  VAL A CB  1 
ATOM   758  C  CG1 . VAL A 1 93  ? -11.986 0.410   -0.148  1.00 25.81 ? 149  VAL A CG1 1 
ATOM   759  C  CG2 . VAL A 1 93  ? -13.433 2.554   -0.050  1.00 26.87 ? 149  VAL A CG2 1 
ATOM   760  N  N   . SER A 1 94  ? -11.176 5.093   -1.426  1.00 25.61 ? 150  SER A N   1 
ATOM   761  C  CA  . SER A 1 94  ? -11.358 6.314   -2.223  1.00 25.72 ? 150  SER A CA  1 
ATOM   762  C  C   . SER A 1 94  ? -10.007 6.987   -2.472  1.00 24.56 ? 150  SER A C   1 
ATOM   763  O  O   . SER A 1 94  ? -9.931  8.114   -2.993  1.00 23.86 ? 150  SER A O   1 
ATOM   764  C  CB  . SER A 1 94  ? -12.369 7.239   -1.533  1.00 25.81 ? 150  SER A CB  1 
ATOM   765  O  OG  . SER A 1 94  ? -11.813 7.748   -0.320  1.00 28.72 ? 150  SER A OG  1 
ATOM   766  N  N   . LEU A 1 95  ? -8.923  6.241   -2.173  1.00 23.31 ? 151  LEU A N   1 
ATOM   767  C  CA  . LEU A 1 95  ? -7.564  6.747   -2.309  1.00 22.30 ? 151  LEU A CA  1 
ATOM   768  C  C   . LEU A 1 95  ? -6.787  5.965   -3.361  1.00 22.17 ? 151  LEU A C   1 
ATOM   769  O  O   . LEU A 1 95  ? -6.750  4.749   -3.301  1.00 22.54 ? 151  LEU A O   1 
ATOM   770  C  CB  . LEU A 1 95  ? -6.837  6.708   -0.955  1.00 22.60 ? 151  LEU A CB  1 
ATOM   771  C  CG  . LEU A 1 95  ? -7.493  7.650   0.062   1.00 24.42 ? 151  LEU A CG  1 
ATOM   772  C  CD1 . LEU A 1 95  ? -6.888  7.358   1.385   1.00 23.45 ? 151  LEU A CD1 1 
ATOM   773  C  CD2 . LEU A 1 95  ? -7.285  9.113   -0.371  1.00 24.07 ? 151  LEU A CD2 1 
ATOM   774  N  N   . ALA A 1 96  ? -6.232  6.674   -4.354  1.00 21.07 ? 152  ALA A N   1 
ATOM   775  C  CA  . ALA A 1 96  ? -5.460  6.073   -5.448  1.00 20.85 ? 152  ALA A CA  1 
ATOM   776  C  C   . ALA A 1 96  ? -4.335  5.177   -4.947  1.00 20.58 ? 152  ALA A C   1 
ATOM   777  O  O   . ALA A 1 96  ? -4.103  4.141   -5.522  1.00 21.10 ? 152  ALA A O   1 
ATOM   778  C  CB  . ALA A 1 96  ? -4.851  7.173   -6.379  1.00 19.13 ? 152  ALA A CB  1 
ATOM   779  N  N   . GLN A 1 97  ? -3.617  5.623   -3.925  1.00 20.93 ? 153  GLN A N   1 
ATOM   780  C  CA  . GLN A 1 97  ? -2.428  4.886   -3.444  1.00 21.15 ? 153  GLN A CA  1 
ATOM   781  C  C   . GLN A 1 97  ? -2.809  3.514   -2.936  1.00 21.52 ? 153  GLN A C   1 
ATOM   782  O  O   . GLN A 1 97  ? -2.017  2.575   -3.064  1.00 20.51 ? 153  GLN A O   1 
ATOM   783  C  CB  . GLN A 1 97  ? -1.682  5.660   -2.364  1.00 22.35 ? 153  GLN A CB  1 
ATOM   784  C  CG  . GLN A 1 97  ? -0.301  5.024   -2.020  1.00 22.53 ? 153  GLN A CG  1 
ATOM   785  C  CD  . GLN A 1 97  ? 0.587   4.879   -3.254  1.00 27.66 ? 153  GLN A CD  1 
ATOM   786  O  OE1 . GLN A 1 97  ? 1.080   3.773   -3.578  1.00 30.63 ? 153  GLN A OE1 1 
ATOM   787  N  NE2 . GLN A 1 97  ? 0.799   5.981   -3.956  1.00 26.61 ? 153  GLN A NE2 1 
ATOM   788  N  N   . PHE A 1 98  ? -4.025  3.363   -2.398  1.00 21.01 ? 154  PHE A N   1 
ATOM   789  C  CA  . PHE A 1 98  ? -4.503  2.058   -1.901  1.00 21.11 ? 154  PHE A CA  1 
ATOM   790  C  C   . PHE A 1 98  ? -4.519  1.029   -3.047  1.00 21.84 ? 154  PHE A C   1 
ATOM   791  O  O   . PHE A 1 98  ? -3.941  -0.047  -2.940  1.00 22.69 ? 154  PHE A O   1 
ATOM   792  C  CB  . PHE A 1 98  ? -5.910  2.199   -1.231  1.00 20.90 ? 154  PHE A CB  1 
ATOM   793  C  CG  . PHE A 1 98  ? -6.562  0.880   -0.906  1.00 20.94 ? 154  PHE A CG  1 
ATOM   794  C  CD1 . PHE A 1 98  ? -6.244  0.198   0.282   1.00 23.58 ? 154  PHE A CD1 1 
ATOM   795  C  CD2 . PHE A 1 98  ? -7.443  0.289   -1.780  1.00 21.06 ? 154  PHE A CD2 1 
ATOM   796  C  CE1 . PHE A 1 98  ? -6.824  -1.024  0.573   1.00 21.69 ? 154  PHE A CE1 1 
ATOM   797  C  CE2 . PHE A 1 98  ? -8.041  -0.969  -1.490  1.00 26.13 ? 154  PHE A CE2 1 
ATOM   798  C  CZ  . PHE A 1 98  ? -7.718  -1.622  -0.316  1.00 22.83 ? 154  PHE A CZ  1 
ATOM   799  N  N   . TYR A 1 99  ? -5.068  1.420   -4.200  1.00 21.08 ? 155  TYR A N   1 
ATOM   800  C  CA  . TYR A 1 99  ? -5.083  0.601   -5.371  1.00 20.07 ? 155  TYR A CA  1 
ATOM   801  C  C   . TYR A 1 99  ? -3.699  0.422   -5.998  1.00 19.95 ? 155  TYR A C   1 
ATOM   802  O  O   . TYR A 1 99  ? -3.402  -0.645  -6.543  1.00 20.90 ? 155  TYR A O   1 
ATOM   803  C  CB  . TYR A 1 99  ? -6.040  1.205   -6.448  1.00 21.24 ? 155  TYR A CB  1 
ATOM   804  C  CG  . TYR A 1 99  ? -7.460  1.240   -5.936  1.00 22.25 ? 155  TYR A CG  1 
ATOM   805  C  CD1 . TYR A 1 99  ? -8.282  0.098   -6.007  1.00 21.49 ? 155  TYR A CD1 1 
ATOM   806  C  CD2 . TYR A 1 99  ? -7.933  2.383   -5.250  1.00 23.18 ? 155  TYR A CD2 1 
ATOM   807  C  CE1 . TYR A 1 99  ? -9.623  0.128   -5.470  1.00 22.03 ? 155  TYR A CE1 1 
ATOM   808  C  CE2 . TYR A 1 99  ? -9.239  2.418   -4.724  1.00 23.56 ? 155  TYR A CE2 1 
ATOM   809  C  CZ  . TYR A 1 99  ? -10.066 1.301   -4.831  1.00 24.46 ? 155  TYR A CZ  1 
ATOM   810  O  OH  . TYR A 1 99  ? -11.352 1.371   -4.266  1.00 25.33 ? 155  TYR A OH  1 
ATOM   811  N  N   . ILE A 1 100 ? -2.903  1.473   -6.025  1.00 20.71 ? 156  ILE A N   1 
ATOM   812  C  CA  . ILE A 1 100 ? -1.543  1.386   -6.643  1.00 20.88 ? 156  ILE A CA  1 
ATOM   813  C  C   . ILE A 1 100 ? -0.756  0.297   -5.883  1.00 21.34 ? 156  ILE A C   1 
ATOM   814  O  O   . ILE A 1 100 ? -0.194  -0.635  -6.487  1.00 21.38 ? 156  ILE A O   1 
ATOM   815  C  CB  . ILE A 1 100 ? -0.794  2.740   -6.574  1.00 20.95 ? 156  ILE A CB  1 
ATOM   816  C  CG1 . ILE A 1 100 ? -1.487  3.792   -7.509  1.00 20.01 ? 156  ILE A CG1 1 
ATOM   817  C  CG2 . ILE A 1 100 ? 0.734   2.558   -6.969  1.00 22.21 ? 156  ILE A CG2 1 
ATOM   818  C  CD1 . ILE A 1 100 ? -1.064  5.258   -7.240  1.00 20.05 ? 156  ILE A CD1 1 
ATOM   819  N  N   . SER A 1 101 ? -0.788  0.428   -4.562  1.00 20.83 ? 157  SER A N   1 
ATOM   820  C  CA  . SER A 1 101 ? -0.067  -0.453  -3.630  1.00 21.29 ? 157  SER A CA  1 
ATOM   821  C  C   . SER A 1 101 ? -0.544  -1.891  -3.700  1.00 21.08 ? 157  SER A C   1 
ATOM   822  O  O   . SER A 1 101 ? 0.259   -2.809  -3.786  1.00 20.58 ? 157  SER A O   1 
ATOM   823  C  CB  . SER A 1 101 ? -0.213  0.090   -2.228  1.00 21.49 ? 157  SER A CB  1 
ATOM   824  O  OG  . SER A 1 101 ? 0.672   1.167   -2.081  1.00 22.59 ? 157  SER A OG  1 
ATOM   825  N  N   . TRP A 1 102 ? -1.844  -2.096  -3.653  1.00 20.55 ? 158  TRP A N   1 
ATOM   826  C  CA  . TRP A 1 102 ? -2.421  -3.404  -3.847  1.00 20.61 ? 158  TRP A CA  1 
ATOM   827  C  C   . TRP A 1 102 ? -2.091  -4.041  -5.188  1.00 20.85 ? 158  TRP A C   1 
ATOM   828  O  O   . TRP A 1 102 ? -1.625  -5.173  -5.247  1.00 19.30 ? 158  TRP A O   1 
ATOM   829  C  CB  . TRP A 1 102 ? -3.926  -3.242  -3.697  1.00 23.08 ? 158  TRP A CB  1 
ATOM   830  C  CG  . TRP A 1 102 ? -4.715  -4.492  -3.585  1.00 24.95 ? 158  TRP A CG  1 
ATOM   831  C  CD1 . TRP A 1 102 ? -4.244  -5.770  -3.384  1.00 25.88 ? 158  TRP A CD1 1 
ATOM   832  C  CD2 . TRP A 1 102 ? -6.143  -4.575  -3.543  1.00 25.88 ? 158  TRP A CD2 1 
ATOM   833  N  NE1 . TRP A 1 102 ? -5.301  -6.632  -3.244  1.00 28.16 ? 158  TRP A NE1 1 
ATOM   834  C  CE2 . TRP A 1 102 ? -6.477  -5.929  -3.324  1.00 28.47 ? 158  TRP A CE2 1 
ATOM   835  C  CE3 . TRP A 1 102 ? -7.173  -3.629  -3.662  1.00 27.36 ? 158  TRP A CE3 1 
ATOM   836  C  CZ2 . TRP A 1 102 ? -7.815  -6.378  -3.259  1.00 29.08 ? 158  TRP A CZ2 1 
ATOM   837  C  CZ3 . TRP A 1 102 ? -8.494  -4.067  -3.577  1.00 28.68 ? 158  TRP A CZ3 1 
ATOM   838  C  CH2 . TRP A 1 102 ? -8.802  -5.434  -3.364  1.00 26.94 ? 158  TRP A CH2 1 
ATOM   839  N  N   . ALA A 1 103 ? -2.242  -3.298  -6.292  1.00 18.89 ? 159  ALA A N   1 
ATOM   840  C  CA  . ALA A 1 103 ? -1.873  -3.805  -7.596  1.00 20.30 ? 159  ALA A CA  1 
ATOM   841  C  C   . ALA A 1 103 ? -0.376  -4.163  -7.717  1.00 20.31 ? 159  ALA A C   1 
ATOM   842  O  O   . ALA A 1 103 ? -0.057  -5.142  -8.352  1.00 21.33 ? 159  ALA A O   1 
ATOM   843  C  CB  . ALA A 1 103 ? -2.274  -2.761  -8.735  1.00 19.49 ? 159  ALA A CB  1 
ATOM   844  N  N   . GLU A 1 104 ? 0.508   -3.349  -7.149  1.00 20.31 ? 160  GLU A N   1 
ATOM   845  C  CA  . GLU A 1 104 ? 1.967   -3.623  -7.159  1.00 22.92 ? 160  GLU A CA  1 
ATOM   846  C  C   . GLU A 1 104 ? 2.299   -4.956  -6.509  1.00 21.65 ? 160  GLU A C   1 
ATOM   847  O  O   . GLU A 1 104 ? 3.209   -5.640  -6.941  1.00 19.51 ? 160  GLU A O   1 
ATOM   848  C  CB  . GLU A 1 104 ? 2.756   -2.486  -6.500  1.00 23.01 ? 160  GLU A CB  1 
ATOM   849  C  CG  . GLU A 1 104 ? 2.867   -1.316  -7.467  1.00 28.10 ? 160  GLU A CG  1 
ATOM   850  C  CD  . GLU A 1 104 ? 3.510   -0.039  -6.938  1.00 30.11 ? 160  GLU A CD  1 
ATOM   851  O  OE1 . GLU A 1 104 ? 3.739   0.102   -5.695  1.00 37.98 ? 160  GLU A OE1 1 
ATOM   852  O  OE2 . GLU A 1 104 ? 3.761   0.845   -7.809  1.00 36.91 ? 160  GLU A OE2 1 
ATOM   853  N  N   . GLU A 1 105 ? 1.533   -5.340  -5.492  1.00 21.13 ? 161  GLU A N   1 
ATOM   854  C  CA  . GLU A 1 105 ? 1.809   -6.638  -4.811  1.00 22.18 ? 161  GLU A CA  1 
ATOM   855  C  C   . GLU A 1 105 ? 1.497   -7.775  -5.806  1.00 22.20 ? 161  GLU A C   1 
ATOM   856  O  O   . GLU A 1 105 ? 2.232   -8.752  -5.919  1.00 21.55 ? 161  GLU A O   1 
ATOM   857  C  CB  . GLU A 1 105 ? 0.981   -6.812  -3.523  1.00 20.41 ? 161  GLU A CB  1 
ATOM   858  C  CG  . GLU A 1 105 ? 1.327   -5.879  -2.374  1.00 23.34 ? 161  GLU A CG  1 
ATOM   859  C  CD  . GLU A 1 105 ? 2.699   -6.154  -1.716  1.00 28.64 ? 161  GLU A CD  1 
ATOM   860  O  OE1 . GLU A 1 105 ? 3.411   -7.104  -2.130  1.00 27.77 ? 161  GLU A OE1 1 
ATOM   861  O  OE2 . GLU A 1 105 ? 3.071   -5.415  -0.772  1.00 29.30 ? 161  GLU A OE2 1 
ATOM   862  N  N   . TYR A 1 106 ? 0.390   -7.649  -6.539  1.00 23.36 ? 162  TYR A N   1 
ATOM   863  C  CA  . TYR A 1 106 ? 0.078   -8.628  -7.563  1.00 23.04 ? 162  TYR A CA  1 
ATOM   864  C  C   . TYR A 1 106 ? 1.013   -8.604  -8.752  1.00 23.37 ? 162  TYR A C   1 
ATOM   865  O  O   . TYR A 1 106 ? 1.360   -9.671  -9.309  1.00 22.87 ? 162  TYR A O   1 
ATOM   866  C  CB  . TYR A 1 106 ? -1.355  -8.502  -8.041  1.00 25.00 ? 162  TYR A CB  1 
ATOM   867  C  CG  . TYR A 1 106 ? -2.331  -9.219  -7.145  1.00 24.11 ? 162  TYR A CG  1 
ATOM   868  C  CD1 . TYR A 1 106 ? -3.158  -8.497  -6.265  1.00 25.92 ? 162  TYR A CD1 1 
ATOM   869  C  CD2 . TYR A 1 106 ? -2.389  -10.614 -7.114  1.00 28.05 ? 162  TYR A CD2 1 
ATOM   870  C  CE1 . TYR A 1 106 ? -4.068  -9.162  -5.412  1.00 28.80 ? 162  TYR A CE1 1 
ATOM   871  C  CE2 . TYR A 1 106 ? -3.295  -11.291 -6.264  1.00 28.68 ? 162  TYR A CE2 1 
ATOM   872  C  CZ  . TYR A 1 106 ? -4.127  -10.550 -5.422  1.00 30.45 ? 162  TYR A CZ  1 
ATOM   873  O  OH  . TYR A 1 106 ? -5.019  -11.175 -4.559  1.00 33.47 ? 162  TYR A OH  1 
ATOM   874  N  N   . GLU A 1 107 ? 1.415   -7.411  -9.183  1.00 22.70 ? 163  GLU A N   1 
ATOM   875  C  CA  . GLU A 1 107 ? 2.429   -7.325  -10.224 1.00 22.78 ? 163  GLU A CA  1 
ATOM   876  C  C   . GLU A 1 107 ? 3.740   -8.005  -9.814  1.00 22.61 ? 163  GLU A C   1 
ATOM   877  O  O   . GLU A 1 107 ? 4.384   -8.663  -10.636 1.00 22.50 ? 163  GLU A O   1 
ATOM   878  C  CB  . GLU A 1 107 ? 2.729   -5.873  -10.582 1.00 23.09 ? 163  GLU A CB  1 
ATOM   879  C  CG  . GLU A 1 107 ? 3.626   -5.748  -11.794 1.00 24.66 ? 163  GLU A CG  1 
ATOM   880  C  CD  . GLU A 1 107 ? 4.099   -4.357  -12.008 1.00 26.36 ? 163  GLU A CD  1 
ATOM   881  O  OE1 . GLU A 1 107 ? 3.654   -3.434  -11.263 1.00 25.65 ? 163  GLU A OE1 1 
ATOM   882  O  OE2 . GLU A 1 107 ? 4.937   -4.178  -12.913 1.00 24.24 ? 163  GLU A OE2 1 
ATOM   883  N  N   . ALA A 1 108 ? 4.153   -7.807  -8.559  1.00 23.12 ? 164  ALA A N   1 
ATOM   884  C  CA  . ALA A 1 108 ? 5.399   -8.435  -8.047  1.00 23.99 ? 164  ALA A CA  1 
ATOM   885  C  C   . ALA A 1 108 ? 5.314   -9.952  -8.135  1.00 24.51 ? 164  ALA A C   1 
ATOM   886  O  O   . ALA A 1 108 ? 6.337   -10.608 -8.281  1.00 24.87 ? 164  ALA A O   1 
ATOM   887  C  CB  . ALA A 1 108 ? 5.664   -8.037  -6.602  1.00 23.25 ? 164  ALA A CB  1 
ATOM   888  N  N   . ARG A 1 109 ? 4.107   -10.499 -8.017  1.00 24.47 ? 165  ARG A N   1 
ATOM   889  C  CA  . ARG A 1 109 ? 3.881   -11.950 -8.056  1.00 24.70 ? 165  ARG A CA  1 
ATOM   890  C  C   . ARG A 1 109 ? 3.516   -12.427 -9.449  1.00 26.48 ? 165  ARG A C   1 
ATOM   891  O  O   . ARG A 1 109 ? 3.082   -13.579 -9.646  1.00 28.15 ? 165  ARG A O   1 
ATOM   892  C  CB  . ARG A 1 109 ? 2.844   -12.347 -6.985  1.00 23.38 ? 165  ARG A CB  1 
ATOM   893  C  CG  . ARG A 1 109 ? 3.267   -11.931 -5.567  1.00 21.63 ? 165  ARG A CG  1 
ATOM   894  C  CD  . ARG A 1 109 ? 2.123   -12.002 -4.648  1.00 19.71 ? 165  ARG A CD  1 
ATOM   895  N  NE  . ARG A 1 109 ? 2.508   -12.072 -3.222  1.00 19.23 ? 165  ARG A NE  1 
ATOM   896  C  CZ  . ARG A 1 109 ? 3.005   -11.061 -2.555  1.00 20.69 ? 165  ARG A CZ  1 
ATOM   897  N  NH1 . ARG A 1 109 ? 3.178   -9.883  -3.187  1.00 19.81 ? 165  ARG A NH1 1 
ATOM   898  N  NH2 . ARG A 1 109 ? 3.302   -11.191 -1.259  1.00 19.81 ? 165  ARG A NH2 1 
ATOM   899  N  N   . GLU A 1 110 ? 3.697   -11.538 -10.436 1.00 26.84 ? 166  GLU A N   1 
ATOM   900  C  CA  . GLU A 1 110 ? 3.374   -11.784 -11.845 1.00 27.49 ? 166  GLU A CA  1 
ATOM   901  C  C   . GLU A 1 110 ? 1.926   -12.102 -12.164 1.00 27.79 ? 166  GLU A C   1 
ATOM   902  O  O   . GLU A 1 110 ? 1.645   -12.707 -13.196 1.00 27.85 ? 166  GLU A O   1 
ATOM   903  C  CB  . GLU A 1 110 ? 4.304   -12.824 -12.457 1.00 28.87 ? 166  GLU A CB  1 
ATOM   904  C  CG  . GLU A 1 110 ? 5.740   -12.394 -12.375 1.00 32.93 ? 166  GLU A CG  1 
ATOM   905  C  CD  . GLU A 1 110 ? 6.699   -13.331 -13.109 1.00 40.30 ? 166  GLU A CD  1 
ATOM   906  O  OE1 . GLU A 1 110 ? 6.247   -14.254 -13.819 1.00 43.99 ? 166  GLU A OE1 1 
ATOM   907  O  OE2 . GLU A 1 110 ? 7.913   -13.134 -12.962 1.00 42.38 ? 166  GLU A OE2 1 
ATOM   908  N  N   . ASN A 1 111 ? 1.001   -11.699 -11.289 1.00 27.44 ? 167  ASN A N   1 
ATOM   909  C  CA  . ASN A 1 111 ? -0.408  -11.841 -11.610 1.00 27.68 ? 167  ASN A CA  1 
ATOM   910  C  C   . ASN A 1 111 ? -0.926  -10.514 -12.210 1.00 27.14 ? 167  ASN A C   1 
ATOM   911  O  O   . ASN A 1 111 ? -1.533  -9.694  -11.524 1.00 26.97 ? 167  ASN A O   1 
ATOM   912  C  CB  . ASN A 1 111 ? -1.240  -12.188 -10.399 1.00 28.24 ? 167  ASN A CB  1 
ATOM   913  C  CG  . ASN A 1 111 ? -2.561  -12.840 -10.786 1.00 32.69 ? 167  ASN A CG  1 
ATOM   914  O  OD1 . ASN A 1 111 ? -3.168  -12.562 -11.855 1.00 33.52 ? 167  ASN A OD1 1 
ATOM   915  N  ND2 . ASN A 1 111 ? -3.009  -13.741 -9.938  1.00 35.70 ? 167  ASN A ND2 1 
ATOM   916  N  N   . PHE A 1 112 ? -0.612  -10.330 -13.472 1.00 27.66 ? 168  PHE A N   1 
ATOM   917  C  CA  . PHE A 1 112 ? -0.843  -9.075  -14.170 1.00 27.44 ? 168  PHE A CA  1 
ATOM   918  C  C   . PHE A 1 112 ? -2.287  -8.792  -14.402 1.00 27.89 ? 168  PHE A C   1 
ATOM   919  O  O   . PHE A 1 112 ? -2.678  -7.642  -14.362 1.00 27.77 ? 168  PHE A O   1 
ATOM   920  C  CB  . PHE A 1 112 ? -0.062  -9.049  -15.463 1.00 26.36 ? 168  PHE A CB  1 
ATOM   921  C  CG  . PHE A 1 112 ? 1.419   -9.213  -15.253 1.00 27.12 ? 168  PHE A CG  1 
ATOM   922  C  CD1 . PHE A 1 112 ? 2.053   -8.575  -14.185 1.00 23.79 ? 168  PHE A CD1 1 
ATOM   923  C  CD2 . PHE A 1 112 ? 2.177   -10.016 -16.111 1.00 29.26 ? 168  PHE A CD2 1 
ATOM   924  C  CE1 . PHE A 1 112 ? 3.414   -8.709  -13.970 1.00 24.04 ? 168  PHE A CE1 1 
ATOM   925  C  CE2 . PHE A 1 112 ? 3.541   -10.177 -15.898 1.00 26.83 ? 168  PHE A CE2 1 
ATOM   926  C  CZ  . PHE A 1 112 ? 4.162   -9.526  -14.843 1.00 26.91 ? 168  PHE A CZ  1 
ATOM   927  N  N   . ARG A 1 113 ? -3.095  -9.832  -14.541 1.00 28.20 ? 169  ARG A N   1 
ATOM   928  C  CA  . ARG A 1 113 ? -4.511  -9.626  -14.802 1.00 28.90 ? 169  ARG A CA  1 
ATOM   929  C  C   . ARG A 1 113 ? -5.248  -9.197  -13.552 1.00 27.95 ? 169  ARG A C   1 
ATOM   930  O  O   . ARG A 1 113 ? -6.134  -8.356  -13.633 1.00 26.30 ? 169  ARG A O   1 
ATOM   931  C  CB  . ARG A 1 113 ? -5.145  -10.809 -15.564 1.00 30.65 ? 169  ARG A CB  1 
ATOM   932  C  CG  . ARG A 1 113 ? -4.151  -11.415 -16.556 1.00 35.74 ? 169  ARG A CG  1 
ATOM   933  C  CD  . ARG A 1 113 ? -4.630  -11.452 -18.017 1.00 45.30 ? 169  ARG A CD  1 
ATOM   934  N  NE  . ARG A 1 113 ? -6.042  -11.807 -18.078 1.00 52.16 ? 169  ARG A NE  1 
ATOM   935  C  CZ  . ARG A 1 113 ? -6.519  -13.050 -18.127 1.00 54.77 ? 169  ARG A CZ  1 
ATOM   936  N  NH1 . ARG A 1 113 ? -5.690  -14.094 -18.152 1.00 53.80 ? 169  ARG A NH1 1 
ATOM   937  N  NH2 . ARG A 1 113 ? -7.841  -13.239 -18.170 1.00 56.65 ? 169  ARG A NH2 1 
ATOM   938  N  N   . LYS A 1 114 ? -4.815  -9.698  -12.386 1.00 26.11 ? 170  LYS A N   1 
ATOM   939  C  CA  . LYS A 1 114 ? -5.317  -9.190  -11.104 1.00 26.42 ? 170  LYS A CA  1 
ATOM   940  C  C   . LYS A 1 114 ? -4.880  -7.753  -10.791 1.00 23.88 ? 170  LYS A C   1 
ATOM   941  O  O   . LYS A 1 114 ? -5.689  -6.946  -10.309 1.00 24.78 ? 170  LYS A O   1 
ATOM   942  C  CB  . LYS A 1 114 ? -4.999  -10.178 -9.943  1.00 26.45 ? 170  LYS A CB  1 
ATOM   943  C  CG  . LYS A 1 114 ? -5.865  -11.440 -10.087 1.00 29.11 ? 170  LYS A CG  1 
ATOM   944  C  CD  . LYS A 1 114 ? -5.718  -12.423 -8.925  1.00 28.77 ? 170  LYS A CD  1 
ATOM   945  C  CE  . LYS A 1 114 ? -6.771  -13.562 -8.978  1.00 32.05 ? 170  LYS A CE  1 
ATOM   946  N  NZ  . LYS A 1 114 ? -6.806  -14.278 -7.626  1.00 35.65 ? 170  LYS A NZ  1 
ATOM   947  N  N   . ALA A 1 115 ? -3.628  -7.429  -11.091 1.00 22.03 ? 171  ALA A N   1 
ATOM   948  C  CA  . ALA A 1 115 ? -3.099  -6.094  -10.844 1.00 22.26 ? 171  ALA A CA  1 
ATOM   949  C  C   . ALA A 1 115 ? -3.916  -5.113  -11.714 1.00 21.81 ? 171  ALA A C   1 
ATOM   950  O  O   . ALA A 1 115 ? -4.344  -4.031  -11.250 1.00 20.60 ? 171  ALA A O   1 
ATOM   951  C  CB  . ALA A 1 115 ? -1.653  -6.038  -11.235 1.00 21.97 ? 171  ALA A CB  1 
ATOM   952  N  N   . ASP A 1 116 ? -4.137  -5.517  -12.950 1.00 21.96 ? 172  ASP A N   1 
ATOM   953  C  CA  . ASP A 1 116 ? -4.883  -4.659  -13.875 1.00 24.47 ? 172  ASP A CA  1 
ATOM   954  C  C   . ASP A 1 116 ? -6.299  -4.409  -13.403 1.00 24.14 ? 172  ASP A C   1 
ATOM   955  O  O   . ASP A 1 116 ? -6.772  -3.263  -13.473 1.00 23.91 ? 172  ASP A O   1 
ATOM   956  C  CB  . ASP A 1 116 ? -4.914  -5.219  -15.293 1.00 25.27 ? 172  ASP A CB  1 
ATOM   957  C  CG  . ASP A 1 116 ? -5.450  -4.208  -16.299 1.00 30.19 ? 172  ASP A CG  1 
ATOM   958  O  OD1 . ASP A 1 116 ? -4.727  -3.236  -16.626 1.00 31.96 ? 172  ASP A OD1 1 
ATOM   959  O  OD2 . ASP A 1 116 ? -6.596  -4.382  -16.759 1.00 36.97 ? 172  ASP A OD2 1 
ATOM   960  N  N   . ALA A 1 117 ? -6.983  -5.467  -12.953 1.00 24.17 ? 173  ALA A N   1 
ATOM   961  C  CA  . ALA A 1 117 ? -8.315  -5.365  -12.370 1.00 23.82 ? 173  ALA A CA  1 
ATOM   962  C  C   . ALA A 1 117 ? -8.373  -4.429  -11.177 1.00 24.58 ? 173  ALA A C   1 
ATOM   963  O  O   . ALA A 1 117 ? -9.375  -3.727  -10.969 1.00 24.73 ? 173  ALA A O   1 
ATOM   964  C  CB  . ALA A 1 117 ? -8.838  -6.764  -11.963 1.00 25.88 ? 173  ALA A CB  1 
ATOM   965  N  N   . ILE A 1 118 ? -7.318  -4.419  -10.380 1.00 22.28 ? 174  ILE A N   1 
ATOM   966  C  CA  . ILE A 1 118 ? -7.238  -3.527  -9.240  1.00 22.25 ? 174  ILE A CA  1 
ATOM   967  C  C   . ILE A 1 118 ? -7.115  -2.065  -9.677  1.00 20.91 ? 174  ILE A C   1 
ATOM   968  O  O   . ILE A 1 118 ? -7.797  -1.191  -9.116  1.00 20.68 ? 174  ILE A O   1 
ATOM   969  C  CB  . ILE A 1 118 ? -6.098  -3.944  -8.262  1.00 21.67 ? 174  ILE A CB  1 
ATOM   970  C  CG1 . ILE A 1 118 ? -6.527  -5.227  -7.517  1.00 23.97 ? 174  ILE A CG1 1 
ATOM   971  C  CG2 . ILE A 1 118 ? -5.751  -2.821  -7.297  1.00 21.04 ? 174  ILE A CG2 1 
ATOM   972  C  CD1 . ILE A 1 118 ? -5.318  -6.030  -6.936  1.00 22.21 ? 174  ILE A CD1 1 
ATOM   973  N  N   . PHE A 1 119 ? -6.252  -1.805  -10.656 1.00 21.49 ? 175  PHE A N   1 
ATOM   974  C  CA  . PHE A 1 119 ? -6.166  -0.465  -11.222 1.00 21.98 ? 175  PHE A CA  1 
ATOM   975  C  C   . PHE A 1 119 ? -7.525  -0.034  -11.750 1.00 22.93 ? 175  PHE A C   1 
ATOM   976  O  O   . PHE A 1 119 ? -7.987  1.060   -11.456 1.00 22.94 ? 175  PHE A O   1 
ATOM   977  C  CB  . PHE A 1 119 ? -5.168  -0.442  -12.366 1.00 21.05 ? 175  PHE A CB  1 
ATOM   978  C  CG  . PHE A 1 119 ? -3.761  -0.243  -11.904 1.00 22.45 ? 175  PHE A CG  1 
ATOM   979  C  CD1 . PHE A 1 119 ? -3.399  0.929   -11.227 1.00 22.91 ? 175  PHE A CD1 1 
ATOM   980  C  CD2 . PHE A 1 119 ? -2.802  -1.229  -12.121 1.00 23.19 ? 175  PHE A CD2 1 
ATOM   981  C  CE1 . PHE A 1 119 ? -2.097  1.134   -10.815 1.00 21.70 ? 175  PHE A CE1 1 
ATOM   982  C  CE2 . PHE A 1 119 ? -1.484  -1.040  -11.682 1.00 23.54 ? 175  PHE A CE2 1 
ATOM   983  C  CZ  . PHE A 1 119 ? -1.134  0.120   -11.030 1.00 22.31 ? 175  PHE A CZ  1 
ATOM   984  N  N   . GLN A 1 120 ? -8.145  -0.897  -12.526 1.00 23.96 ? 176  GLN A N   1 
ATOM   985  C  CA  . GLN A 1 120 ? -9.391  -0.539  -13.212 1.00 26.95 ? 176  GLN A CA  1 
ATOM   986  C  C   . GLN A 1 120 ? -10.533 -0.262  -12.217 1.00 27.08 ? 176  GLN A C   1 
ATOM   987  O  O   . GLN A 1 120 ? -11.351 0.655   -12.404 1.00 27.75 ? 176  GLN A O   1 
ATOM   988  C  CB  . GLN A 1 120 ? -9.718  -1.589  -14.285 1.00 27.47 ? 176  GLN A CB  1 
ATOM   989  C  CG  . GLN A 1 120 ? -8.571  -1.660  -15.299 1.00 33.13 ? 176  GLN A CG  1 
ATOM   990  C  CD  . GLN A 1 120 ? -8.889  -2.316  -16.631 1.00 40.83 ? 176  GLN A CD  1 
ATOM   991  O  OE1 . GLN A 1 120 ? -9.906  -2.995  -16.779 1.00 45.02 ? 176  GLN A OE1 1 
ATOM   992  N  NE2 . GLN A 1 120 ? -7.986  -2.125  -17.624 1.00 42.34 ? 176  GLN A NE2 1 
ATOM   993  N  N   . GLU A 1 121 ? -10.550 -1.000  -11.114 1.00 25.97 ? 177  GLU A N   1 
ATOM   994  C  CA  . GLU A 1 121 ? -11.531 -0.744  -10.074 1.00 26.29 ? 177  GLU A CA  1 
ATOM   995  C  C   . GLU A 1 121 ? -11.295 0.620   -9.411  1.00 25.28 ? 177  GLU A C   1 
ATOM   996  O  O   . GLU A 1 121 ? -12.238 1.375   -9.179  1.00 25.82 ? 177  GLU A O   1 
ATOM   997  C  CB  . GLU A 1 121 ? -11.525 -1.875  -9.043  1.00 26.28 ? 177  GLU A CB  1 
ATOM   998  C  CG  . GLU A 1 121 ? -12.316 -1.569  -7.761  1.00 30.73 ? 177  GLU A CG  1 
ATOM   999  C  CD  . GLU A 1 121 ? -13.838 -1.468  -7.982  1.00 36.75 ? 177  GLU A CD  1 
ATOM   1000 O  OE1 . GLU A 1 121 ? -14.345 -1.981  -9.009  1.00 38.44 ? 177  GLU A OE1 1 
ATOM   1001 O  OE2 . GLU A 1 121 ? -14.515 -0.884  -7.098  1.00 39.28 ? 177  GLU A OE2 1 
ATOM   1002 N  N   . GLY A 1 122 ? -10.031 0.931   -9.135  1.00 23.86 ? 178  GLY A N   1 
ATOM   1003 C  CA  . GLY A 1 122 ? -9.653  2.192   -8.541  1.00 23.16 ? 178  GLY A CA  1 
ATOM   1004 C  C   . GLY A 1 122 ? -10.040 3.323   -9.473  1.00 24.24 ? 178  GLY A C   1 
ATOM   1005 O  O   . GLY A 1 122 ? -10.565 4.324   -9.031  1.00 24.00 ? 178  GLY A O   1 
ATOM   1006 N  N   . ILE A 1 123 ? -9.772  3.157   -10.759 1.00 24.81 ? 179  ILE A N   1 
ATOM   1007 C  CA  . ILE A 1 123 ? -10.137 4.196   -11.742 1.00 26.76 ? 179  ILE A CA  1 
ATOM   1008 C  C   . ILE A 1 123 ? -11.683 4.414   -11.812 1.00 27.42 ? 179  ILE A C   1 
ATOM   1009 O  O   . ILE A 1 123 ? -12.160 5.568   -11.774 1.00 27.10 ? 179  ILE A O   1 
ATOM   1010 C  CB  . ILE A 1 123 ? -9.473  3.877   -13.092 1.00 26.38 ? 179  ILE A CB  1 
ATOM   1011 C  CG1 . ILE A 1 123 ? -7.934  4.095   -12.975 1.00 27.62 ? 179  ILE A CG1 1 
ATOM   1012 C  CG2 . ILE A 1 123 ? -10.143 4.654   -14.226 1.00 28.32 ? 179  ILE A CG2 1 
ATOM   1013 C  CD1 . ILE A 1 123 ? -7.149  3.505   -14.127 1.00 28.81 ? 179  ILE A CD1 1 
ATOM   1014 N  N   . GLN A 1 124 ? -12.455 3.325   -11.828 1.00 27.62 ? 180  GLN A N   1 
ATOM   1015 C  CA  . GLN A 1 124 ? -13.926 3.375   -11.911 1.00 29.72 ? 180  GLN A CA  1 
ATOM   1016 C  C   . GLN A 1 124 ? -14.510 4.048   -10.663 1.00 28.92 ? 180  GLN A C   1 
ATOM   1017 O  O   . GLN A 1 124 ? -15.542 4.768   -10.716 1.00 28.93 ? 180  GLN A O   1 
ATOM   1018 C  CB  . GLN A 1 124 ? -14.480 1.953   -12.090 1.00 30.69 ? 180  GLN A CB  1 
ATOM   1019 C  CG  . GLN A 1 124 ? -15.909 1.871   -12.593 1.00 37.64 ? 180  GLN A CG  1 
ATOM   1020 C  CD  . GLN A 1 124 ? -16.575 0.574   -12.176 1.00 44.51 ? 180  GLN A CD  1 
ATOM   1021 O  OE1 . GLN A 1 124 ? -16.714 0.283   -10.974 1.00 48.19 ? 180  GLN A OE1 1 
ATOM   1022 N  NE2 . GLN A 1 124 ? -16.980 -0.229  -13.165 1.00 45.25 ? 180  GLN A NE2 1 
ATOM   1023 N  N   . GLN A 1 125 ? -13.825 3.865   -9.542  1.00 26.80 ? 181  GLN A N   1 
ATOM   1024 C  CA  . GLN A 1 125 ? -14.158 4.538   -8.287  1.00 26.67 ? 181  GLN A CA  1 
ATOM   1025 C  C   . GLN A 1 125 ? -13.695 5.989   -8.237  1.00 24.67 ? 181  GLN A C   1 
ATOM   1026 O  O   . GLN A 1 125 ? -14.080 6.735   -7.325  1.00 24.76 ? 181  GLN A O   1 
ATOM   1027 C  CB  . GLN A 1 125 ? -13.563 3.784   -7.079  1.00 27.12 ? 181  GLN A CB  1 
ATOM   1028 C  CG  . GLN A 1 125 ? -14.222 2.438   -6.813  1.00 31.27 ? 181  GLN A CG  1 
ATOM   1029 C  CD  . GLN A 1 125 ? -15.701 2.558   -6.520  1.00 37.24 ? 181  GLN A CD  1 
ATOM   1030 O  OE1 . GLN A 1 125 ? -16.101 3.238   -5.560  1.00 39.27 ? 181  GLN A OE1 1 
ATOM   1031 N  NE2 . GLN A 1 125 ? -16.524 1.916   -7.351  1.00 37.78 ? 181  GLN A NE2 1 
ATOM   1032 N  N   . LYS A 1 126 ? -12.834 6.351   -9.195  1.00 25.49 ? 182  LYS A N   1 
ATOM   1033 C  CA  . LYS A 1 126 ? -12.164 7.643   -9.317  1.00 24.46 ? 182  LYS A CA  1 
ATOM   1034 C  C   . LYS A 1 126 ? -11.439 7.998   -8.051  1.00 25.13 ? 182  LYS A C   1 
ATOM   1035 O  O   . LYS A 1 126 ? -11.487 9.128   -7.586  1.00 24.26 ? 182  LYS A O   1 
ATOM   1036 C  CB  . LYS A 1 126 ? -13.184 8.734   -9.724  1.00 26.97 ? 182  LYS A CB  1 
ATOM   1037 C  CG  . LYS A 1 126 ? -13.737 8.474   -11.120 1.00 26.92 ? 182  LYS A CG  1 
ATOM   1038 C  CD  . LYS A 1 126 ? -14.695 9.524   -11.526 1.00 31.92 ? 182  LYS A CD  1 
ATOM   1039 C  CE  . LYS A 1 126 ? -13.966 10.815  -11.908 1.00 32.28 ? 182  LYS A CE  1 
ATOM   1040 N  NZ  . LYS A 1 126 ? -14.940 11.737  -12.613 1.00 31.82 ? 182  LYS A NZ  1 
ATOM   1041 N  N   . ALA A 1 127 ? -10.741 7.004   -7.490  1.00 24.90 ? 183  ALA A N   1 
ATOM   1042 C  CA  . ALA A 1 127 ? -9.923  7.179   -6.293  1.00 24.96 ? 183  ALA A CA  1 
ATOM   1043 C  C   . ALA A 1 127 ? -8.858  8.281   -6.483  1.00 24.60 ? 183  ALA A C   1 
ATOM   1044 O  O   . ALA A 1 127 ? -8.294  8.428   -7.556  1.00 24.93 ? 183  ALA A O   1 
ATOM   1045 C  CB  . ALA A 1 127 ? -9.297  5.830   -5.914  1.00 24.79 ? 183  ALA A CB  1 
ATOM   1046 N  N   . GLU A 1 128 ? -8.636  9.069   -5.437  1.00 24.92 ? 184  GLU A N   1 
ATOM   1047 C  CA  . GLU A 1 128 ? -7.899  10.325  -5.513  1.00 25.88 ? 184  GLU A CA  1 
ATOM   1048 C  C   . GLU A 1 128 ? -6.453  10.131  -5.138  1.00 24.75 ? 184  GLU A C   1 
ATOM   1049 O  O   . GLU A 1 128 ? -6.200  9.443   -4.142  1.00 23.61 ? 184  GLU A O   1 
ATOM   1050 C  CB  . GLU A 1 128 ? -8.590  11.461  -4.741  1.00 28.03 ? 184  GLU A CB  1 
ATOM   1051 C  CG  . GLU A 1 128 ? -10.015 11.785  -5.288  1.00 33.26 ? 184  GLU A CG  1 
ATOM   1052 C  CD  . GLU A 1 128 ? -10.069 12.278  -6.737  1.00 41.92 ? 184  GLU A CD  1 
ATOM   1053 O  OE1 . GLU A 1 128 ? -9.003  12.584  -7.350  1.00 44.72 ? 184  GLU A OE1 1 
ATOM   1054 O  OE2 . GLU A 1 128 ? -11.214 12.379  -7.284  1.00 46.66 ? 184  GLU A OE2 1 
ATOM   1055 N  N   . PRO A 1 129 ? -5.611  11.055  -5.617  1.00 25.28 ? 185  PRO A N   1 
ATOM   1056 C  CA  . PRO A 1 129 ? -5.491  11.619  -6.989  1.00 24.01 ? 185  PRO A CA  1 
ATOM   1057 C  C   . PRO A 1 129 ? -5.631  10.732  -8.206  1.00 22.75 ? 185  PRO A C   1 
ATOM   1058 O  O   . PRO A 1 129 ? -4.825  9.821   -8.441  1.00 22.16 ? 185  PRO A O   1 
ATOM   1059 C  CB  . PRO A 1 129 ? -4.219  12.463  -6.953  1.00 24.85 ? 185  PRO A CB  1 
ATOM   1060 C  CG  . PRO A 1 129 ? -3.455  11.960  -5.774  1.00 25.52 ? 185  PRO A CG  1 
ATOM   1061 C  CD  . PRO A 1 129 ? -4.377  11.240  -4.842  1.00 25.50 ? 185  PRO A CD  1 
ATOM   1062 N  N   . LEU A 1 130 ? -6.665  11.006  -9.005  1.00 22.02 ? 186  LEU A N   1 
ATOM   1063 C  CA  . LEU A 1 130 ? -6.952  10.141  -10.119 1.00 20.79 ? 186  LEU A CA  1 
ATOM   1064 C  C   . LEU A 1 130 ? -5.794  10.136  -11.138 1.00 21.95 ? 186  LEU A C   1 
ATOM   1065 O  O   . LEU A 1 130 ? -5.505  9.102   -11.778 1.00 21.83 ? 186  LEU A O   1 
ATOM   1066 C  CB  . LEU A 1 130 ? -8.266  10.550  -10.789 1.00 21.89 ? 186  LEU A CB  1 
ATOM   1067 C  CG  . LEU A 1 130 ? -8.736  9.780   -12.034 1.00 18.90 ? 186  LEU A CG  1 
ATOM   1068 C  CD1 . LEU A 1 130 ? -8.801  8.238   -11.875 1.00 22.56 ? 186  LEU A CD1 1 
ATOM   1069 C  CD2 . LEU A 1 130 ? -10.090 10.360  -12.471 1.00 19.64 ? 186  LEU A CD2 1 
ATOM   1070 N  N   . GLU A 1 131 ? -5.152  11.293  -11.338 1.00 22.83 ? 187  GLU A N   1 
ATOM   1071 C  CA  . GLU A 1 131 ? -4.111  11.343  -12.365 1.00 22.08 ? 187  GLU A CA  1 
ATOM   1072 C  C   . GLU A 1 131 ? -2.898  10.498  -11.967 1.00 21.87 ? 187  GLU A C   1 
ATOM   1073 O  O   . GLU A 1 131 ? -2.277  9.890   -12.805 1.00 21.44 ? 187  GLU A O   1 
ATOM   1074 C  CB  . GLU A 1 131 ? -3.734  12.767  -12.724 1.00 23.35 ? 187  GLU A CB  1 
ATOM   1075 C  CG  . GLU A 1 131 ? -4.933  13.565  -13.364 1.00 23.76 ? 187  GLU A CG  1 
ATOM   1076 C  CD  . GLU A 1 131 ? -5.528  12.945  -14.605 1.00 28.03 ? 187  GLU A CD  1 
ATOM   1077 O  OE1 . GLU A 1 131 ? -4.872  12.148  -15.328 1.00 29.91 ? 187  GLU A OE1 1 
ATOM   1078 O  OE2 . GLU A 1 131 ? -6.696  13.240  -14.939 1.00 30.89 ? 187  GLU A OE2 1 
ATOM   1079 N  N   . ARG A 1 132 ? -2.591  10.448  -10.687 1.00 23.30 ? 188  ARG A N   1 
ATOM   1080 C  CA  . ARG A 1 132 ? -1.535  9.521   -10.196 1.00 23.21 ? 188  ARG A CA  1 
ATOM   1081 C  C   . ARG A 1 132 ? -1.943  8.049   -10.501 1.00 22.10 ? 188  ARG A C   1 
ATOM   1082 O  O   . ARG A 1 132 ? -1.146  7.260   -10.985 1.00 23.08 ? 188  ARG A O   1 
ATOM   1083 C  CB  . ARG A 1 132 ? -1.259  9.748   -8.712  1.00 23.90 ? 188  ARG A CB  1 
ATOM   1084 C  CG  . ARG A 1 132 ? -0.117  8.863   -8.181  1.00 25.36 ? 188  ARG A CG  1 
ATOM   1085 C  CD  . ARG A 1 132 ? 0.288   9.170   -6.763  1.00 27.20 ? 188  ARG A CD  1 
ATOM   1086 N  NE  . ARG A 1 132 ? 0.950   7.965   -6.278  1.00 36.69 ? 188  ARG A NE  1 
ATOM   1087 C  CZ  . ARG A 1 132 ? 2.175   7.565   -6.641  1.00 39.43 ? 188  ARG A CZ  1 
ATOM   1088 N  NH1 . ARG A 1 132 ? 2.921   8.311   -7.459  1.00 36.85 ? 188  ARG A NH1 1 
ATOM   1089 N  NH2 . ARG A 1 132 ? 2.659   6.406   -6.164  1.00 40.33 ? 188  ARG A NH2 1 
ATOM   1090 N  N   . LEU A 1 133 ? -3.178  7.685   -10.220 1.00 22.00 ? 189  LEU A N   1 
ATOM   1091 C  CA  . LEU A 1 133 ? -3.681  6.332   -10.494 1.00 20.96 ? 189  LEU A CA  1 
ATOM   1092 C  C   . LEU A 1 133 ? -3.603  6.006   -11.971 1.00 21.63 ? 189  LEU A C   1 
ATOM   1093 O  O   . LEU A 1 133 ? -3.166  4.925   -12.344 1.00 19.23 ? 189  LEU A O   1 
ATOM   1094 C  CB  . LEU A 1 133 ? -5.122  6.180   -9.999  1.00 21.60 ? 189  LEU A CB  1 
ATOM   1095 C  CG  . LEU A 1 133 ? -5.821  4.839   -9.824  1.00 22.91 ? 189  LEU A CG  1 
ATOM   1096 C  CD1 . LEU A 1 133 ? -4.880  3.767   -9.182  1.00 21.99 ? 189  LEU A CD1 1 
ATOM   1097 C  CD2 . LEU A 1 133 ? -7.117  4.972   -9.024  1.00 22.69 ? 189  LEU A CD2 1 
ATOM   1098 N  N   . GLN A 1 134 ? -3.993  6.950   -12.834 1.00 20.60 ? 190  GLN A N   1 
ATOM   1099 C  CA  . GLN A 1 134 ? -3.974  6.678   -14.286 1.00 19.97 ? 190  GLN A CA  1 
ATOM   1100 C  C   . GLN A 1 134 ? -2.534  6.571   -14.774 1.00 20.00 ? 190  GLN A C   1 
ATOM   1101 O  O   . GLN A 1 134 ? -2.203  5.680   -15.504 1.00 18.87 ? 190  GLN A O   1 
ATOM   1102 C  CB  . GLN A 1 134 ? -4.741  7.772   -15.039 1.00 19.81 ? 190  GLN A CB  1 
ATOM   1103 C  CG  . GLN A 1 134 ? -6.239  7.599   -14.818 1.00 20.10 ? 190  GLN A CG  1 
ATOM   1104 C  CD  . GLN A 1 134 ? -7.019  8.644   -15.558 1.00 20.65 ? 190  GLN A CD  1 
ATOM   1105 O  OE1 . GLN A 1 134 ? -6.613  9.825   -15.575 1.00 20.14 ? 190  GLN A OE1 1 
ATOM   1106 N  NE2 . GLN A 1 134 ? -8.085  8.234   -16.203 1.00 21.64 ? 190  GLN A NE2 1 
ATOM   1107 N  N   . SER A 1 135 ? -1.668  7.450   -14.292 1.00 20.45 ? 191  SER A N   1 
ATOM   1108 C  CA  . SER A 1 135 ? -0.284  7.424   -14.699 1.00 22.07 ? 191  SER A CA  1 
ATOM   1109 C  C   . SER A 1 135 ? 0.362   6.080   -14.336 1.00 21.68 ? 191  SER A C   1 
ATOM   1110 O  O   . SER A 1 135 ? 1.098   5.505   -15.138 1.00 21.50 ? 191  SER A O   1 
ATOM   1111 C  CB  . SER A 1 135 ? 0.469   8.552   -14.036 1.00 21.48 ? 191  SER A CB  1 
ATOM   1112 O  OG  . SER A 1 135 ? 1.760   8.616   -14.590 1.00 30.80 ? 191  SER A OG  1 
ATOM   1113 N  N   . GLN A 1 136 ? 0.113   5.638   -13.108 1.00 21.65 ? 192  GLN A N   1 
ATOM   1114 C  CA  . GLN A 1 136 ? 0.705   4.396   -12.599 1.00 21.90 ? 192  GLN A CA  1 
ATOM   1115 C  C   . GLN A 1 136 ? 0.138   3.186   -13.360 1.00 21.80 ? 192  GLN A C   1 
ATOM   1116 O  O   . GLN A 1 136 ? 0.874   2.212   -13.689 1.00 21.45 ? 192  GLN A O   1 
ATOM   1117 C  CB  . GLN A 1 136 ? 0.502   4.304   -11.080 1.00 20.99 ? 192  GLN A CB  1 
ATOM   1118 C  CG  . GLN A 1 136 ? 1.328   5.270   -10.265 1.00 23.93 ? 192  GLN A CG  1 
ATOM   1119 C  CD  . GLN A 1 136 ? 2.780   4.966   -10.407 1.00 28.68 ? 192  GLN A CD  1 
ATOM   1120 O  OE1 . GLN A 1 136 ? 3.161   3.799   -10.401 1.00 29.76 ? 192  GLN A OE1 1 
ATOM   1121 N  NE2 . GLN A 1 136 ? 3.584   5.988   -10.607 1.00 29.88 ? 192  GLN A NE2 1 
ATOM   1122 N  N   . HIS A 1 137 ? -1.161  3.251   -13.673 1.00 20.39 ? 193  HIS A N   1 
ATOM   1123 C  CA  . HIS A 1 137 ? -1.790  2.242   -14.471 1.00 20.27 ? 193  HIS A CA  1 
ATOM   1124 C  C   . HIS A 1 137 ? -1.123  2.128   -15.840 1.00 20.59 ? 193  HIS A C   1 
ATOM   1125 O  O   . HIS A 1 137 ? -0.793  1.024   -16.304 1.00 20.60 ? 193  HIS A O   1 
ATOM   1126 C  CB  . HIS A 1 137 ? -3.293  2.504   -14.633 1.00 21.26 ? 193  HIS A CB  1 
ATOM   1127 C  CG  . HIS A 1 137 ? -4.018  1.396   -15.328 1.00 21.91 ? 193  HIS A CG  1 
ATOM   1128 N  ND1 . HIS A 1 137 ? -5.074  1.626   -16.186 1.00 22.60 ? 193  HIS A ND1 1 
ATOM   1129 C  CD2 . HIS A 1 137 ? -3.833  0.049   -15.312 1.00 22.18 ? 193  HIS A CD2 1 
ATOM   1130 C  CE1 . HIS A 1 137 ? -5.545  0.468   -16.625 1.00 24.08 ? 193  HIS A CE1 1 
ATOM   1131 N  NE2 . HIS A 1 137 ? -4.789  -0.503  -16.138 1.00 22.80 ? 193  HIS A NE2 1 
ATOM   1132 N  N   . ARG A 1 138 ? -0.876  3.261   -16.487 1.00 19.29 ? 194  ARG A N   1 
ATOM   1133 C  CA  . ARG A 1 138 ? -0.226  3.205   -17.801 1.00 19.37 ? 194  ARG A CA  1 
ATOM   1134 C  C   . ARG A 1 138 ? 1.229   2.691   -17.665 1.00 19.12 ? 194  ARG A C   1 
ATOM   1135 O  O   . ARG A 1 138 ? 1.708   1.942   -18.516 1.00 19.90 ? 194  ARG A O   1 
ATOM   1136 C  CB  . ARG A 1 138 ? -0.194  4.610   -18.453 1.00 17.40 ? 194  ARG A CB  1 
ATOM   1137 C  CG  . ARG A 1 138 ? -1.583  5.122   -18.836 1.00 18.04 ? 194  ARG A CG  1 
ATOM   1138 C  CD  . ARG A 1 138 ? -1.511  6.435   -19.646 1.00 19.59 ? 194  ARG A CD  1 
ATOM   1139 N  NE  . ARG A 1 138 ? -0.884  7.544   -18.940 1.00 24.17 ? 194  ARG A NE  1 
ATOM   1140 C  CZ  . ARG A 1 138 ? -1.564  8.415   -18.198 1.00 22.87 ? 194  ARG A CZ  1 
ATOM   1141 N  NH1 . ARG A 1 138 ? -0.914  9.400   -17.601 1.00 25.25 ? 194  ARG A NH1 1 
ATOM   1142 N  NH2 . ARG A 1 138 ? -2.882  8.272   -18.028 1.00 26.74 ? 194  ARG A NH2 1 
ATOM   1143 N  N   . GLN A 1 139 ? 1.923   3.080   -16.607 1.00 19.16 ? 195  GLN A N   1 
ATOM   1144 C  CA  . GLN A 1 139 ? 3.295   2.612   -16.429 1.00 20.58 ? 195  GLN A CA  1 
ATOM   1145 C  C   . GLN A 1 139 ? 3.337   1.116   -16.233 1.00 21.09 ? 195  GLN A C   1 
ATOM   1146 O  O   . GLN A 1 139 ? 4.230   0.467   -16.778 1.00 21.55 ? 195  GLN A O   1 
ATOM   1147 C  CB  . GLN A 1 139 ? 3.979   3.304   -15.238 1.00 21.44 ? 195  GLN A CB  1 
ATOM   1148 C  CG  . GLN A 1 139 ? 4.369   4.747   -15.585 1.00 24.63 ? 195  GLN A CG  1 
ATOM   1149 C  CD  . GLN A 1 139 ? 4.797   5.534   -14.400 1.00 30.14 ? 195  GLN A CD  1 
ATOM   1150 O  OE1 . GLN A 1 139 ? 5.590   5.066   -13.580 1.00 35.41 ? 195  GLN A OE1 1 
ATOM   1151 N  NE2 . GLN A 1 139 ? 4.294   6.767   -14.296 1.00 36.06 ? 195  GLN A NE2 1 
ATOM   1152 N  N   . PHE A 1 140 ? 2.385   0.605   -15.464 1.00 19.87 ? 196  PHE A N   1 
ATOM   1153 C  CA  . PHE A 1 140 ? 2.196   -0.842  -15.198 1.00 20.18 ? 196  PHE A CA  1 
ATOM   1154 C  C   . PHE A 1 140 ? 1.958   -1.590  -16.503 1.00 21.06 ? 196  PHE A C   1 
ATOM   1155 O  O   . PHE A 1 140 ? 2.599   -2.601  -16.777 1.00 19.92 ? 196  PHE A O   1 
ATOM   1156 C  CB  . PHE A 1 140 ? 1.058   -1.070  -14.196 1.00 21.53 ? 196  PHE A CB  1 
ATOM   1157 C  CG  . PHE A 1 140 ? 0.432   -2.442  -14.306 1.00 22.11 ? 196  PHE A CG  1 
ATOM   1158 C  CD1 . PHE A 1 140 ? 1.118   -3.576  -13.805 1.00 22.89 ? 196  PHE A CD1 1 
ATOM   1159 C  CD2 . PHE A 1 140 ? -0.773  -2.609  -14.958 1.00 22.34 ? 196  PHE A CD2 1 
ATOM   1160 C  CE1 . PHE A 1 140 ? 0.583   -4.802  -13.938 1.00 23.11 ? 196  PHE A CE1 1 
ATOM   1161 C  CE2 . PHE A 1 140 ? -1.337  -3.876  -15.086 1.00 23.87 ? 196  PHE A CE2 1 
ATOM   1162 C  CZ  . PHE A 1 140 ? -0.646  -4.963  -14.588 1.00 24.44 ? 196  PHE A CZ  1 
ATOM   1163 N  N   . GLN A 1 141 ? 1.033   -1.091  -17.304 1.00 20.61 ? 197  GLN A N   1 
ATOM   1164 C  CA  . GLN A 1 141 ? 0.741   -1.714  -18.582 1.00 20.29 ? 197  GLN A CA  1 
ATOM   1165 C  C   . GLN A 1 141 ? 1.948   -1.760  -19.514 1.00 21.53 ? 197  GLN A C   1 
ATOM   1166 O  O   . GLN A 1 141 ? 2.167   -2.766  -20.235 1.00 19.89 ? 197  GLN A O   1 
ATOM   1167 C  CB  . GLN A 1 141 ? -0.396  -0.983  -19.287 1.00 21.07 ? 197  GLN A CB  1 
ATOM   1168 C  CG  . GLN A 1 141 ? -1.749  -1.152  -18.632 1.00 19.72 ? 197  GLN A CG  1 
ATOM   1169 C  CD  . GLN A 1 141 ? -2.772  -0.267  -19.328 1.00 23.87 ? 197  GLN A CD  1 
ATOM   1170 O  OE1 . GLN A 1 141 ? -3.301  -0.633  -20.376 1.00 28.00 ? 197  GLN A OE1 1 
ATOM   1171 N  NE2 . GLN A 1 141 ? -3.026  0.918   -18.758 1.00 23.21 ? 197  GLN A NE2 1 
ATOM   1172 N  N   . ALA A 1 142 ? 2.681   -0.655  -19.552 1.00 21.22 ? 198  ALA A N   1 
ATOM   1173 C  CA  . ALA A 1 142 ? 3.898   -0.557  -20.350 1.00 22.51 ? 198  ALA A CA  1 
ATOM   1174 C  C   . ALA A 1 142 ? 4.930   -1.582  -19.858 1.00 23.20 ? 198  ALA A C   1 
ATOM   1175 O  O   . ALA A 1 142 ? 5.484   -2.302  -20.696 1.00 24.48 ? 198  ALA A O   1 
ATOM   1176 C  CB  . ALA A 1 142 ? 4.498   0.855   -20.313 1.00 22.01 ? 198  ALA A CB  1 
ATOM   1177 N  N   . ARG A 1 143 ? 5.177   -1.651  -18.543 1.00 22.97 ? 199  ARG A N   1 
ATOM   1178 C  CA  . ARG A 1 143 ? 6.067   -2.709  -18.017 1.00 23.09 ? 199  ARG A CA  1 
ATOM   1179 C  C   . ARG A 1 143 ? 5.698   -4.118  -18.510 1.00 23.45 ? 199  ARG A C   1 
ATOM   1180 O  O   . ARG A 1 143 ? 6.579   -4.892  -18.898 1.00 23.93 ? 199  ARG A O   1 
ATOM   1181 C  CB  . ARG A 1 143 ? 6.136   -2.699  -16.504 1.00 22.80 ? 199  ARG A CB  1 
ATOM   1182 C  CG  . ARG A 1 143 ? 6.964   -1.574  -15.944 1.00 25.33 ? 199  ARG A CG  1 
ATOM   1183 C  CD  . ARG A 1 143 ? 7.123   -1.645  -14.412 1.00 23.22 ? 199  ARG A CD  1 
ATOM   1184 N  NE  . ARG A 1 143 ? 5.863   -1.739  -13.654 1.00 26.43 ? 199  ARG A NE  1 
ATOM   1185 C  CZ  . ARG A 1 143 ? 5.256   -0.699  -13.075 1.00 24.73 ? 199  ARG A CZ  1 
ATOM   1186 N  NH1 . ARG A 1 143 ? 5.721   0.548   -13.238 1.00 24.80 ? 199  ARG A NH1 1 
ATOM   1187 N  NH2 . ARG A 1 143 ? 4.155   -0.891  -12.380 1.00 26.62 ? 199  ARG A NH2 1 
ATOM   1188 N  N   . VAL A 1 144 ? 4.419   -4.460  -18.465 1.00 23.04 ? 200  VAL A N   1 
ATOM   1189 C  CA  . VAL A 1 144 ? 3.947   -5.819  -18.800 1.00 22.88 ? 200  VAL A CA  1 
ATOM   1190 C  C   . VAL A 1 144 ? 4.129   -6.046  -20.272 1.00 23.25 ? 200  VAL A C   1 
ATOM   1191 O  O   . VAL A 1 144 ? 4.592   -7.110  -20.708 1.00 21.17 ? 200  VAL A O   1 
ATOM   1192 C  CB  . VAL A 1 144 ? 2.450   -6.037  -18.417 1.00 22.55 ? 200  VAL A CB  1 
ATOM   1193 C  CG1 . VAL A 1 144 ? 1.902   -7.376  -18.943 1.00 22.77 ? 200  VAL A CG1 1 
ATOM   1194 C  CG2 . VAL A 1 144 ? 2.235   -5.949  -16.932 1.00 22.29 ? 200  VAL A CG2 1 
ATOM   1195 N  N   . SER A 1 145 ? 3.797   -5.034  -21.058 1.00 23.09 ? 201  SER A N   1 
ATOM   1196 C  CA  . SER A 1 145 ? 3.875   -5.165  -22.502 1.00 23.78 ? 201  SER A CA  1 
ATOM   1197 C  C   . SER A 1 145 ? 5.311   -5.370  -22.960 1.00 23.95 ? 201  SER A C   1 
ATOM   1198 O  O   . SER A 1 145 ? 5.576   -6.204  -23.837 1.00 22.74 ? 201  SER A O   1 
ATOM   1199 C  CB  . SER A 1 145 ? 3.251   -3.950  -23.183 1.00 24.95 ? 201  SER A CB  1 
ATOM   1200 O  OG  . SER A 1 145 ? 1.844   -4.061  -23.073 1.00 30.24 ? 201  SER A OG  1 
ATOM   1201 N  N   . ARG A 1 146 ? 6.224   -4.627  -22.330 1.00 24.02 ? 202  ARG A N   1 
ATOM   1202 C  CA  . ARG A 1 146 ? 7.649   -4.705  -22.665 1.00 26.08 ? 202  ARG A CA  1 
ATOM   1203 C  C   . ARG A 1 146 ? 8.241   -6.036  -22.255 1.00 25.36 ? 202  ARG A C   1 
ATOM   1204 O  O   . ARG A 1 146 ? 9.002   -6.616  -23.007 1.00 26.47 ? 202  ARG A O   1 
ATOM   1205 C  CB  . ARG A 1 146 ? 8.426   -3.573  -22.025 1.00 24.99 ? 202  ARG A CB  1 
ATOM   1206 C  CG  . ARG A 1 146 ? 8.203   -2.284  -22.823 1.00 28.81 ? 202  ARG A CG  1 
ATOM   1207 C  CD  . ARG A 1 146 ? 9.074   -1.138  -22.367 1.00 33.42 ? 202  ARG A CD  1 
ATOM   1208 N  NE  . ARG A 1 146 ? 8.903   -0.885  -20.943 1.00 38.87 ? 202  ARG A NE  1 
ATOM   1209 C  CZ  . ARG A 1 146 ? 8.466   0.256   -20.405 1.00 39.40 ? 202  ARG A CZ  1 
ATOM   1210 N  NH1 . ARG A 1 146 ? 8.151   1.299   -21.173 1.00 40.87 ? 202  ARG A NH1 1 
ATOM   1211 N  NH2 . ARG A 1 146 ? 8.357   0.345   -19.082 1.00 38.08 ? 202  ARG A NH2 1 
ATOM   1212 N  N   . GLN A 1 147 ? 7.904   -6.479  -21.055 1.00 25.86 ? 203  GLN A N   1 
ATOM   1213 C  CA  . GLN A 1 147 ? 8.292   -7.805  -20.567 1.00 26.64 ? 203  GLN A CA  1 
ATOM   1214 C  C   . GLN A 1 147 ? 7.787   -8.920  -21.483 1.00 25.78 ? 203  GLN A C   1 
ATOM   1215 O  O   . GLN A 1 147 ? 8.485   -9.933  -21.684 1.00 23.98 ? 203  GLN A O   1 
ATOM   1216 C  CB  . GLN A 1 147 ? 7.598   -8.053  -19.264 1.00 27.72 ? 203  GLN A CB  1 
ATOM   1217 C  CG  . GLN A 1 147 ? 8.307   -7.596  -18.028 1.00 34.09 ? 203  GLN A CG  1 
ATOM   1218 C  CD  . GLN A 1 147 ? 7.609   -8.175  -16.796 1.00 43.59 ? 203  GLN A CD  1 
ATOM   1219 O  OE1 . GLN A 1 147 ? 7.348   -7.449  -15.820 1.00 47.65 ? 203  GLN A OE1 1 
ATOM   1220 N  NE2 . GLN A 1 147 ? 7.276   -9.497  -16.848 1.00 42.68 ? 203  GLN A NE2 1 
ATOM   1221 N  N   . THR A 1 148 ? 6.552   -8.753  -21.984 1.00 24.24 ? 204  THR A N   1 
ATOM   1222 C  CA  . THR A 1 148 ? 5.974   -9.713  -22.952 1.00 22.88 ? 204  THR A CA  1 
ATOM   1223 C  C   . THR A 1 148 ? 6.718   -9.785  -24.249 1.00 22.77 ? 204  THR A C   1 
ATOM   1224 O  O   . THR A 1 148 ? 6.987   -10.883 -24.783 1.00 22.22 ? 204  THR A O   1 
ATOM   1225 C  CB  . THR A 1 148 ? 4.435   -9.486  -23.222 1.00 23.06 ? 204  THR A CB  1 
ATOM   1226 O  OG1 . THR A 1 148 ? 3.753   -9.497  -21.971 1.00 21.63 ? 204  THR A OG1 1 
ATOM   1227 C  CG2 . THR A 1 148 ? 3.875   -10.598 -24.106 1.00 22.98 ? 204  THR A CG2 1 
ATOM   1228 N  N   . LEU A 1 149 ? 7.083   -8.632  -24.789 1.00 23.04 ? 205  LEU A N   1 
ATOM   1229 C  CA  . LEU A 1 149 ? 7.759   -8.642  -26.049 1.00 24.06 ? 205  LEU A CA  1 
ATOM   1230 C  C   . LEU A 1 149 ? 9.148   -9.290  -25.918 1.00 24.98 ? 205  LEU A C   1 
ATOM   1231 O  O   . LEU A 1 149 ? 9.592   -9.998  -26.827 1.00 26.21 ? 205  LEU A O   1 
ATOM   1232 C  CB  . LEU A 1 149 ? 7.900   -7.214  -26.591 1.00 23.21 ? 205  LEU A CB  1 
ATOM   1233 C  CG  . LEU A 1 149 ? 6.592   -6.680  -27.162 1.00 22.88 ? 205  LEU A CG  1 
ATOM   1234 C  CD1 . LEU A 1 149 ? 6.748   -5.188  -27.354 1.00 24.05 ? 205  LEU A CD1 1 
ATOM   1235 C  CD2 . LEU A 1 149 ? 6.289   -7.367  -28.488 1.00 23.03 ? 205  LEU A CD2 1 
ATOM   1236 N  N   . LEU A 1 150 ? 9.822   -9.035  -24.814 1.00 24.84 ? 206  LEU A N   1 
ATOM   1237 C  CA  . LEU A 1 150 ? 11.128  -9.658  -24.583 1.00 26.33 ? 206  LEU A CA  1 
ATOM   1238 C  C   . LEU A 1 150 ? 10.999  -11.166 -24.351 1.00 25.84 ? 206  LEU A C   1 
ATOM   1239 O  O   . LEU A 1 150 ? 11.827  -11.923 -24.848 1.00 26.99 ? 206  LEU A O   1 
ATOM   1240 C  CB  . LEU A 1 150 ? 11.845  -9.000  -23.407 1.00 25.60 ? 206  LEU A CB  1 
ATOM   1241 C  CG  . LEU A 1 150 ? 12.401  -7.574  -23.712 1.00 28.89 ? 206  LEU A CG  1 
ATOM   1242 C  CD1 . LEU A 1 150 ? 13.084  -6.930  -22.500 1.00 32.19 ? 206  LEU A CD1 1 
ATOM   1243 C  CD2 . LEU A 1 150 ? 13.339  -7.500  -24.949 1.00 31.03 ? 206  LEU A CD2 1 
ATOM   1244 N  N   . ALA A 1 151 ? 9.997   -11.581 -23.581 1.00 24.67 ? 207  ALA A N   1 
ATOM   1245 C  CA  . ALA A 1 151 ? 9.701   -13.005 -23.363 1.00 24.81 ? 207  ALA A CA  1 
ATOM   1246 C  C   . ALA A 1 151 ? 9.415   -13.752 -24.671 1.00 25.14 ? 207  ALA A C   1 
ATOM   1247 O  O   . ALA A 1 151 ? 9.911   -14.868 -24.890 1.00 24.13 ? 207  ALA A O   1 
ATOM   1248 C  CB  . ALA A 1 151 ? 8.524   -13.175 -22.388 1.00 25.41 ? 207  ALA A CB  1 
ATOM   1249 N  N   . LEU A 1 152 ? 8.632   -13.121 -25.543 1.00 23.96 ? 208  LEU A N   1 
ATOM   1250 C  CA  . LEU A 1 152 ? 8.254   -13.704 -26.812 1.00 25.35 ? 208  LEU A CA  1 
ATOM   1251 C  C   . LEU A 1 152 ? 9.464   -13.880 -27.728 1.00 26.05 ? 208  LEU A C   1 
ATOM   1252 O  O   . LEU A 1 152 ? 9.520   -14.830 -28.560 1.00 26.60 ? 208  LEU A O   1 
ATOM   1253 C  CB  . LEU A 1 152 ? 7.192   -12.820 -27.506 1.00 24.80 ? 208  LEU A CB  1 
ATOM   1254 C  CG  . LEU A 1 152 ? 5.792   -12.871 -26.937 1.00 26.26 ? 208  LEU A CG  1 
ATOM   1255 C  CD1 . LEU A 1 152 ? 4.962   -11.772 -27.649 1.00 26.79 ? 208  LEU A CD1 1 
ATOM   1256 C  CD2 . LEU A 1 152 ? 5.188   -14.247 -27.164 1.00 22.62 ? 208  LEU A CD2 1 
ATOM   1257 N  N   . GLU A 1 153 ? 10.401  -12.945 -27.613 1.00 26.92 ? 209  GLU A N   1 
ATOM   1258 C  CA  . GLU A 1 153 ? 11.641  -13.007 -28.359 1.00 28.70 ? 209  GLU A CA  1 
ATOM   1259 C  C   . GLU A 1 153 ? 12.470  -14.228 -27.950 1.00 28.18 ? 209  GLU A C   1 
ATOM   1260 O  O   . GLU A 1 153 ? 13.014  -14.917 -28.835 1.00 28.59 ? 209  GLU A O   1 
ATOM   1261 C  CB  . GLU A 1 153 ? 12.452  -11.755 -28.097 1.00 30.15 ? 209  GLU A CB  1 
ATOM   1262 C  CG  . GLU A 1 153 ? 12.858  -11.029 -29.340 1.00 37.73 ? 209  GLU A CG  1 
ATOM   1263 C  CD  . GLU A 1 153 ? 13.262  -9.574  -29.042 1.00 44.34 ? 209  GLU A CD  1 
ATOM   1264 O  OE1 . GLU A 1 153 ? 12.626  -8.661  -29.635 1.00 46.55 ? 209  GLU A OE1 1 
ATOM   1265 O  OE2 . GLU A 1 153 ? 14.197  -9.366  -28.209 1.00 46.86 ? 209  GLU A OE2 1 
ATOM   1266 N  N   . LYS A 1 154 ? 12.592  -14.452 -26.643 1.00 28.43 ? 210  LYS A N   1 
ATOM   1267 C  CA  . LYS A 1 154 ? 13.269  -15.632 -26.047 1.00 29.17 ? 210  LYS A CA  1 
ATOM   1268 C  C   . LYS A 1 154 ? 12.580  -16.941 -26.465 1.00 27.72 ? 210  LYS A C   1 
ATOM   1269 O  O   . LYS A 1 154 ? 13.274  -17.873 -26.893 1.00 26.20 ? 210  LYS A O   1 
ATOM   1270 C  CB  . LYS A 1 154 ? 13.396  -15.546 -24.506 1.00 30.57 ? 210  LYS A CB  1 
ATOM   1271 C  CG  . LYS A 1 154 ? 14.352  -14.425 -24.010 1.00 32.77 ? 210  LYS A CG  1 
ATOM   1272 C  CD  . LYS A 1 154 ? 14.586  -14.396 -22.471 1.00 33.39 ? 210  LYS A CD  1 
ATOM   1273 C  CE  . LYS A 1 154 ? 15.453  -13.170 -22.031 1.00 38.23 ? 210  LYS A CE  1 
ATOM   1274 N  NZ  . LYS A 1 154 ? 14.908  -11.818 -22.557 1.00 41.69 ? 210  LYS A NZ  1 
ATOM   1275 N  N   . GLU A 1 155 ? 11.234  -17.004 -26.402 1.00 25.23 ? 211  GLU A N   1 
ATOM   1276 C  CA  . GLU A 1 155 ? 10.489  -18.152 -26.964 1.00 25.75 ? 211  GLU A CA  1 
ATOM   1277 C  C   . GLU A 1 155 ? 10.744  -18.344 -28.438 1.00 24.96 ? 211  GLU A C   1 
ATOM   1278 O  O   . GLU A 1 155 ? 10.983  -19.457 -28.874 1.00 25.81 ? 211  GLU A O   1 
ATOM   1279 C  CB  . GLU A 1 155 ? 8.953   -18.052 -26.739 1.00 24.15 ? 211  GLU A CB  1 
ATOM   1280 C  CG  . GLU A 1 155 ? 8.531   -18.043 -25.318 1.00 25.85 ? 211  GLU A CG  1 
ATOM   1281 C  CD  . GLU A 1 155 ? 7.031   -17.769 -25.088 1.00 28.08 ? 211  GLU A CD  1 
ATOM   1282 O  OE1 . GLU A 1 155 ? 6.216   -17.859 -26.025 1.00 29.42 ? 211  GLU A OE1 1 
ATOM   1283 O  OE2 . GLU A 1 155 ? 6.674   -17.468 -23.927 1.00 34.50 ? 211  GLU A OE2 1 
ATOM   1284 N  N   . GLU A 1 156 ? 10.634  -17.290 -29.234 1.00 26.40 ? 212  GLU A N   1 
ATOM   1285 C  CA  . GLU A 1 156 ? 10.786  -17.418 -30.664 1.00 27.43 ? 212  GLU A CA  1 
ATOM   1286 C  C   . GLU A 1 156 ? 12.210  -17.950 -30.960 1.00 28.73 ? 212  GLU A C   1 
ATOM   1287 O  O   . GLU A 1 156 ? 12.374  -18.863 -31.764 1.00 29.70 ? 212  GLU A O   1 
ATOM   1288 C  CB  . GLU A 1 156 ? 10.477  -16.099 -31.384 1.00 28.20 ? 212  GLU A CB  1 
ATOM   1289 C  CG  . GLU A 1 156 ? 10.440  -16.168 -32.939 1.00 28.74 ? 212  GLU A CG  1 
ATOM   1290 C  CD  . GLU A 1 156 ? 9.405   -17.146 -33.563 1.00 31.90 ? 212  GLU A CD  1 
ATOM   1291 O  OE1 . GLU A 1 156 ? 8.322   -17.403 -32.994 1.00 35.07 ? 212  GLU A OE1 1 
ATOM   1292 O  OE2 . GLU A 1 156 ? 9.665   -17.652 -34.682 1.00 35.39 ? 212  GLU A OE2 1 
ATOM   1293 N  N   . GLU A 1 157 ? 13.213  -17.390 -30.296 1.00 28.55 ? 213  GLU A N   1 
ATOM   1294 C  CA  . GLU A 1 157 ? 14.612  -17.837 -30.446 1.00 30.48 ? 213  GLU A CA  1 
ATOM   1295 C  C   . GLU A 1 157 ? 14.740  -19.372 -30.205 1.00 28.41 ? 213  GLU A C   1 
ATOM   1296 O  O   . GLU A 1 157 ? 15.265  -20.093 -31.054 1.00 29.37 ? 213  GLU A O   1 
ATOM   1297 C  CB  . GLU A 1 157 ? 15.445  -17.064 -29.427 1.00 30.39 ? 213  GLU A CB  1 
ATOM   1298 C  CG  . GLU A 1 157 ? 16.950  -17.416 -29.353 1.00 35.71 ? 213  GLU A CG  1 
ATOM   1299 C  CD  . GLU A 1 157 ? 17.699  -16.638 -28.243 1.00 36.61 ? 213  GLU A CD  1 
ATOM   1300 O  OE1 . GLU A 1 157 ? 17.515  -16.927 -27.023 1.00 43.15 ? 213  GLU A OE1 1 
ATOM   1301 O  OE2 . GLU A 1 157 ? 18.495  -15.736 -28.604 1.00 44.51 ? 213  GLU A OE2 1 
ATOM   1302 N  N   . GLU A 1 158 ? 14.292  -19.852 -29.044 1.00 27.17 ? 214  GLU A N   1 
ATOM   1303 C  CA  . GLU A 1 158 ? 14.388  -21.304 -28.718 1.00 27.03 ? 214  GLU A CA  1 
ATOM   1304 C  C   . GLU A 1 158 ? 13.598  -22.192 -29.692 1.00 27.13 ? 214  GLU A C   1 
ATOM   1305 O  O   . GLU A 1 158 ? 14.057  -23.277 -30.141 1.00 24.95 ? 214  GLU A O   1 
ATOM   1306 C  CB  . GLU A 1 158 ? 14.128  -21.616 -27.215 1.00 26.08 ? 214  GLU A CB  1 
ATOM   1307 C  CG  . GLU A 1 158 ? 12.679  -21.582 -26.660 1.00 27.92 ? 214  GLU A CG  1 
ATOM   1308 C  CD  . GLU A 1 158 ? 11.914  -22.873 -26.869 1.00 27.20 ? 214  GLU A CD  1 
ATOM   1309 O  OE1 . GLU A 1 158 ? 12.474  -23.833 -27.477 1.00 29.41 ? 214  GLU A OE1 1 
ATOM   1310 O  OE2 . GLU A 1 158 ? 10.758  -22.959 -26.383 1.00 20.11 ? 214  GLU A OE2 1 
ATOM   1311 N  N   . GLU A 1 159 ? 12.384  -21.740 -30.000 1.00 26.82 ? 215  GLU A N   1 
ATOM   1312 C  CA  . GLU A 1 159 ? 11.514  -22.467 -30.879 1.00 27.49 ? 215  GLU A CA  1 
ATOM   1313 C  C   . GLU A 1 159 ? 12.137  -22.661 -32.231 1.00 28.71 ? 215  GLU A C   1 
ATOM   1314 O  O   . GLU A 1 159 ? 12.143  -23.781 -32.763 1.00 29.63 ? 215  GLU A O   1 
ATOM   1315 C  CB  . GLU A 1 159 ? 10.150  -21.755 -30.970 1.00 26.06 ? 215  GLU A CB  1 
ATOM   1316 C  CG  . GLU A 1 159 ? 9.388   -21.836 -29.632 1.00 22.91 ? 215  GLU A CG  1 
ATOM   1317 C  CD  . GLU A 1 159 ? 8.536   -23.097 -29.494 1.00 25.00 ? 215  GLU A CD  1 
ATOM   1318 O  OE1 . GLU A 1 159 ? 7.387   -23.104 -29.927 1.00 17.95 ? 215  GLU A OE1 1 
ATOM   1319 O  OE2 . GLU A 1 159 ? 8.968   -24.129 -28.927 1.00 22.45 ? 215  GLU A OE2 1 
ATOM   1320 N  N   . VAL A 1 160 ? 12.729  -21.587 -32.742 1.00 29.31 ? 216  VAL A N   1 
ATOM   1321 C  CA  . VAL A 1 160 ? 13.401  -21.562 -34.031 1.00 31.51 ? 216  VAL A CA  1 
ATOM   1322 C  C   . VAL A 1 160 ? 14.639  -22.439 -33.967 1.00 32.12 ? 216  VAL A C   1 
ATOM   1323 O  O   . VAL A 1 160 ? 14.972  -23.070 -34.938 1.00 31.84 ? 216  VAL A O   1 
ATOM   1324 C  CB  . VAL A 1 160 ? 13.806  -20.138 -34.467 1.00 31.93 ? 216  VAL A CB  1 
ATOM   1325 C  CG1 . VAL A 1 160 ? 14.816  -20.183 -35.626 1.00 32.23 ? 216  VAL A CG1 1 
ATOM   1326 C  CG2 . VAL A 1 160 ? 12.585  -19.355 -34.890 1.00 31.00 ? 216  VAL A CG2 1 
ATOM   1327 N  N   . PHE A 1 161 ? 15.291  -22.500 -32.812 1.00 33.06 ? 217  PHE A N   1 
ATOM   1328 C  CA  . PHE A 1 161 ? 16.373  -23.460 -32.676 1.00 34.12 ? 217  PHE A CA  1 
ATOM   1329 C  C   . PHE A 1 161 ? 15.857  -24.900 -32.923 1.00 33.98 ? 217  PHE A C   1 
ATOM   1330 O  O   . PHE A 1 161 ? 16.446  -25.656 -33.737 1.00 33.39 ? 217  PHE A O   1 
ATOM   1331 C  CB  . PHE A 1 161 ? 17.083  -23.336 -31.336 1.00 34.69 ? 217  PHE A CB  1 
ATOM   1332 C  CG  . PHE A 1 161 ? 18.260  -24.259 -31.219 1.00 37.39 ? 217  PHE A CG  1 
ATOM   1333 C  CD1 . PHE A 1 161 ? 19.462  -23.961 -31.875 1.00 39.76 ? 217  PHE A CD1 1 
ATOM   1334 C  CD2 . PHE A 1 161 ? 18.154  -25.450 -30.507 1.00 37.62 ? 217  PHE A CD2 1 
ATOM   1335 C  CE1 . PHE A 1 161 ? 20.556  -24.820 -31.780 1.00 38.85 ? 217  PHE A CE1 1 
ATOM   1336 C  CE2 . PHE A 1 161 ? 19.225  -26.298 -30.413 1.00 39.93 ? 217  PHE A CE2 1 
ATOM   1337 C  CZ  . PHE A 1 161 ? 20.428  -25.980 -31.058 1.00 38.60 ? 217  PHE A CZ  1 
ATOM   1338 N  N   . GLU A 1 162 ? 14.753  -25.255 -32.248 1.00 33.70 ? 218  GLU A N   1 
ATOM   1339 C  CA  . GLU A 1 162 ? 14.142  -26.597 -32.322 1.00 32.83 ? 218  GLU A CA  1 
ATOM   1340 C  C   . GLU A 1 162 ? 13.860  -26.978 -33.771 1.00 36.14 ? 218  GLU A C   1 
ATOM   1341 O  O   . GLU A 1 162 ? 13.937  -28.153 -34.138 1.00 36.73 ? 218  GLU A O   1 
ATOM   1342 C  CB  . GLU A 1 162 ? 12.897  -26.748 -31.391 1.00 32.18 ? 218  GLU A CB  1 
ATOM   1343 C  CG  . GLU A 1 162 ? 13.181  -26.377 -29.893 1.00 28.23 ? 218  GLU A CG  1 
ATOM   1344 C  CD  . GLU A 1 162 ? 12.038  -26.252 -28.800 1.00 26.71 ? 218  GLU A CD  1 
ATOM   1345 O  OE1 . GLU A 1 162 ? 11.069  -25.340 -28.500 1.00 13.91 ? 218  GLU A OE1 1 
ATOM   1346 O  OE2 . GLU A 1 162 ? 12.330  -27.040 -27.922 1.00 18.45 ? 218  GLU A OE2 1 
ATOM   1347 N  N   . SER A 1 163 ? 13.538  -26.010 -34.621 1.00 38.92 ? 219  SER A N   1 
ATOM   1348 C  CA  . SER A 1 163 ? 13.384  -26.344 -36.027 1.00 42.49 ? 219  SER A CA  1 
ATOM   1349 C  C   . SER A 1 163 ? 14.709  -26.091 -36.832 1.00 45.05 ? 219  SER A C   1 
ATOM   1350 O  O   . SER A 1 163 ? 15.195  -24.960 -36.940 1.00 46.83 ? 219  SER A O   1 
ATOM   1351 C  CB  . SER A 1 163 ? 12.146  -25.639 -36.586 1.00 42.53 ? 219  SER A CB  1 
ATOM   1352 O  OG  . SER A 1 163 ? 12.439  -24.358 -37.102 1.00 43.37 ? 219  SER A OG  1 
ATOM   1353 N  N   . SER A 1 164 ? 15.341  -27.136 -37.351 1.00 47.20 ? 220  SER A N   1 
ATOM   1354 C  CA  . SER A 1 164 ? 16.721  -26.960 -37.843 1.00 48.79 ? 220  SER A CA  1 
ATOM   1355 C  C   . SER A 1 164 ? 17.049  -27.435 -39.275 1.00 49.59 ? 220  SER A C   1 
ATOM   1356 O  O   . SER A 1 164 ? 18.210  -27.377 -39.712 1.00 49.86 ? 220  SER A O   1 
ATOM   1357 C  CB  . SER A 1 164 ? 17.725  -27.517 -36.836 1.00 49.00 ? 220  SER A CB  1 
ATOM   1358 O  OG  . SER A 1 164 ? 18.350  -26.464 -36.105 1.00 51.64 ? 220  SER A OG  1 
HETATM 1359 PR PR  . PR  B 2 .   ? 10.404  -25.440 -27.172 1.00 23.43 ? 1221 PR  A PR  1 
HETATM 1360 PR PR  . PR  C 2 .   ? 7.087   -25.691 -29.646 1.00 20.58 ? 1222 PR  A PR  1 
HETATM 1361 C  C   . ACT D 3 .   ? 8.891   -27.808 -27.486 1.00 20.39 ? 1223 ACT A C   1 
HETATM 1362 O  O   . ACT D 3 .   ? 8.856   -26.910 -28.375 1.00 20.88 ? 1223 ACT A O   1 
HETATM 1363 O  OXT . ACT D 3 .   ? 9.660   -27.808 -26.508 1.00 23.96 ? 1223 ACT A OXT 1 
HETATM 1364 C  CH3 . ACT D 3 .   ? 7.985   -28.895 -27.726 1.00 15.58 ? 1223 ACT A CH3 1 
HETATM 1365 C  C1  . EDO E 4 .   ? -6.564  14.755  -9.288  1.00 37.03 ? 1224 EDO A C1  1 
HETATM 1366 O  O1  . EDO E 4 .   ? -5.743  13.849  -10.066 1.00 23.46 ? 1224 EDO A O1  1 
HETATM 1367 C  C2  . EDO E 4 .   ? -7.846  14.090  -8.815  1.00 36.34 ? 1224 EDO A C2  1 
HETATM 1368 O  O2  . EDO E 4 .   ? -8.858  14.338  -9.781  1.00 40.95 ? 1224 EDO A O2  1 
HETATM 1369 C  C1  . EDO F 4 .   ? 6.189   -21.688 -25.832 1.00 48.72 ? 1225 EDO A C1  1 
HETATM 1370 O  O1  . EDO F 4 .   ? 7.562   -21.298 -25.713 1.00 50.85 ? 1225 EDO A O1  1 
HETATM 1371 C  C2  . EDO F 4 .   ? 5.824   -21.564 -27.299 1.00 47.96 ? 1225 EDO A C2  1 
HETATM 1372 O  O2  . EDO F 4 .   ? 5.520   -20.190 -27.614 1.00 45.30 ? 1225 EDO A O2  1 
HETATM 1373 O  O   . HOH G 5 .   ? -2.127  16.041  -12.639 1.00 33.04 ? 2001 HOH A O   1 
HETATM 1374 O  O   . HOH G 5 .   ? 14.023  15.903  16.385  1.00 76.84 ? 2002 HOH A O   1 
HETATM 1375 O  O   . HOH G 5 .   ? -2.311  7.868   28.841  1.00 41.36 ? 2003 HOH A O   1 
HETATM 1376 O  O   . HOH G 5 .   ? -5.425  16.650  24.242  1.00 50.66 ? 2004 HOH A O   1 
HETATM 1377 O  O   . HOH G 5 .   ? -5.108  17.417  13.628  1.00 64.54 ? 2005 HOH A O   1 
HETATM 1378 O  O   . HOH G 5 .   ? -0.937  14.641  11.533  1.00 37.11 ? 2006 HOH A O   1 
HETATM 1379 O  O   . HOH G 5 .   ? -5.462  6.935   20.306  1.00 46.28 ? 2007 HOH A O   1 
HETATM 1380 O  O   . HOH G 5 .   ? 4.232   9.586   9.735   1.00 39.04 ? 2008 HOH A O   1 
HETATM 1381 O  O   . HOH G 5 .   ? -6.461  17.993  16.475  1.00 29.99 ? 2009 HOH A O   1 
HETATM 1382 O  O   . HOH G 5 .   ? 1.309   15.833  20.811  1.00 41.58 ? 2010 HOH A O   1 
HETATM 1383 O  O   . HOH G 5 .   ? 15.550  13.639  13.459  1.00 52.15 ? 2011 HOH A O   1 
HETATM 1384 O  O   . HOH G 5 .   ? -2.136  11.542  -0.114  1.00 53.86 ? 2012 HOH A O   1 
HETATM 1385 O  O   . HOH G 5 .   ? 19.189  3.641   12.057  1.00 58.95 ? 2013 HOH A O   1 
HETATM 1386 O  O   . HOH G 5 .   ? 5.301   0.220   21.655  1.00 46.06 ? 2014 HOH A O   1 
HETATM 1387 O  O   . HOH G 5 .   ? -3.305  8.909   -0.152  1.00 30.52 ? 2015 HOH A O   1 
HETATM 1388 O  O   . HOH G 5 .   ? 6.381   -4.270  22.812  1.00 51.33 ? 2016 HOH A O   1 
HETATM 1389 O  O   . HOH G 5 .   ? 4.099   9.700   5.377   1.00 49.07 ? 2017 HOH A O   1 
HETATM 1390 O  O   . HOH G 5 .   ? 20.502  -24.099 -27.553 1.00 52.92 ? 2018 HOH A O   1 
HETATM 1391 O  O   . HOH G 5 .   ? 1.482   -9.799  14.990  1.00 60.37 ? 2019 HOH A O   1 
HETATM 1392 O  O   . HOH G 5 .   ? 1.057   -5.898  18.033  1.00 46.44 ? 2020 HOH A O   1 
HETATM 1393 O  O   . HOH G 5 .   ? -1.955  1.296   22.498  1.00 40.92 ? 2021 HOH A O   1 
HETATM 1394 O  O   . HOH G 5 .   ? -17.328 0.989   1.011   1.00 45.86 ? 2022 HOH A O   1 
HETATM 1395 O  O   . HOH G 5 .   ? -15.424 0.079   -2.776  1.00 43.57 ? 2023 HOH A O   1 
HETATM 1396 O  O   . HOH G 5 .   ? -11.048 2.055   17.821  1.00 57.39 ? 2024 HOH A O   1 
HETATM 1397 O  O   . HOH G 5 .   ? -13.323 -3.044  13.716  1.00 54.05 ? 2025 HOH A O   1 
HETATM 1398 O  O   . HOH G 5 .   ? -17.119 0.504   12.465  1.00 53.87 ? 2026 HOH A O   1 
HETATM 1399 O  O   . HOH G 5 .   ? 8.106   -2.350  -10.794 1.00 46.39 ? 2027 HOH A O   1 
HETATM 1400 O  O   . HOH G 5 .   ? -15.320 -1.313  9.206   1.00 41.84 ? 2028 HOH A O   1 
HETATM 1401 O  O   . HOH G 5 .   ? 0.833   -15.222 -5.927  1.00 34.76 ? 2029 HOH A O   1 
HETATM 1402 O  O   . HOH G 5 .   ? -11.699 11.395  19.105  1.00 46.84 ? 2030 HOH A O   1 
HETATM 1403 O  O   . HOH G 5 .   ? -9.059  12.093  1.216   1.00 51.43 ? 2031 HOH A O   1 
HETATM 1404 O  O   . HOH G 5 .   ? -10.610 11.638  5.671   1.00 45.84 ? 2032 HOH A O   1 
HETATM 1405 O  O   . HOH G 5 .   ? -9.969  12.835  8.316   1.00 35.81 ? 2033 HOH A O   1 
HETATM 1406 O  O   . HOH G 5 .   ? -1.546  7.394   2.068   1.00 36.47 ? 2034 HOH A O   1 
HETATM 1407 O  O   . HOH G 5 .   ? 0.067   13.064  -10.931 1.00 40.66 ? 2035 HOH A O   1 
HETATM 1408 O  O   . HOH G 5 .   ? -1.639  12.734  -2.667  1.00 49.35 ? 2036 HOH A O   1 
HETATM 1409 O  O   . HOH G 5 .   ? 12.154  -8.318  -19.300 1.00 43.64 ? 2037 HOH A O   1 
HETATM 1410 O  O   . HOH G 5 .   ? 3.430   -1.084  1.262   1.00 38.07 ? 2038 HOH A O   1 
HETATM 1411 O  O   . HOH G 5 .   ? 7.074   -0.202  6.779   1.00 41.09 ? 2039 HOH A O   1 
HETATM 1412 O  O   . HOH G 5 .   ? 5.461   7.472   4.971   1.00 50.05 ? 2040 HOH A O   1 
HETATM 1413 O  O   . HOH G 5 .   ? 11.553  -19.073 -23.390 1.00 38.10 ? 2041 HOH A O   1 
HETATM 1414 O  O   . HOH G 5 .   ? 11.383  -14.880 -20.287 1.00 40.86 ? 2042 HOH A O   1 
HETATM 1415 O  O   . HOH G 5 .   ? 8.683   -22.874 -34.810 1.00 37.49 ? 2043 HOH A O   1 
HETATM 1416 O  O   . HOH G 5 .   ? 17.773  -23.141 -27.572 1.00 43.18 ? 2044 HOH A O   1 
HETATM 1417 O  O   . HOH G 5 .   ? 9.399   1.525   0.707   1.00 61.25 ? 2045 HOH A O   1 
HETATM 1418 O  O   . HOH G 5 .   ? 2.329   -12.975 0.632   1.00 20.55 ? 2046 HOH A O   1 
HETATM 1419 O  O   . HOH G 5 .   ? 3.565   -10.602 8.618   1.00 41.78 ? 2047 HOH A O   1 
HETATM 1420 O  O   . HOH G 5 .   ? -2.372  -10.564 6.239   1.00 26.53 ? 2048 HOH A O   1 
HETATM 1421 O  O   . HOH G 5 .   ? -2.786  -15.184 5.321   1.00 35.95 ? 2049 HOH A O   1 
HETATM 1422 O  O   . HOH G 5 .   ? -7.974  -12.540 0.608   1.00 49.97 ? 2050 HOH A O   1 
HETATM 1423 O  O   . HOH G 5 .   ? -8.295  -11.200 4.023   1.00 38.27 ? 2051 HOH A O   1 
HETATM 1424 O  O   . HOH G 5 .   ? 2.155   -3.088  0.165   1.00 31.68 ? 2052 HOH A O   1 
HETATM 1425 O  O   . HOH G 5 .   ? -15.431 -1.354  -0.081  1.00 41.64 ? 2053 HOH A O   1 
HETATM 1426 O  O   . HOH G 5 .   ? -17.215 1.324   5.498   1.00 53.35 ? 2054 HOH A O   1 
HETATM 1427 O  O   . HOH G 5 .   ? -15.031 3.984   3.019   1.00 42.09 ? 2055 HOH A O   1 
HETATM 1428 O  O   . HOH G 5 .   ? -11.376 5.847   1.385   1.00 31.62 ? 2056 HOH A O   1 
HETATM 1429 O  O   . HOH G 5 .   ? 3.545   3.552   -5.110  1.00 36.18 ? 2057 HOH A O   1 
HETATM 1430 O  O   . HOH G 5 .   ? -13.443 -0.380  -4.511  1.00 31.21 ? 2058 HOH A O   1 
HETATM 1431 O  O   . HOH G 5 .   ? 1.296   -0.428  -8.804  1.00 34.70 ? 2059 HOH A O   1 
HETATM 1432 O  O   . HOH G 5 .   ? 2.646   -2.572  -2.786  1.00 27.99 ? 2060 HOH A O   1 
HETATM 1433 O  O   . HOH G 5 .   ? 3.898   0.956   -3.362  1.00 43.56 ? 2061 HOH A O   1 
HETATM 1434 O  O   . HOH G 5 .   ? 5.702   -5.752  -3.656  1.00 47.44 ? 2062 HOH A O   1 
HETATM 1435 O  O   . HOH G 5 .   ? 5.072   -8.772  -0.487  1.00 24.75 ? 2063 HOH A O   1 
HETATM 1436 O  O   . HOH G 5 .   ? 5.606   -5.432  0.004   1.00 38.66 ? 2064 HOH A O   1 
HETATM 1437 O  O   . HOH G 5 .   ? -5.976  -9.446  -2.631  1.00 33.04 ? 2065 HOH A O   1 
HETATM 1438 O  O   . HOH G 5 .   ? 6.880   -8.555  -11.971 1.00 38.34 ? 2066 HOH A O   1 
HETATM 1439 O  O   . HOH G 5 .   ? 8.120   -4.690  -12.078 1.00 58.19 ? 2067 HOH A O   1 
HETATM 1440 O  O   . HOH G 5 .   ? 1.098   -2.880  -10.329 1.00 33.31 ? 2068 HOH A O   1 
HETATM 1441 O  O   . HOH G 5 .   ? 7.191   -13.750 -9.091  1.00 40.94 ? 2069 HOH A O   1 
HETATM 1442 O  O   . HOH G 5 .   ? 8.963   -9.650  -8.195  1.00 48.62 ? 2070 HOH A O   1 
HETATM 1443 O  O   . HOH G 5 .   ? 0.973   -15.132 -9.375  1.00 44.56 ? 2071 HOH A O   1 
HETATM 1444 O  O   . HOH G 5 .   ? 7.968   -10.137 -13.637 1.00 49.23 ? 2072 HOH A O   1 
HETATM 1445 O  O   . HOH G 5 .   ? 4.858   -13.603 -16.216 1.00 59.39 ? 2073 HOH A O   1 
HETATM 1446 O  O   . HOH G 5 .   ? -1.758  -12.676 -15.242 1.00 41.41 ? 2074 HOH A O   1 
HETATM 1447 O  O   . HOH G 5 .   ? -12.064 -4.232  -11.566 1.00 36.20 ? 2075 HOH A O   1 
HETATM 1448 O  O   . HOH G 5 .   ? -12.190 1.314   -15.034 1.00 42.58 ? 2076 HOH A O   1 
HETATM 1449 O  O   . HOH G 5 .   ? -17.214 6.257   -11.762 1.00 44.94 ? 2077 HOH A O   1 
HETATM 1450 O  O   . HOH G 5 .   ? -13.257 7.520   -4.867  1.00 43.48 ? 2078 HOH A O   1 
HETATM 1451 O  O   . HOH G 5 .   ? -6.831  14.599  -5.232  1.00 43.29 ? 2079 HOH A O   1 
HETATM 1452 O  O   . HOH G 5 .   ? -3.912  8.379   -2.781  1.00 23.55 ? 2080 HOH A O   1 
HETATM 1453 O  O   . HOH G 5 .   ? -2.351  10.848  -15.562 1.00 20.14 ? 2081 HOH A O   1 
HETATM 1454 O  O   . HOH G 5 .   ? -1.329  9.418   -3.936  1.00 36.30 ? 2082 HOH A O   1 
HETATM 1455 O  O   . HOH G 5 .   ? -1.865  13.276  -9.226  1.00 27.57 ? 2083 HOH A O   1 
HETATM 1456 O  O   . HOH G 5 .   ? -8.128  5.344   -17.123 1.00 30.84 ? 2084 HOH A O   1 
HETATM 1457 O  O   . HOH G 5 .   ? 1.306   11.046  -11.984 1.00 37.13 ? 2085 HOH A O   1 
HETATM 1458 O  O   . HOH G 5 .   ? 2.851   8.770   -11.127 1.00 44.39 ? 2086 HOH A O   1 
HETATM 1459 O  O   . HOH G 5 .   ? -5.500  4.379   -17.087 1.00 29.02 ? 2087 HOH A O   1 
HETATM 1460 O  O   . HOH G 5 .   ? 5.670   3.088   -12.110 1.00 33.84 ? 2088 HOH A O   1 
HETATM 1461 O  O   . HOH G 5 .   ? 4.473   9.404   -14.751 1.00 51.30 ? 2089 HOH A O   1 
HETATM 1462 O  O   . HOH G 5 .   ? -2.979  -3.266  -21.290 1.00 37.31 ? 2090 HOH A O   1 
HETATM 1463 O  O   . HOH G 5 .   ? -0.190  -4.512  -20.830 1.00 29.99 ? 2091 HOH A O   1 
HETATM 1464 O  O   . HOH G 5 .   ? 8.082   1.553   -15.082 1.00 36.52 ? 2092 HOH A O   1 
HETATM 1465 O  O   . HOH G 5 .   ? 9.025   -4.429  -17.898 1.00 41.99 ? 2093 HOH A O   1 
HETATM 1466 O  O   . HOH G 5 .   ? 2.596   1.227   -11.574 1.00 36.25 ? 2094 HOH A O   1 
HETATM 1467 O  O   . HOH G 5 .   ? 9.721   0.264   -16.041 1.00 44.19 ? 2095 HOH A O   1 
HETATM 1468 O  O   . HOH G 5 .   ? 7.450   1.840   -24.029 1.00 52.53 ? 2096 HOH A O   1 
HETATM 1469 O  O   . HOH G 5 .   ? 6.659   1.870   -17.432 1.00 33.35 ? 2097 HOH A O   1 
HETATM 1470 O  O   . HOH G 5 .   ? 10.571  -10.651 -20.249 1.00 31.92 ? 2098 HOH A O   1 
HETATM 1471 O  O   . HOH G 5 .   ? 6.258   -6.256  -13.964 1.00 28.34 ? 2099 HOH A O   1 
HETATM 1472 O  O   . HOH G 5 .   ? 8.665   -9.835  -29.374 1.00 46.60 ? 2100 HOH A O   1 
HETATM 1473 O  O   . HOH G 5 .   ? 10.607  -16.271 -22.811 1.00 39.06 ? 2101 HOH A O   1 
HETATM 1474 O  O   . HOH G 5 .   ? 12.580  -12.124 -20.858 1.00 44.23 ? 2102 HOH A O   1 
HETATM 1475 O  O   . HOH G 5 .   ? 14.609  -11.004 -25.064 1.00 32.53 ? 2103 HOH A O   1 
HETATM 1476 O  O   . HOH G 5 .   ? 3.473   -17.604 -25.777 1.00 29.65 ? 2104 HOH A O   1 
HETATM 1477 O  O   . HOH G 5 .   ? 8.047   -17.323 -21.915 1.00 29.56 ? 2105 HOH A O   1 
HETATM 1478 O  O   . HOH G 5 .   ? 11.276  -16.643 -36.436 1.00 39.55 ? 2106 HOH A O   1 
HETATM 1479 O  O   . HOH G 5 .   ? 8.425   -19.594 -35.091 1.00 45.92 ? 2107 HOH A O   1 
HETATM 1480 O  O   . HOH G 5 .   ? 6.401   -16.640 -34.100 1.00 45.50 ? 2108 HOH A O   1 
HETATM 1481 O  O   . HOH G 5 .   ? 17.335  -19.509 -32.577 1.00 42.08 ? 2109 HOH A O   1 
HETATM 1482 O  O   . HOH G 5 .   ? 16.550  -13.873 -28.821 1.00 57.15 ? 2110 HOH A O   1 
HETATM 1483 O  O   . HOH G 5 .   ? 15.409  -24.813 -27.830 1.00 34.08 ? 2111 HOH A O   1 
HETATM 1484 O  O   . HOH G 5 .   ? 9.971   -24.963 -33.771 1.00 31.04 ? 2112 HOH A O   1 
HETATM 1485 O  O   . HOH G 5 .   ? 14.269  -28.497 -26.992 1.00 31.90 ? 2113 HOH A O   1 
HETATM 1486 O  O   . HOH G 5 .   ? 9.034   -26.048 -30.896 1.00 22.00 ? 2114 HOH A O   1 
HETATM 1487 O  O   . HOH G 5 .   ? -3.509  15.357  -9.979  1.00 34.84 ? 2115 HOH A O   1 
HETATM 1488 O  O   . HOH G 5 .   ? -10.924 13.452  -9.826  1.00 30.45 ? 2116 HOH A O   1 
HETATM 1489 O  O   . HOH G 5 .   ? 9.813   -21.137 -25.036 1.00 29.56 ? 2117 HOH A O   1 
# 
